data_3K9D
#
_entry.id   3K9D
#
_cell.length_a   226.092
_cell.length_b   226.092
_cell.length_c   81.951
_cell.angle_alpha   90.00
_cell.angle_beta   90.00
_cell.angle_gamma   90.00
#
_symmetry.space_group_name_H-M   'I 41'
#
loop_
_entity.id
_entity.type
_entity.pdbx_description
1 polymer 'ALDEHYDE DEHYDROGENASE'
2 non-polymer 'CHLORIDE ION'
3 non-polymer GLYCEROL
4 water water
#
_entity_poly.entity_id   1
_entity_poly.type   'polypeptide(L)'
_entity_poly.pdbx_seq_one_letter_code
;MSLEDKDLRSIQEVRNLIESANKAQKELAAMSQQQIDTIVKAIADAGYGAREKLAKMAHEETGFGIWQDKVIKNVFASKH
VYNYIKDMKTIGMLKEDNEKKVMEVAVPLGVVAGLIPSTNPTSTVIYKTLISIKAGNSIVFSPHPNALKAILETVRIISE
AAEKAGCPKGAISCMTVPTIQGTDQLMKHKDTAVILATGGSAMVKAAYSSGTPAIGVGPGNGPAFIERSANIPRAVKHIL
DSKTFDNGTICASEQSVVVERVNKEAVIAEFRKQGAHFLSDAEAVQLGKFILRPNGSMNPAIVGKSVQHIANLAGLTVPA
DARVLIAEETKVGAKIPYSREKLAPILAFYTAETWQEACELSMDILYHEGAGHTLIIHSEDKEIIREFALKKPVSRLLVN
TPGALGGIGATTNLVPALTLGCGAVGGSSSSDNIGPENLFNIRRIATGVLELEDIREGHHHHHH
;
_entity_poly.pdbx_strand_id   A,B,C,D
#
# COMPACT_ATOMS: atom_id res chain seq x y z
N LEU A 3 -19.17 -18.72 1.75
CA LEU A 3 -18.42 -17.83 2.70
C LEU A 3 -18.57 -18.29 4.15
N GLU A 4 -17.44 -18.61 4.80
CA GLU A 4 -17.44 -18.91 6.24
C GLU A 4 -16.45 -18.10 7.06
N ASP A 5 -15.32 -17.71 6.47
CA ASP A 5 -14.35 -16.86 7.17
C ASP A 5 -14.96 -15.52 7.57
N LYS A 6 -14.63 -15.11 8.80
CA LYS A 6 -15.27 -14.00 9.49
C LYS A 6 -15.08 -12.68 8.77
N ASP A 7 -13.88 -12.45 8.25
CA ASP A 7 -13.55 -11.21 7.55
C ASP A 7 -14.33 -11.06 6.23
N LEU A 8 -14.47 -12.15 5.49
CA LEU A 8 -15.17 -12.17 4.21
C LEU A 8 -16.68 -12.13 4.36
N ARG A 9 -17.22 -12.82 5.38
CA ARG A 9 -18.63 -12.66 5.76
C ARG A 9 -18.95 -11.21 6.13
N SER A 10 -18.05 -10.57 6.87
CA SER A 10 -18.19 -9.18 7.29
C SER A 10 -18.14 -8.16 6.14
N ILE A 11 -17.16 -8.29 5.24
CA ILE A 11 -17.10 -7.51 3.99
C ILE A 11 -18.41 -7.66 3.19
N GLN A 12 -18.81 -8.91 2.97
CA GLN A 12 -20.07 -9.20 2.27
C GLN A 12 -21.25 -8.48 2.91
N GLU A 13 -21.32 -8.52 4.25
CA GLU A 13 -22.43 -7.92 4.98
C GLU A 13 -22.52 -6.43 4.73
N VAL A 14 -21.37 -5.77 4.83
CA VAL A 14 -21.25 -4.32 4.63
C VAL A 14 -21.70 -3.86 3.23
N ARG A 15 -21.26 -4.56 2.19
CA ARG A 15 -21.76 -4.33 0.83
C ARG A 15 -23.29 -4.53 0.70
N ASN A 16 -23.85 -5.54 1.36
CA ASN A 16 -25.32 -5.75 1.38
C ASN A 16 -26.03 -4.60 2.10
N LEU A 17 -25.52 -4.25 3.27
CA LEU A 17 -26.03 -3.14 4.08
C LEU A 17 -25.99 -1.79 3.39
N ILE A 18 -24.88 -1.48 2.71
CA ILE A 18 -24.76 -0.27 1.91
C ILE A 18 -25.76 -0.24 0.73
N GLU A 19 -25.89 -1.37 0.04
CA GLU A 19 -26.84 -1.57 -1.07
C GLU A 19 -28.30 -1.30 -0.68
N SER A 20 -28.72 -1.83 0.48
CA SER A 20 -30.06 -1.60 1.00
C SER A 20 -30.24 -0.15 1.42
N ALA A 21 -29.23 0.41 2.07
CA ALA A 21 -29.25 1.80 2.49
C ALA A 21 -29.31 2.75 1.30
N ASN A 22 -28.64 2.37 0.21
CA ASN A 22 -28.63 3.13 -1.05
C ASN A 22 -30.05 3.27 -1.60
N LYS A 23 -30.71 2.12 -1.78
CA LYS A 23 -32.10 2.07 -2.24
C LYS A 23 -33.07 2.82 -1.33
N ALA A 24 -32.91 2.61 -0.02
CA ALA A 24 -33.81 3.20 0.97
C ALA A 24 -33.73 4.72 0.98
N GLN A 25 -32.53 5.26 0.77
CA GLN A 25 -32.30 6.70 0.76
C GLN A 25 -33.00 7.36 -0.44
N LYS A 26 -32.99 6.68 -1.58
CA LYS A 26 -33.71 7.17 -2.77
C LYS A 26 -35.21 7.27 -2.51
N GLU A 27 -35.71 6.36 -1.67
CA GLU A 27 -37.07 6.46 -1.17
C GLU A 27 -37.25 7.61 -0.16
N LEU A 28 -36.30 7.79 0.78
CA LEU A 28 -36.32 8.95 1.68
C LEU A 28 -36.23 10.27 0.92
N ALA A 29 -35.45 10.28 -0.17
CA ALA A 29 -35.23 11.46 -1.02
C ALA A 29 -36.49 11.97 -1.73
N ALA A 30 -37.50 11.13 -1.88
CA ALA A 30 -38.79 11.54 -2.47
C ALA A 30 -39.77 12.12 -1.44
N MET A 31 -39.51 11.85 -0.16
CA MET A 31 -40.41 12.28 0.92
C MET A 31 -40.34 13.78 1.21
N SER A 32 -41.47 14.34 1.64
CA SER A 32 -41.51 15.75 2.02
C SER A 32 -40.88 15.99 3.39
N GLN A 33 -40.77 17.27 3.79
CA GLN A 33 -40.22 17.62 5.11
C GLN A 33 -41.10 17.05 6.22
N GLN A 34 -42.41 17.14 6.01
CA GLN A 34 -43.42 16.58 6.92
C GLN A 34 -43.24 15.09 7.15
N GLN A 35 -43.19 14.31 6.06
CA GLN A 35 -42.93 12.86 6.12
C GLN A 35 -41.60 12.48 6.82
N ILE A 36 -40.51 13.17 6.47
CA ILE A 36 -39.22 13.00 7.18
C ILE A 36 -39.31 13.25 8.70
N ASP A 37 -39.93 14.38 9.07
CA ASP A 37 -40.01 14.82 10.47
C ASP A 37 -40.85 13.89 11.33
N THR A 38 -41.86 13.28 10.72
CA THR A 38 -42.65 12.22 11.33
C THR A 38 -41.79 11.01 11.74
N ILE A 39 -40.88 10.60 10.87
CA ILE A 39 -39.95 9.51 11.16
C ILE A 39 -38.95 9.90 12.25
N VAL A 40 -38.37 11.09 12.13
CA VAL A 40 -37.43 11.68 13.11
C VAL A 40 -38.04 11.66 14.53
N LYS A 41 -39.29 12.11 14.66
CA LYS A 41 -40.02 12.13 15.93
C LYS A 41 -40.23 10.72 16.48
N ALA A 42 -40.50 9.75 15.61
CA ALA A 42 -40.66 8.35 16.00
C ALA A 42 -39.35 7.74 16.52
N ILE A 43 -38.24 8.15 15.94
CA ILE A 43 -36.90 7.71 16.36
C ILE A 43 -36.59 8.28 17.74
N ALA A 44 -36.88 9.57 17.90
CA ALA A 44 -36.66 10.27 19.16
C ALA A 44 -37.49 9.67 20.28
N ASP A 45 -38.74 9.38 20.00
CA ASP A 45 -39.62 8.76 20.97
C ASP A 45 -39.14 7.40 21.37
N ALA A 46 -38.83 6.56 20.40
CA ALA A 46 -38.31 5.20 20.69
C ALA A 46 -36.99 5.21 21.46
N GLY A 47 -36.09 6.14 21.12
CA GLY A 47 -34.82 6.31 21.83
C GLY A 47 -35.04 6.71 23.29
N TYR A 48 -35.86 7.74 23.50
CA TYR A 48 -36.24 8.21 24.83
C TYR A 48 -36.89 7.12 25.66
N GLY A 49 -37.80 6.35 25.07
CA GLY A 49 -38.54 5.31 25.79
C GLY A 49 -37.65 4.18 26.24
N ALA A 50 -36.64 3.87 25.45
CA ALA A 50 -35.67 2.82 25.76
C ALA A 50 -34.45 3.33 26.56
N ARG A 51 -34.53 4.53 27.10
CA ARG A 51 -33.38 5.15 27.82
C ARG A 51 -32.72 4.30 28.91
N GLU A 52 -33.53 3.65 29.75
CA GLU A 52 -33.03 2.81 30.83
C GLU A 52 -32.47 1.49 30.31
N LYS A 53 -33.23 0.83 29.44
CA LYS A 53 -32.83 -0.41 28.77
C LYS A 53 -31.46 -0.35 28.11
N LEU A 54 -31.25 0.68 27.30
CA LEU A 54 -30.04 0.82 26.50
C LEU A 54 -28.84 1.26 27.34
N ALA A 55 -29.06 2.20 28.27
CA ALA A 55 -28.04 2.59 29.26
C ALA A 55 -27.52 1.39 30.06
N LYS A 56 -28.43 0.55 30.56
CA LYS A 56 -28.03 -0.66 31.30
C LYS A 56 -27.28 -1.67 30.44
N MET A 57 -27.76 -1.92 29.21
CA MET A 57 -27.04 -2.78 28.24
C MET A 57 -25.58 -2.31 28.04
N ALA A 58 -25.40 -1.02 27.76
CA ALA A 58 -24.08 -0.45 27.49
C ALA A 58 -23.17 -0.51 28.71
N HIS A 59 -23.75 -0.27 29.88
CA HIS A 59 -23.03 -0.34 31.16
C HIS A 59 -22.55 -1.76 31.44
N GLU A 60 -23.42 -2.75 31.24
CA GLU A 60 -23.09 -4.15 31.49
C GLU A 60 -22.08 -4.70 30.46
N GLU A 61 -22.28 -4.37 29.18
CA GLU A 61 -21.42 -4.90 28.12
C GLU A 61 -20.01 -4.33 28.15
N THR A 62 -19.90 -3.00 28.21
CA THR A 62 -18.59 -2.33 28.11
C THR A 62 -17.84 -2.34 29.45
N GLY A 63 -18.61 -2.32 30.53
CA GLY A 63 -18.05 -2.10 31.87
C GLY A 63 -17.75 -0.65 32.19
N PHE A 64 -18.03 0.26 31.26
CA PHE A 64 -17.76 1.68 31.47
C PHE A 64 -18.94 2.36 32.15
N GLY A 65 -18.60 3.41 32.88
CA GLY A 65 -19.55 4.42 33.31
C GLY A 65 -20.50 4.11 34.44
N ILE A 66 -21.52 4.96 34.53
CA ILE A 66 -22.52 4.90 35.59
C ILE A 66 -23.89 4.76 34.90
N TRP A 67 -24.66 3.75 35.30
CA TRP A 67 -26.00 3.54 34.72
C TRP A 67 -26.81 4.83 34.64
N GLN A 68 -27.01 5.49 35.78
CA GLN A 68 -27.74 6.77 35.86
C GLN A 68 -27.29 7.81 34.81
N ASP A 69 -25.99 8.01 34.71
CA ASP A 69 -25.40 8.97 33.77
C ASP A 69 -25.64 8.64 32.29
N LYS A 70 -25.56 7.36 31.94
CA LYS A 70 -25.87 6.89 30.57
C LYS A 70 -27.35 7.06 30.19
N VAL A 71 -28.25 7.04 31.19
CA VAL A 71 -29.67 7.33 30.96
C VAL A 71 -29.84 8.78 30.52
N ILE A 72 -29.18 9.70 31.23
CA ILE A 72 -29.14 11.12 30.87
C ILE A 72 -28.58 11.35 29.43
N LYS A 73 -27.56 10.58 29.06
CA LYS A 73 -26.95 10.68 27.72
C LYS A 73 -27.92 10.20 26.67
N ASN A 74 -28.70 9.19 27.02
CA ASN A 74 -29.75 8.69 26.16
C ASN A 74 -30.89 9.67 26.02
N VAL A 75 -31.22 10.37 27.11
CA VAL A 75 -32.19 11.49 27.11
C VAL A 75 -31.71 12.66 26.26
N PHE A 76 -30.44 13.02 26.42
CA PHE A 76 -29.82 14.10 25.66
C PHE A 76 -29.88 13.79 24.16
N ALA A 77 -29.35 12.62 23.77
CA ALA A 77 -29.34 12.15 22.38
C ALA A 77 -30.71 12.06 21.71
N SER A 78 -31.74 11.78 22.49
CA SER A 78 -33.11 11.68 21.97
C SER A 78 -33.83 13.03 22.11
N LYS A 79 -34.20 13.42 23.33
CA LYS A 79 -35.03 14.62 23.56
C LYS A 79 -34.37 15.94 23.20
N HIS A 80 -33.12 16.13 23.60
CA HIS A 80 -32.42 17.40 23.39
C HIS A 80 -32.06 17.64 21.91
N VAL A 81 -31.56 16.59 21.23
CA VAL A 81 -31.25 16.66 19.78
C VAL A 81 -32.53 16.91 18.99
N TYR A 82 -33.58 16.13 19.29
CA TYR A 82 -34.88 16.30 18.67
C TYR A 82 -35.44 17.72 18.80
N ASN A 83 -35.40 18.31 19.98
CA ASN A 83 -35.91 19.67 20.17
C ASN A 83 -35.12 20.74 19.39
N TYR A 84 -33.82 20.50 19.17
CA TYR A 84 -33.02 21.36 18.31
C TYR A 84 -33.36 21.19 16.81
N ILE A 85 -33.65 19.96 16.39
CA ILE A 85 -33.83 19.66 14.96
C ILE A 85 -35.27 19.69 14.43
N LYS A 86 -36.26 19.55 15.29
CA LYS A 86 -37.67 19.38 14.86
C LYS A 86 -38.23 20.45 13.88
N ASP A 87 -37.85 21.71 14.04
CA ASP A 87 -38.40 22.80 13.22
C ASP A 87 -37.45 23.32 12.13
N MET A 88 -36.28 22.70 12.04
CA MET A 88 -35.27 23.05 11.03
C MET A 88 -35.69 22.64 9.62
N LYS A 89 -35.38 23.47 8.63
CA LYS A 89 -35.69 23.17 7.22
C LYS A 89 -34.50 22.44 6.62
N THR A 90 -34.71 21.20 6.18
CA THR A 90 -33.61 20.32 5.77
C THR A 90 -33.87 19.55 4.47
N ILE A 91 -35.08 19.69 3.93
CA ILE A 91 -35.56 18.90 2.81
C ILE A 91 -36.08 19.82 1.70
N GLY A 92 -35.61 19.61 0.47
CA GLY A 92 -36.19 20.30 -0.69
C GLY A 92 -35.82 21.76 -0.77
N MET A 93 -36.70 22.56 -1.38
CA MET A 93 -36.45 23.98 -1.59
C MET A 93 -36.37 24.75 -0.28
N LEU A 94 -35.21 25.37 -0.04
CA LEU A 94 -34.99 26.11 1.20
C LEU A 94 -35.19 27.61 1.00
N LYS A 95 -34.66 28.14 -0.10
CA LYS A 95 -34.57 29.58 -0.28
C LYS A 95 -34.85 29.93 -1.73
N GLU A 96 -35.54 31.04 -1.95
CA GLU A 96 -35.80 31.58 -3.29
C GLU A 96 -35.49 33.07 -3.27
N ASP A 97 -34.23 33.41 -3.56
CA ASP A 97 -33.81 34.81 -3.63
C ASP A 97 -34.16 35.37 -5.00
N ASN A 98 -35.17 36.23 -5.06
CA ASN A 98 -35.64 36.80 -6.33
C ASN A 98 -34.82 38.00 -6.79
N GLU A 99 -34.13 38.65 -5.86
CA GLU A 99 -33.23 39.78 -6.15
C GLU A 99 -31.97 39.31 -6.86
N LYS A 100 -31.32 38.29 -6.30
CA LYS A 100 -30.14 37.69 -6.89
C LYS A 100 -30.48 36.68 -8.00
N LYS A 101 -31.75 36.25 -8.02
CA LYS A 101 -32.26 35.21 -8.93
C LYS A 101 -31.53 33.88 -8.72
N VAL A 102 -31.43 33.50 -7.45
CA VAL A 102 -30.77 32.27 -7.02
C VAL A 102 -31.68 31.51 -6.03
N MET A 103 -32.03 30.27 -6.37
CA MET A 103 -32.78 29.40 -5.47
C MET A 103 -31.83 28.40 -4.84
N GLU A 104 -32.15 27.95 -3.63
CA GLU A 104 -31.34 26.95 -2.92
C GLU A 104 -32.18 25.74 -2.53
N VAL A 105 -31.63 24.54 -2.78
CA VAL A 105 -32.30 23.27 -2.57
C VAL A 105 -31.35 22.36 -1.79
N ALA A 106 -31.85 21.80 -0.68
CA ALA A 106 -31.11 20.83 0.11
C ALA A 106 -31.00 19.49 -0.64
N VAL A 107 -29.78 18.98 -0.70
CA VAL A 107 -29.52 17.68 -1.33
C VAL A 107 -28.91 16.78 -0.30
N PRO A 108 -29.58 15.67 0.05
CA PRO A 108 -29.04 14.71 1.02
C PRO A 108 -27.72 14.14 0.53
N LEU A 109 -26.79 13.89 1.45
CA LEU A 109 -25.50 13.32 1.11
C LEU A 109 -25.64 11.93 0.50
N GLY A 110 -26.55 11.12 1.03
CA GLY A 110 -26.66 9.73 0.62
C GLY A 110 -26.58 8.73 1.76
N VAL A 111 -25.68 7.75 1.65
CA VAL A 111 -25.54 6.76 2.73
C VAL A 111 -24.40 7.17 3.66
N VAL A 112 -24.75 7.47 4.91
CA VAL A 112 -23.80 7.88 5.94
C VAL A 112 -23.16 6.65 6.60
N ALA A 113 -21.86 6.72 6.83
CA ALA A 113 -21.17 5.71 7.64
C ALA A 113 -20.93 6.29 9.02
N GLY A 114 -21.61 5.72 10.01
CA GLY A 114 -21.44 6.14 11.40
C GLY A 114 -20.54 5.19 12.17
N LEU A 115 -19.39 5.70 12.60
CA LEU A 115 -18.50 4.95 13.48
C LEU A 115 -18.92 5.23 14.92
N ILE A 116 -19.23 4.17 15.67
CA ILE A 116 -19.72 4.27 17.06
C ILE A 116 -18.70 3.77 18.08
N PRO A 117 -18.25 4.66 19.00
CA PRO A 117 -17.29 4.24 20.02
C PRO A 117 -17.98 3.49 21.18
N SER A 118 -17.23 2.67 21.91
CA SER A 118 -17.79 1.94 23.07
C SER A 118 -18.03 2.83 24.28
N THR A 119 -17.49 4.04 24.25
CA THR A 119 -17.59 4.98 25.37
C THR A 119 -18.98 5.63 25.46
N ASN A 120 -19.52 6.06 24.31
CA ASN A 120 -20.86 6.66 24.25
C ASN A 120 -21.81 5.93 23.28
N PRO A 121 -21.99 4.60 23.42
CA PRO A 121 -22.47 3.80 22.28
C PRO A 121 -23.93 3.94 21.85
N THR A 122 -24.86 3.90 22.81
CA THR A 122 -26.28 3.95 22.50
C THR A 122 -26.73 5.38 22.20
N SER A 123 -26.21 6.33 22.98
CA SER A 123 -26.48 7.75 22.81
C SER A 123 -25.98 8.29 21.45
N THR A 124 -24.84 7.78 21.01
CA THR A 124 -24.27 8.21 19.71
C THR A 124 -25.12 7.69 18.53
N VAL A 125 -25.55 6.43 18.61
CA VAL A 125 -26.45 5.86 17.59
C VAL A 125 -27.74 6.65 17.45
N ILE A 126 -28.39 6.94 18.57
CA ILE A 126 -29.67 7.66 18.57
C ILE A 126 -29.50 9.00 17.87
N TYR A 127 -28.48 9.74 18.31
CA TYR A 127 -28.18 11.08 17.82
C TYR A 127 -27.82 11.12 16.33
N LYS A 128 -26.93 10.24 15.88
CA LYS A 128 -26.50 10.17 14.48
C LYS A 128 -27.64 9.80 13.55
N THR A 129 -28.48 8.87 14.00
CA THR A 129 -29.63 8.42 13.25
C THR A 129 -30.57 9.60 13.02
N LEU A 130 -30.93 10.28 14.10
CA LEU A 130 -31.83 11.44 14.07
C LEU A 130 -31.37 12.52 13.12
N ILE A 131 -30.09 12.88 13.19
CA ILE A 131 -29.56 13.92 12.30
C ILE A 131 -29.38 13.51 10.81
N SER A 132 -28.97 12.27 10.57
CA SER A 132 -28.86 11.73 9.21
C SER A 132 -30.22 11.62 8.53
N ILE A 133 -31.16 10.97 9.22
CA ILE A 133 -32.54 10.83 8.72
C ILE A 133 -33.21 12.20 8.51
N LYS A 134 -32.96 13.13 9.45
CA LYS A 134 -33.47 14.52 9.34
C LYS A 134 -33.05 15.21 8.04
N ALA A 135 -31.84 14.91 7.58
CA ALA A 135 -31.32 15.50 6.35
C ALA A 135 -31.60 14.66 5.09
N GLY A 136 -32.35 13.57 5.26
CA GLY A 136 -32.81 12.72 4.14
C GLY A 136 -31.84 11.62 3.72
N ASN A 137 -30.96 11.23 4.66
CA ASN A 137 -29.90 10.24 4.40
C ASN A 137 -30.24 8.91 5.03
N SER A 138 -29.64 7.83 4.53
CA SER A 138 -29.63 6.57 5.23
C SER A 138 -28.37 6.51 6.07
N ILE A 139 -28.27 5.53 6.97
CA ILE A 139 -27.05 5.40 7.81
C ILE A 139 -26.73 3.92 8.11
N VAL A 140 -25.47 3.53 7.96
CA VAL A 140 -25.01 2.17 8.30
C VAL A 140 -23.92 2.28 9.35
N PHE A 141 -24.14 1.64 10.50
CA PHE A 141 -23.24 1.74 11.64
C PHE A 141 -22.15 0.70 11.70
N SER A 142 -20.98 1.17 12.13
CA SER A 142 -19.87 0.34 12.53
C SER A 142 -19.77 0.36 14.07
N PRO A 143 -20.16 -0.76 14.71
CA PRO A 143 -20.12 -0.87 16.17
C PRO A 143 -18.73 -1.21 16.71
N HIS A 144 -18.36 -0.57 17.81
CA HIS A 144 -17.19 -0.99 18.54
C HIS A 144 -17.54 -2.37 19.07
N PRO A 145 -16.62 -3.36 18.92
CA PRO A 145 -16.93 -4.75 19.27
C PRO A 145 -17.26 -4.97 20.75
N ASN A 146 -16.77 -4.08 21.61
CA ASN A 146 -17.09 -4.13 23.05
C ASN A 146 -18.46 -3.59 23.42
N ALA A 147 -19.19 -3.07 22.43
CA ALA A 147 -20.53 -2.55 22.65
C ALA A 147 -21.52 -3.07 21.61
N LEU A 148 -21.18 -4.20 20.97
CA LEU A 148 -21.94 -4.73 19.83
C LEU A 148 -23.43 -4.91 20.14
N LYS A 149 -23.73 -5.64 21.20
CA LYS A 149 -25.09 -6.00 21.57
C LYS A 149 -25.99 -4.79 21.87
N ALA A 150 -25.46 -3.84 22.62
CA ALA A 150 -26.16 -2.61 22.98
C ALA A 150 -26.44 -1.73 21.76
N ILE A 151 -25.46 -1.65 20.85
CA ILE A 151 -25.60 -0.87 19.63
C ILE A 151 -26.64 -1.49 18.72
N LEU A 152 -26.51 -2.80 18.47
CA LEU A 152 -27.46 -3.56 17.67
C LEU A 152 -28.88 -3.43 18.18
N GLU A 153 -29.06 -3.49 19.50
CA GLU A 153 -30.39 -3.34 20.10
C GLU A 153 -30.96 -1.92 20.02
N THR A 154 -30.11 -0.91 20.19
CA THR A 154 -30.46 0.50 19.87
C THR A 154 -30.91 0.67 18.41
N VAL A 155 -30.13 0.08 17.50
CA VAL A 155 -30.46 0.10 16.08
C VAL A 155 -31.78 -0.61 15.82
N ARG A 156 -31.95 -1.82 16.38
CA ARG A 156 -33.19 -2.58 16.24
C ARG A 156 -34.42 -1.77 16.69
N ILE A 157 -34.31 -1.13 17.85
CA ILE A 157 -35.42 -0.36 18.46
C ILE A 157 -35.83 0.88 17.66
N ILE A 158 -34.86 1.73 17.29
CA ILE A 158 -35.21 2.99 16.62
C ILE A 158 -35.61 2.78 15.15
N SER A 159 -35.13 1.67 14.58
CA SER A 159 -35.37 1.24 13.21
C SER A 159 -36.83 0.83 13.03
N GLU A 160 -37.31 0.01 13.95
CA GLU A 160 -38.70 -0.44 13.94
C GLU A 160 -39.69 0.71 14.10
N ALA A 161 -39.38 1.69 14.94
CA ALA A 161 -40.28 2.84 15.17
C ALA A 161 -40.25 3.76 13.96
N ALA A 162 -39.06 3.94 13.38
CA ALA A 162 -38.90 4.66 12.11
C ALA A 162 -39.74 4.01 11.00
N GLU A 163 -39.59 2.70 10.84
CA GLU A 163 -40.33 1.96 9.80
C GLU A 163 -41.84 1.99 9.99
N LYS A 164 -42.28 1.97 11.24
CA LYS A 164 -43.70 2.10 11.61
C LYS A 164 -44.23 3.52 11.26
N ALA A 165 -43.34 4.50 11.35
CA ALA A 165 -43.62 5.89 10.98
C ALA A 165 -43.54 6.17 9.46
N GLY A 166 -43.12 5.17 8.68
CA GLY A 166 -43.06 5.31 7.21
C GLY A 166 -41.71 5.12 6.55
N CYS A 167 -40.64 5.06 7.34
CA CYS A 167 -39.28 4.90 6.84
C CYS A 167 -39.06 3.57 6.10
N PRO A 168 -38.37 3.63 4.95
CA PRO A 168 -38.00 2.42 4.21
C PRO A 168 -37.08 1.52 5.03
N LYS A 169 -37.31 0.21 4.92
CA LYS A 169 -36.42 -0.81 5.51
C LYS A 169 -35.01 -0.66 4.95
N GLY A 170 -34.02 -0.88 5.80
CA GLY A 170 -32.61 -0.79 5.37
C GLY A 170 -31.99 0.59 5.43
N ALA A 171 -32.82 1.60 5.72
CA ALA A 171 -32.35 2.98 5.89
C ALA A 171 -31.54 3.16 7.16
N ILE A 172 -31.80 2.33 8.16
CA ILE A 172 -31.03 2.37 9.43
C ILE A 172 -30.55 0.97 9.75
N SER A 173 -29.25 0.77 9.67
CA SER A 173 -28.69 -0.56 9.83
C SER A 173 -27.36 -0.54 10.58
N CYS A 174 -26.85 -1.73 10.88
CA CYS A 174 -25.62 -1.86 11.64
C CYS A 174 -24.96 -3.17 11.26
N MET A 175 -23.63 -3.14 11.08
CA MET A 175 -22.81 -4.36 10.99
C MET A 175 -23.04 -5.24 12.22
N THR A 176 -23.26 -6.52 11.99
CA THR A 176 -23.53 -7.48 13.07
C THR A 176 -22.27 -8.25 13.45
N VAL A 177 -21.28 -8.21 12.55
CA VAL A 177 -19.96 -8.82 12.72
C VAL A 177 -18.87 -7.72 12.61
N PRO A 178 -18.36 -7.24 13.76
CA PRO A 178 -17.34 -6.20 13.74
C PRO A 178 -15.99 -6.74 13.31
N THR A 179 -15.47 -6.26 12.18
CA THR A 179 -14.10 -6.55 11.76
C THR A 179 -13.49 -5.26 11.26
N ILE A 180 -12.16 -5.16 11.34
CA ILE A 180 -11.45 -4.04 10.73
C ILE A 180 -11.55 -4.08 9.18
N GLN A 181 -11.69 -5.28 8.62
CA GLN A 181 -11.85 -5.48 7.16
C GLN A 181 -13.24 -5.01 6.72
N GLY A 182 -14.23 -5.21 7.58
CA GLY A 182 -15.60 -4.79 7.30
C GLY A 182 -15.78 -3.30 7.40
N THR A 183 -15.16 -2.69 8.41
CA THR A 183 -15.22 -1.24 8.63
C THR A 183 -14.41 -0.49 7.56
N ASP A 184 -13.31 -1.10 7.11
CA ASP A 184 -12.56 -0.56 5.95
C ASP A 184 -13.42 -0.52 4.69
N GLN A 185 -14.20 -1.57 4.47
CA GLN A 185 -15.09 -1.67 3.32
C GLN A 185 -16.19 -0.61 3.43
N LEU A 186 -16.73 -0.42 4.64
CA LEU A 186 -17.75 0.61 4.88
C LEU A 186 -17.26 2.00 4.55
N MET A 187 -16.03 2.31 4.97
CA MET A 187 -15.46 3.61 4.75
C MET A 187 -15.07 3.82 3.27
N LYS A 188 -14.48 2.80 2.65
CA LYS A 188 -13.95 2.91 1.26
C LYS A 188 -14.98 2.81 0.14
N HIS A 189 -16.12 2.18 0.41
CA HIS A 189 -17.16 1.95 -0.59
C HIS A 189 -17.60 3.19 -1.36
N LYS A 190 -17.82 3.01 -2.65
CA LYS A 190 -18.25 4.06 -3.58
C LYS A 190 -19.63 4.66 -3.22
N ASP A 191 -20.53 3.81 -2.73
CA ASP A 191 -21.89 4.22 -2.39
C ASP A 191 -22.05 4.87 -1.00
N THR A 192 -21.01 4.73 -0.19
CA THR A 192 -20.85 5.52 1.05
C THR A 192 -20.51 6.97 0.71
N ALA A 193 -21.37 7.90 1.15
CA ALA A 193 -21.25 9.31 0.78
C ALA A 193 -20.41 10.15 1.74
N VAL A 194 -20.41 9.72 3.01
CA VAL A 194 -19.76 10.47 4.07
C VAL A 194 -19.45 9.53 5.23
N ILE A 195 -18.40 9.87 5.98
CA ILE A 195 -18.08 9.15 7.22
C ILE A 195 -18.21 10.10 8.41
N LEU A 196 -19.04 9.73 9.38
CA LEU A 196 -18.98 10.32 10.71
C LEU A 196 -18.04 9.49 11.58
N ALA A 197 -16.86 10.04 11.78
CA ALA A 197 -15.74 9.30 12.32
C ALA A 197 -15.56 9.63 13.81
N THR A 198 -16.34 8.95 14.65
CA THR A 198 -16.24 9.11 16.11
C THR A 198 -15.44 7.94 16.69
N GLY A 199 -14.25 8.26 17.20
CA GLY A 199 -13.37 7.27 17.80
C GLY A 199 -11.94 7.75 17.91
N GLY A 200 -11.01 6.80 18.06
CA GLY A 200 -9.58 7.09 18.26
C GLY A 200 -8.84 7.71 17.09
N SER A 201 -7.61 8.17 17.35
CA SER A 201 -6.80 8.91 16.37
CA SER A 201 -6.83 8.91 16.36
C SER A 201 -6.44 8.13 15.11
N ALA A 202 -6.23 6.82 15.26
CA ALA A 202 -5.91 5.97 14.13
C ALA A 202 -7.16 5.71 13.30
N MET A 203 -8.31 5.77 13.96
CA MET A 203 -9.60 5.56 13.30
C MET A 203 -9.98 6.73 12.41
N VAL A 204 -9.72 7.94 12.87
CA VAL A 204 -10.11 9.14 12.15
C VAL A 204 -9.10 9.42 11.04
N LYS A 205 -7.83 9.12 11.29
CA LYS A 205 -6.82 9.20 10.23
C LYS A 205 -7.10 8.17 9.14
N ALA A 206 -7.73 7.04 9.51
CA ALA A 206 -8.17 6.02 8.56
C ALA A 206 -9.29 6.54 7.66
N ALA A 207 -10.19 7.32 8.26
CA ALA A 207 -11.35 7.88 7.56
C ALA A 207 -10.94 8.91 6.51
N TYR A 208 -9.92 9.71 6.83
CA TYR A 208 -9.42 10.69 5.87
C TYR A 208 -8.47 10.11 4.84
N SER A 209 -8.17 8.81 4.97
CA SER A 209 -7.36 8.08 4.02
C SER A 209 -8.19 7.09 3.17
N SER A 210 -9.51 7.12 3.35
CA SER A 210 -10.44 6.15 2.75
C SER A 210 -10.83 6.41 1.29
N GLY A 211 -10.65 7.65 0.83
CA GLY A 211 -11.17 8.05 -0.48
C GLY A 211 -12.57 8.62 -0.43
N THR A 212 -13.21 8.52 0.74
CA THR A 212 -14.58 9.00 0.98
C THR A 212 -14.50 10.24 1.86
N PRO A 213 -15.34 11.27 1.57
CA PRO A 213 -15.46 12.42 2.48
C PRO A 213 -15.68 12.01 3.94
N ALA A 214 -14.87 12.57 4.83
CA ALA A 214 -14.96 12.27 6.25
C ALA A 214 -15.17 13.50 7.09
N ILE A 215 -15.80 13.31 8.24
CA ILE A 215 -15.76 14.30 9.28
C ILE A 215 -15.34 13.65 10.58
N GLY A 216 -14.18 14.09 11.07
CA GLY A 216 -13.54 13.47 12.20
C GLY A 216 -13.63 14.24 13.50
N VAL A 217 -13.34 13.53 14.58
CA VAL A 217 -13.22 14.15 15.89
C VAL A 217 -11.73 14.15 16.24
N GLY A 218 -11.37 14.76 17.37
CA GLY A 218 -10.00 14.68 17.85
C GLY A 218 -10.01 14.25 19.31
N PRO A 219 -8.81 13.99 19.88
CA PRO A 219 -8.70 13.73 21.32
C PRO A 219 -9.07 14.99 22.10
N GLY A 220 -9.90 14.84 23.13
CA GLY A 220 -10.23 15.94 24.04
C GLY A 220 -9.27 16.00 25.22
N ASN A 221 -8.61 17.13 25.39
CA ASN A 221 -7.60 17.24 26.44
C ASN A 221 -7.72 18.58 27.16
N GLY A 222 -8.96 18.99 27.42
CA GLY A 222 -9.26 20.37 27.76
C GLY A 222 -8.81 20.79 29.15
N PRO A 223 -7.93 21.82 29.22
CA PRO A 223 -7.67 22.48 30.52
C PRO A 223 -8.89 23.23 31.02
N ALA A 224 -9.02 23.31 32.35
CA ALA A 224 -10.03 24.18 32.99
C ALA A 224 -9.31 25.22 33.81
N PHE A 225 -9.30 26.46 33.31
CA PHE A 225 -8.62 27.57 33.98
C PHE A 225 -9.62 28.27 34.93
N ILE A 226 -9.43 28.05 36.23
CA ILE A 226 -10.21 28.78 37.21
C ILE A 226 -9.42 30.06 37.43
N GLU A 227 -9.86 31.12 36.75
CA GLU A 227 -9.20 32.39 36.80
C GLU A 227 -9.58 33.05 38.14
N ARG A 228 -8.79 34.03 38.59
CA ARG A 228 -8.94 34.56 39.96
C ARG A 228 -10.26 35.25 40.26
N SER A 229 -10.94 35.77 39.22
CA SER A 229 -12.25 36.38 39.42
C SER A 229 -13.38 35.37 39.63
N ALA A 230 -13.11 34.07 39.47
CA ALA A 230 -14.16 33.05 39.44
C ALA A 230 -14.81 32.78 40.79
N ASN A 231 -16.04 32.29 40.73
CA ASN A 231 -16.74 31.72 41.86
C ASN A 231 -16.21 30.29 42.06
N ILE A 232 -15.36 30.08 43.05
CA ILE A 232 -14.68 28.79 43.28
CA ILE A 232 -14.69 28.80 43.25
C ILE A 232 -15.66 27.66 43.59
N PRO A 233 -16.56 27.84 44.61
CA PRO A 233 -17.45 26.70 44.85
C PRO A 233 -18.24 26.23 43.62
N ARG A 234 -18.70 27.15 42.78
CA ARG A 234 -19.38 26.75 41.53
C ARG A 234 -18.41 26.22 40.47
N ALA A 235 -17.21 26.80 40.36
CA ALA A 235 -16.21 26.30 39.41
C ALA A 235 -15.83 24.86 39.75
N VAL A 236 -15.62 24.59 41.03
CA VAL A 236 -15.35 23.24 41.50
C VAL A 236 -16.52 22.29 41.23
N LYS A 237 -17.75 22.72 41.51
CA LYS A 237 -18.96 21.90 41.30
C LYS A 237 -19.13 21.54 39.82
N HIS A 238 -18.91 22.52 38.95
CA HIS A 238 -18.98 22.29 37.50
C HIS A 238 -17.93 21.27 37.03
N ILE A 239 -16.70 21.42 37.45
CA ILE A 239 -15.59 20.54 37.05
C ILE A 239 -15.87 19.12 37.55
N LEU A 240 -16.37 19.01 38.78
CA LEU A 240 -16.74 17.72 39.35
C LEU A 240 -17.95 17.12 38.66
N ASP A 241 -18.96 17.96 38.35
CA ASP A 241 -20.18 17.50 37.64
C ASP A 241 -19.86 16.82 36.32
N SER A 242 -18.90 17.43 35.61
CA SER A 242 -18.47 16.95 34.29
C SER A 242 -17.46 15.79 34.37
N LYS A 243 -16.44 15.97 35.20
CA LYS A 243 -15.33 15.03 35.25
C LYS A 243 -15.73 13.65 35.82
N THR A 244 -16.71 13.64 36.75
CA THR A 244 -17.25 12.39 37.29
C THR A 244 -18.43 11.81 36.49
N PHE A 245 -18.99 12.59 35.58
CA PHE A 245 -20.12 12.16 34.76
C PHE A 245 -19.77 10.95 33.88
N ASP A 246 -20.44 9.82 34.18
CA ASP A 246 -20.19 8.52 33.53
C ASP A 246 -18.74 8.04 33.72
N ASN A 247 -18.15 8.40 34.88
CA ASN A 247 -16.71 8.24 35.17
C ASN A 247 -15.78 8.80 34.06
N GLY A 248 -16.14 9.95 33.48
CA GLY A 248 -15.27 10.68 32.55
C GLY A 248 -15.18 10.22 31.10
N THR A 249 -16.20 9.52 30.61
CA THR A 249 -16.19 8.99 29.22
C THR A 249 -16.41 9.99 28.09
N ILE A 250 -16.96 11.16 28.41
CA ILE A 250 -17.21 12.19 27.42
C ILE A 250 -15.92 12.98 27.18
N CYS A 251 -15.59 13.20 25.90
CA CYS A 251 -14.33 13.85 25.47
C CYS A 251 -14.21 15.35 25.74
N ALA A 252 -15.34 16.03 25.94
CA ALA A 252 -15.35 17.46 26.27
C ALA A 252 -15.14 17.74 27.79
N SER A 253 -15.03 16.68 28.57
CA SER A 253 -14.72 16.79 30.00
C SER A 253 -13.26 17.22 30.22
N GLU A 254 -13.03 17.86 31.36
CA GLU A 254 -11.75 18.46 31.77
C GLU A 254 -10.66 17.42 31.92
N GLN A 255 -9.41 17.80 31.64
CA GLN A 255 -8.29 16.88 31.83
C GLN A 255 -7.21 17.43 32.77
N SER A 256 -7.24 18.75 32.94
CA SER A 256 -6.38 19.42 33.90
C SER A 256 -7.11 20.61 34.51
N VAL A 257 -6.66 21.00 35.70
CA VAL A 257 -7.05 22.25 36.32
C VAL A 257 -5.83 23.17 36.33
N VAL A 258 -6.02 24.39 35.84
CA VAL A 258 -4.99 25.40 35.87
C VAL A 258 -5.50 26.50 36.80
N VAL A 259 -4.70 26.89 37.79
CA VAL A 259 -5.07 27.97 38.73
C VAL A 259 -3.93 28.98 38.79
N GLU A 260 -4.26 30.21 39.14
CA GLU A 260 -3.25 31.22 39.48
C GLU A 260 -2.78 30.97 40.91
N ARG A 261 -1.54 31.35 41.21
CA ARG A 261 -0.92 31.10 42.52
C ARG A 261 -1.70 31.72 43.68
N VAL A 262 -2.20 32.94 43.48
CA VAL A 262 -2.95 33.64 44.52
C VAL A 262 -4.24 32.90 44.92
N ASN A 263 -4.72 32.06 44.01
CA ASN A 263 -5.99 31.38 44.19
C ASN A 263 -5.83 29.89 44.52
N LYS A 264 -4.59 29.42 44.56
CA LYS A 264 -4.30 27.96 44.59
C LYS A 264 -4.80 27.29 45.87
N GLU A 265 -4.36 27.82 47.02
CA GLU A 265 -4.85 27.41 48.34
C GLU A 265 -6.36 27.32 48.43
N ALA A 266 -7.05 28.39 47.99
CA ALA A 266 -8.50 28.44 48.03
C ALA A 266 -9.16 27.38 47.15
N VAL A 267 -8.60 27.17 45.96
CA VAL A 267 -9.08 26.17 45.01
C VAL A 267 -8.86 24.73 45.52
N ILE A 268 -7.67 24.45 46.02
CA ILE A 268 -7.37 23.12 46.58
C ILE A 268 -8.32 22.81 47.75
N ALA A 269 -8.47 23.76 48.69
CA ALA A 269 -9.40 23.61 49.82
C ALA A 269 -10.85 23.30 49.41
N GLU A 270 -11.34 24.00 48.39
CA GLU A 270 -12.68 23.77 47.87
C GLU A 270 -12.81 22.42 47.16
N PHE A 271 -11.81 22.08 46.33
CA PHE A 271 -11.79 20.78 45.66
C PHE A 271 -11.90 19.68 46.72
N ARG A 272 -11.11 19.82 47.78
CA ARG A 272 -11.19 18.92 48.96
C ARG A 272 -12.55 18.81 49.65
N LYS A 273 -13.14 19.98 49.96
CA LYS A 273 -14.49 20.08 50.54
C LYS A 273 -15.55 19.33 49.73
N GLN A 274 -15.43 19.40 48.41
CA GLN A 274 -16.43 18.81 47.51
C GLN A 274 -16.11 17.38 47.05
N GLY A 275 -15.05 16.80 47.61
CA GLY A 275 -14.80 15.36 47.46
C GLY A 275 -13.58 14.93 46.67
N ALA A 276 -12.79 15.89 46.19
CA ALA A 276 -11.55 15.58 45.45
C ALA A 276 -10.41 15.14 46.37
N HIS A 277 -9.67 14.14 45.89
CA HIS A 277 -8.51 13.61 46.56
C HIS A 277 -7.23 13.90 45.79
N PHE A 278 -6.36 14.67 46.43
CA PHE A 278 -5.07 15.05 45.88
C PHE A 278 -4.05 13.98 46.21
N LEU A 279 -3.39 13.51 45.16
CA LEU A 279 -2.40 12.46 45.28
C LEU A 279 -1.12 13.08 45.77
N SER A 280 -0.32 12.28 46.48
CA SER A 280 1.01 12.70 46.92
C SER A 280 1.93 12.54 45.71
N ASP A 281 3.13 13.09 45.78
CA ASP A 281 4.13 12.93 44.71
C ASP A 281 4.32 11.45 44.33
N ALA A 282 4.54 10.60 45.33
CA ALA A 282 4.77 9.17 45.10
C ALA A 282 3.55 8.46 44.50
N GLU A 283 2.36 8.79 45.00
CA GLU A 283 1.12 8.23 44.45
C GLU A 283 0.86 8.69 43.02
N ALA A 284 1.15 9.97 42.75
CA ALA A 284 1.03 10.53 41.40
C ALA A 284 2.00 9.85 40.43
N VAL A 285 3.22 9.58 40.88
CA VAL A 285 4.20 8.85 40.10
C VAL A 285 3.77 7.40 39.85
N GLN A 286 3.23 6.76 40.89
CA GLN A 286 2.74 5.38 40.79
C GLN A 286 1.62 5.23 39.78
N LEU A 287 0.62 6.13 39.86
CA LEU A 287 -0.50 6.13 38.93
C LEU A 287 -0.04 6.50 37.52
N GLY A 288 0.92 7.41 37.40
CA GLY A 288 1.51 7.78 36.11
C GLY A 288 2.17 6.63 35.37
N LYS A 289 2.93 5.81 36.10
CA LYS A 289 3.53 4.59 35.55
C LYS A 289 2.46 3.59 35.06
N PHE A 290 1.37 3.46 35.82
CA PHE A 290 0.25 2.58 35.41
C PHE A 290 -0.55 3.08 34.18
N ILE A 291 -0.86 4.38 34.17
CA ILE A 291 -1.60 5.03 33.10
C ILE A 291 -0.88 4.99 31.73
N LEU A 292 0.43 5.27 31.73
CA LEU A 292 1.19 5.33 30.49
C LEU A 292 1.84 3.98 30.14
N ARG A 293 1.40 3.40 29.03
CA ARG A 293 1.91 2.14 28.48
C ARG A 293 3.29 2.34 27.84
N PRO A 294 4.12 1.26 27.77
CA PRO A 294 5.45 1.35 27.14
C PRO A 294 5.46 1.63 25.63
N ASN A 295 4.36 1.36 24.95
CA ASN A 295 4.25 1.72 23.52
C ASN A 295 3.90 3.20 23.29
N GLY A 296 3.58 3.90 24.38
CA GLY A 296 3.31 5.33 24.34
C GLY A 296 1.85 5.66 24.46
N SER A 297 0.99 4.64 24.36
CA SER A 297 -0.44 4.84 24.50
C SER A 297 -0.86 4.94 25.98
N MET A 298 -2.08 5.40 26.19
CA MET A 298 -2.66 5.48 27.52
C MET A 298 -3.41 4.16 27.77
N ASN A 299 -3.37 3.70 29.02
CA ASN A 299 -3.97 2.42 29.45
C ASN A 299 -5.49 2.40 29.34
N PRO A 300 -6.06 1.52 28.49
CA PRO A 300 -7.52 1.46 28.38
C PRO A 300 -8.22 0.94 29.66
N ALA A 301 -7.46 0.31 30.55
CA ALA A 301 -7.99 -0.28 31.79
C ALA A 301 -8.65 0.74 32.74
N ILE A 302 -8.33 2.02 32.55
CA ILE A 302 -8.83 3.10 33.40
C ILE A 302 -10.14 3.71 32.88
N VAL A 303 -10.46 3.45 31.60
CA VAL A 303 -11.52 4.16 30.88
C VAL A 303 -12.91 3.89 31.44
N GLY A 304 -13.59 4.96 31.86
CA GLY A 304 -14.93 4.88 32.40
C GLY A 304 -15.07 4.14 33.72
N LYS A 305 -13.98 4.05 34.47
CA LYS A 305 -13.99 3.28 35.72
C LYS A 305 -14.02 4.20 36.93
N SER A 306 -14.52 3.67 38.05
CA SER A 306 -14.58 4.40 39.29
C SER A 306 -13.19 4.71 39.86
N VAL A 307 -13.14 5.72 40.74
CA VAL A 307 -11.95 6.09 41.50
C VAL A 307 -11.36 4.91 42.25
N GLN A 308 -12.22 4.16 42.94
CA GLN A 308 -11.81 3.00 43.71
C GLN A 308 -11.20 1.92 42.82
N HIS A 309 -11.85 1.65 41.68
CA HIS A 309 -11.41 0.63 40.72
C HIS A 309 -9.99 0.91 40.21
N ILE A 310 -9.76 2.15 39.80
CA ILE A 310 -8.47 2.65 39.32
C ILE A 310 -7.41 2.61 40.42
N ALA A 311 -7.80 3.02 41.62
CA ALA A 311 -6.93 3.01 42.77
C ALA A 311 -6.44 1.60 43.05
N ASN A 312 -7.35 0.63 43.00
CA ASN A 312 -7.01 -0.78 43.17
C ASN A 312 -6.05 -1.28 42.08
N LEU A 313 -6.34 -0.93 40.83
CA LEU A 313 -5.50 -1.30 39.68
C LEU A 313 -4.07 -0.77 39.82
N ALA A 314 -3.94 0.47 40.32
CA ALA A 314 -2.65 1.13 40.44
C ALA A 314 -1.99 0.88 41.78
N GLY A 315 -2.67 0.12 42.64
CA GLY A 315 -2.17 -0.22 43.96
C GLY A 315 -2.16 0.96 44.92
N LEU A 316 -3.08 1.90 44.69
CA LEU A 316 -3.25 3.05 45.57
C LEU A 316 -4.32 2.74 46.60
N THR A 317 -4.21 3.39 47.76
CA THR A 317 -5.21 3.35 48.82
C THR A 317 -5.76 4.77 48.96
N VAL A 318 -7.05 4.91 48.68
CA VAL A 318 -7.70 6.19 48.46
C VAL A 318 -9.03 6.14 49.22
N PRO A 319 -9.43 7.23 49.93
CA PRO A 319 -10.72 7.22 50.67
C PRO A 319 -11.93 6.83 49.81
N ALA A 320 -12.85 6.05 50.39
CA ALA A 320 -14.07 5.60 49.68
C ALA A 320 -14.97 6.69 49.06
N ASP A 321 -14.93 7.88 49.62
CA ASP A 321 -15.74 9.01 49.16
C ASP A 321 -15.01 9.92 48.16
N ALA A 322 -13.82 9.51 47.73
CA ALA A 322 -13.08 10.31 46.75
C ALA A 322 -13.78 10.27 45.38
N ARG A 323 -14.03 11.47 44.84
CA ARG A 323 -14.78 11.66 43.60
C ARG A 323 -13.89 11.72 42.36
N VAL A 324 -12.68 12.26 42.55
CA VAL A 324 -11.65 12.36 41.49
C VAL A 324 -10.27 12.29 42.13
N LEU A 325 -9.29 11.83 41.36
CA LEU A 325 -7.91 11.83 41.77
C LEU A 325 -7.22 12.95 41.06
N ILE A 326 -6.52 13.79 41.83
CA ILE A 326 -5.82 14.96 41.28
C ILE A 326 -4.31 14.91 41.58
N ALA A 327 -3.53 15.00 40.50
CA ALA A 327 -2.09 15.01 40.56
C ALA A 327 -1.58 16.35 40.13
N GLU A 328 -0.79 17.01 40.98
CA GLU A 328 -0.13 18.22 40.58
C GLU A 328 0.88 17.90 39.48
N GLU A 329 0.96 18.79 38.50
CA GLU A 329 1.82 18.59 37.33
C GLU A 329 2.56 19.89 37.00
N THR A 330 3.74 19.78 36.39
CA THR A 330 4.55 20.94 35.96
C THR A 330 4.92 20.90 34.46
N LYS A 331 4.79 19.72 33.86
CA LYS A 331 5.32 19.45 32.52
C LYS A 331 4.21 19.12 31.52
N VAL A 332 4.54 19.21 30.23
CA VAL A 332 3.67 18.85 29.12
C VAL A 332 4.48 17.95 28.18
N GLY A 333 3.86 16.90 27.63
CA GLY A 333 4.60 16.03 26.70
C GLY A 333 4.08 14.61 26.59
N ALA A 334 4.48 13.91 25.53
CA ALA A 334 4.00 12.54 25.27
C ALA A 334 4.34 11.57 26.41
N LYS A 335 5.48 11.84 27.05
CA LYS A 335 6.03 11.07 28.17
C LYS A 335 5.44 11.52 29.52
N ILE A 336 4.47 12.45 29.47
CA ILE A 336 3.82 12.98 30.68
C ILE A 336 2.31 12.64 30.62
N PRO A 337 1.92 11.49 31.20
CA PRO A 337 0.53 10.98 31.16
C PRO A 337 -0.57 11.96 31.66
N TYR A 338 -0.28 12.79 32.67
CA TYR A 338 -1.28 13.76 33.17
C TYR A 338 -1.60 14.91 32.22
N SER A 339 -0.68 15.19 31.30
CA SER A 339 -0.86 16.22 30.28
C SER A 339 -1.66 15.72 29.08
N ARG A 340 -2.19 14.51 29.18
CA ARG A 340 -2.88 13.82 28.08
C ARG A 340 -4.28 13.33 28.46
N GLU A 341 -5.01 12.83 27.47
CA GLU A 341 -6.42 12.49 27.65
C GLU A 341 -6.57 11.25 28.53
N LYS A 342 -7.20 11.44 29.69
CA LYS A 342 -7.48 10.36 30.62
C LYS A 342 -8.99 10.32 30.71
N LEU A 343 -9.59 9.33 30.09
CA LEU A 343 -11.04 9.25 30.03
C LEU A 343 -11.54 8.54 31.28
N ALA A 344 -11.38 9.22 32.41
CA ALA A 344 -11.48 8.64 33.74
C ALA A 344 -11.49 9.79 34.75
N PRO A 345 -12.05 9.57 35.97
CA PRO A 345 -12.07 10.62 37.01
C PRO A 345 -10.67 10.94 37.57
N ILE A 346 -9.78 11.35 36.66
CA ILE A 346 -8.40 11.72 37.00
C ILE A 346 -8.11 13.09 36.40
N LEU A 347 -7.54 13.98 37.21
CA LEU A 347 -7.13 15.31 36.77
C LEU A 347 -5.65 15.61 37.06
N ALA A 348 -5.01 16.32 36.11
CA ALA A 348 -3.81 17.11 36.42
C ALA A 348 -4.15 18.43 37.06
N PHE A 349 -3.21 18.99 37.82
CA PHE A 349 -3.39 20.30 38.47
C PHE A 349 -2.13 21.18 38.29
N TYR A 350 -2.26 22.26 37.53
CA TYR A 350 -1.14 23.16 37.25
C TYR A 350 -1.29 24.50 37.95
N THR A 351 -0.17 25.08 38.33
CA THR A 351 -0.12 26.43 38.91
C THR A 351 0.70 27.37 38.01
N ALA A 352 0.05 28.46 37.62
CA ALA A 352 0.63 29.54 36.83
C ALA A 352 0.61 30.81 37.68
N GLU A 353 1.33 31.86 37.28
CA GLU A 353 1.38 33.09 38.08
C GLU A 353 0.29 34.07 37.65
N THR A 354 0.08 34.19 36.34
CA THR A 354 -0.83 35.16 35.75
C THR A 354 -1.81 34.47 34.79
N TRP A 355 -2.83 35.20 34.32
CA TRP A 355 -3.68 34.66 33.25
C TRP A 355 -2.93 34.48 31.92
N GLN A 356 -1.93 35.33 31.70
CA GLN A 356 -1.10 35.28 30.51
C GLN A 356 -0.32 33.95 30.50
N GLU A 357 0.21 33.57 31.67
CA GLU A 357 0.96 32.31 31.81
C GLU A 357 0.04 31.11 31.68
N ALA A 358 -1.17 31.25 32.20
CA ALA A 358 -2.21 30.25 32.13
C ALA A 358 -2.61 29.95 30.67
N CYS A 359 -2.78 31.03 29.91
CA CYS A 359 -2.97 30.99 28.45
C CYS A 359 -1.84 30.24 27.73
N GLU A 360 -0.58 30.65 27.98
CA GLU A 360 0.60 30.07 27.35
C GLU A 360 0.74 28.59 27.68
N LEU A 361 0.49 28.27 28.95
CA LEU A 361 0.47 26.90 29.38
C LEU A 361 -0.63 26.13 28.68
N SER A 362 -1.82 26.70 28.62
CA SER A 362 -2.98 26.03 27.99
C SER A 362 -2.71 25.72 26.52
N MET A 363 -2.17 26.70 25.79
CA MET A 363 -1.74 26.51 24.39
C MET A 363 -0.70 25.39 24.24
N ASP A 364 0.27 25.35 25.16
CA ASP A 364 1.33 24.30 25.20
C ASP A 364 0.77 22.89 25.41
N ILE A 365 -0.20 22.78 26.34
CA ILE A 365 -0.97 21.57 26.57
C ILE A 365 -1.67 21.15 25.29
N LEU A 366 -2.46 22.05 24.74
CA LEU A 366 -3.29 21.77 23.57
C LEU A 366 -2.49 21.43 22.33
N TYR A 367 -1.39 22.15 22.11
CA TYR A 367 -0.58 21.89 20.89
C TYR A 367 0.08 20.52 20.89
N HIS A 368 0.43 20.00 22.08
CA HIS A 368 0.87 18.61 22.19
C HIS A 368 -0.28 17.61 22.02
N GLU A 369 -1.43 17.90 22.64
CA GLU A 369 -2.59 17.00 22.60
C GLU A 369 -3.86 17.79 22.94
N GLY A 370 -4.86 17.69 22.07
CA GLY A 370 -6.15 18.30 22.32
C GLY A 370 -6.53 19.54 21.53
N ALA A 371 -5.58 20.12 20.79
CA ALA A 371 -5.86 21.26 19.89
C ALA A 371 -7.09 21.01 19.01
N GLY A 372 -7.93 22.03 18.88
CA GLY A 372 -9.16 21.87 18.13
C GLY A 372 -10.37 21.38 18.89
N HIS A 373 -10.19 20.74 20.05
CA HIS A 373 -11.34 20.24 20.78
C HIS A 373 -11.92 21.30 21.74
N THR A 374 -11.65 21.14 23.04
CA THR A 374 -12.30 21.94 24.09
C THR A 374 -11.25 22.53 25.07
N LEU A 375 -11.56 23.73 25.59
CA LEU A 375 -10.91 24.30 26.76
C LEU A 375 -12.04 24.94 27.59
N ILE A 376 -11.90 24.92 28.91
CA ILE A 376 -12.92 25.45 29.81
C ILE A 376 -12.30 26.59 30.63
N ILE A 377 -13.04 27.68 30.82
CA ILE A 377 -12.57 28.76 31.65
C ILE A 377 -13.67 29.20 32.63
N HIS A 378 -13.27 29.44 33.88
CA HIS A 378 -14.16 29.98 34.89
C HIS A 378 -13.61 31.32 35.25
N SER A 379 -14.43 32.34 35.03
CA SER A 379 -13.99 33.71 35.15
C SER A 379 -15.21 34.60 35.12
N GLU A 380 -15.11 35.72 35.83
CA GLU A 380 -16.09 36.79 35.70
C GLU A 380 -15.49 37.99 34.95
N ASP A 381 -14.34 37.77 34.32
CA ASP A 381 -13.66 38.84 33.61
C ASP A 381 -13.84 38.66 32.12
N LYS A 382 -14.72 39.47 31.54
CA LYS A 382 -15.09 39.37 30.14
C LYS A 382 -13.95 39.72 29.18
N GLU A 383 -13.00 40.51 29.66
CA GLU A 383 -11.83 40.87 28.85
C GLU A 383 -10.87 39.71 28.72
N ILE A 384 -10.63 38.98 29.83
CA ILE A 384 -9.70 37.83 29.82
C ILE A 384 -10.31 36.71 28.98
N ILE A 385 -11.60 36.50 29.17
CA ILE A 385 -12.40 35.53 28.42
C ILE A 385 -12.31 35.80 26.90
N ARG A 386 -12.47 37.06 26.50
CA ARG A 386 -12.30 37.46 25.09
C ARG A 386 -10.88 37.17 24.54
N GLU A 387 -9.85 37.32 25.37
CA GLU A 387 -8.48 37.00 24.96
C GLU A 387 -8.33 35.49 24.72
N PHE A 388 -8.93 34.69 25.61
CA PHE A 388 -8.99 33.23 25.47
C PHE A 388 -9.78 32.84 24.21
N ALA A 389 -10.89 33.54 23.98
CA ALA A 389 -11.75 33.36 22.80
C ALA A 389 -11.02 33.53 21.46
N LEU A 390 -10.11 34.49 21.41
CA LEU A 390 -9.43 34.85 20.17
C LEU A 390 -8.14 34.03 19.95
N LYS A 391 -7.68 33.31 20.96
CA LYS A 391 -6.33 32.78 20.95
C LYS A 391 -6.17 31.29 21.21
N LYS A 392 -7.00 30.72 22.10
CA LYS A 392 -6.87 29.30 22.46
C LYS A 392 -7.23 28.40 21.29
N PRO A 393 -6.32 27.47 20.92
CA PRO A 393 -6.56 26.68 19.69
C PRO A 393 -7.58 25.55 19.89
N VAL A 394 -8.84 25.93 20.07
CA VAL A 394 -9.94 24.97 20.26
C VAL A 394 -11.10 25.35 19.38
N SER A 395 -12.07 24.45 19.23
CA SER A 395 -13.28 24.74 18.47
C SER A 395 -14.45 25.10 19.37
N ARG A 396 -14.38 24.68 20.62
CA ARG A 396 -15.41 25.02 21.59
C ARG A 396 -14.73 25.49 22.87
N LEU A 397 -14.99 26.73 23.26
CA LEU A 397 -14.46 27.25 24.51
C LEU A 397 -15.57 27.51 25.51
N LEU A 398 -15.53 26.78 26.61
CA LEU A 398 -16.64 26.80 27.54
C LEU A 398 -16.41 27.76 28.69
N VAL A 399 -17.42 28.59 28.97
CA VAL A 399 -17.34 29.56 30.04
C VAL A 399 -18.37 29.23 31.13
N ASN A 400 -17.87 29.07 32.35
CA ASN A 400 -18.69 28.89 33.57
C ASN A 400 -19.71 27.75 33.47
N THR A 401 -19.22 26.57 33.10
CA THR A 401 -20.10 25.45 32.82
C THR A 401 -19.27 24.19 32.99
N PRO A 402 -19.90 23.05 33.29
CA PRO A 402 -19.21 21.75 33.26
C PRO A 402 -18.71 21.41 31.84
N GLY A 403 -17.46 20.99 31.71
CA GLY A 403 -16.84 20.69 30.41
C GLY A 403 -17.58 19.67 29.53
N ALA A 404 -17.89 18.51 30.09
CA ALA A 404 -18.55 17.43 29.36
C ALA A 404 -19.92 17.83 28.86
N LEU A 405 -20.67 18.49 29.75
CA LEU A 405 -22.03 18.88 29.56
C LEU A 405 -22.14 20.16 28.73
N GLY A 406 -21.18 21.06 28.86
CA GLY A 406 -21.20 22.29 28.07
C GLY A 406 -20.74 22.08 26.63
N GLY A 407 -19.74 21.20 26.46
CA GLY A 407 -19.14 20.91 25.13
C GLY A 407 -20.06 20.21 24.17
N ILE A 408 -20.92 19.35 24.71
CA ILE A 408 -21.95 18.68 23.91
C ILE A 408 -23.22 19.53 23.68
N GLY A 409 -23.32 20.67 24.35
CA GLY A 409 -24.52 21.52 24.23
C GLY A 409 -25.70 21.13 25.13
N ALA A 410 -25.41 20.48 26.25
CA ALA A 410 -26.45 20.10 27.21
C ALA A 410 -26.66 21.20 28.25
N THR A 411 -25.57 21.80 28.73
CA THR A 411 -25.65 22.96 29.61
C THR A 411 -25.29 24.28 28.93
N THR A 412 -24.93 24.24 27.65
CA THR A 412 -24.74 25.46 26.86
C THR A 412 -25.72 25.56 25.67
N ASN A 413 -25.80 26.70 25.05
CA ASN A 413 -26.51 26.82 23.82
C ASN A 413 -25.78 26.44 22.52
N LEU A 414 -24.69 25.71 22.63
CA LEU A 414 -24.04 25.10 21.46
C LEU A 414 -24.98 24.09 20.81
N VAL A 415 -24.71 23.75 19.55
CA VAL A 415 -25.51 22.74 18.88
C VAL A 415 -25.40 21.41 19.67
N PRO A 416 -26.56 20.83 20.08
CA PRO A 416 -26.55 19.56 20.80
C PRO A 416 -26.03 18.42 19.93
N ALA A 417 -24.91 17.82 20.34
CA ALA A 417 -24.22 16.83 19.53
C ALA A 417 -23.29 15.93 20.32
N LEU A 418 -23.11 14.72 19.81
CA LEU A 418 -22.14 13.80 20.38
C LEU A 418 -20.99 13.55 19.41
N THR A 419 -21.02 14.21 18.26
CA THR A 419 -19.87 14.30 17.34
C THR A 419 -19.37 15.75 17.31
N LEU A 420 -18.23 15.94 17.97
CA LEU A 420 -17.68 17.24 18.20
C LEU A 420 -16.46 17.38 17.30
N GLY A 421 -16.59 18.13 16.20
CA GLY A 421 -15.50 18.27 15.25
C GLY A 421 -14.35 19.06 15.84
N CYS A 422 -13.12 18.68 15.50
CA CYS A 422 -11.94 19.40 15.98
C CYS A 422 -11.40 20.42 14.96
N GLY A 423 -12.00 20.45 13.77
CA GLY A 423 -11.55 21.38 12.75
C GLY A 423 -10.19 21.06 12.19
N ALA A 424 -9.66 21.97 11.39
CA ALA A 424 -8.40 21.77 10.69
C ALA A 424 -7.19 21.55 11.61
N VAL A 425 -7.14 22.28 12.73
CA VAL A 425 -5.99 22.19 13.64
C VAL A 425 -5.84 20.79 14.24
N GLY A 426 -6.97 20.12 14.41
CA GLY A 426 -6.99 18.73 14.85
C GLY A 426 -7.06 17.70 13.73
N GLY A 427 -7.01 18.16 12.48
CA GLY A 427 -7.02 17.26 11.31
C GLY A 427 -8.39 16.86 10.76
N SER A 428 -9.41 17.67 11.06
CA SER A 428 -10.77 17.40 10.59
C SER A 428 -11.29 18.45 9.61
N SER A 429 -12.38 18.10 8.93
CA SER A 429 -13.03 18.98 7.97
C SER A 429 -13.99 20.00 8.58
N SER A 430 -14.34 19.81 9.85
CA SER A 430 -15.31 20.66 10.52
C SER A 430 -14.98 20.87 11.99
N SER A 431 -15.26 22.08 12.47
CA SER A 431 -15.13 22.42 13.88
C SER A 431 -16.51 22.39 14.54
N ASP A 432 -17.52 21.97 13.80
CA ASP A 432 -18.88 22.05 14.31
C ASP A 432 -19.20 20.94 15.31
N ASN A 433 -20.13 21.26 16.21
CA ASN A 433 -20.93 20.24 16.85
C ASN A 433 -21.90 19.86 15.77
N ILE A 434 -21.78 18.64 15.27
CA ILE A 434 -22.44 18.43 13.99
C ILE A 434 -23.87 17.95 14.10
N GLY A 435 -24.65 18.37 13.09
CA GLY A 435 -26.07 18.09 13.01
C GLY A 435 -26.49 18.03 11.57
N PRO A 436 -27.79 18.27 11.31
CA PRO A 436 -28.41 18.21 9.97
C PRO A 436 -27.68 19.02 8.89
N GLU A 437 -27.26 20.23 9.24
CA GLU A 437 -26.63 21.16 8.30
C GLU A 437 -25.23 20.76 7.84
N ASN A 438 -24.66 19.71 8.44
CA ASN A 438 -23.41 19.10 7.97
C ASN A 438 -23.66 17.85 7.13
N LEU A 439 -24.94 17.53 6.92
CA LEU A 439 -25.34 16.28 6.28
C LEU A 439 -26.28 16.48 5.09
N PHE A 440 -26.29 17.70 4.57
CA PHE A 440 -26.82 17.95 3.22
C PHE A 440 -25.94 18.95 2.49
N ASN A 441 -25.90 18.81 1.17
CA ASN A 441 -25.29 19.78 0.27
C ASN A 441 -26.36 20.78 -0.15
N ILE A 442 -25.95 22.00 -0.51
CA ILE A 442 -26.86 22.94 -1.12
C ILE A 442 -26.66 23.01 -2.64
N ARG A 443 -27.73 22.71 -3.38
CA ARG A 443 -27.78 22.96 -4.82
C ARG A 443 -28.32 24.37 -5.09
N ARG A 444 -27.59 25.14 -5.89
CA ARG A 444 -28.01 26.48 -6.27
C ARG A 444 -28.43 26.58 -7.73
N ILE A 445 -29.60 27.19 -7.94
CA ILE A 445 -30.18 27.31 -9.26
C ILE A 445 -30.19 28.79 -9.56
N ALA A 446 -29.40 29.18 -10.56
CA ALA A 446 -29.14 30.59 -10.82
C ALA A 446 -29.44 30.99 -12.26
N THR A 447 -30.10 32.14 -12.39
CA THR A 447 -30.48 32.74 -13.68
C THR A 447 -29.48 33.78 -14.12
N GLY A 448 -29.14 33.78 -15.42
CA GLY A 448 -28.26 34.78 -16.00
C GLY A 448 -28.72 36.21 -15.79
N VAL A 449 -27.79 37.04 -15.35
CA VAL A 449 -28.05 38.46 -15.11
C VAL A 449 -27.14 39.36 -15.96
N LEU A 450 -26.21 38.72 -16.67
CA LEU A 450 -25.18 39.43 -17.44
C LEU A 450 -24.81 38.64 -18.68
N GLU A 451 -24.24 39.32 -19.67
CA GLU A 451 -23.75 38.68 -20.88
C GLU A 451 -22.22 38.68 -20.95
N LEU A 452 -21.65 37.91 -21.89
CA LEU A 452 -20.20 37.90 -22.16
C LEU A 452 -19.72 39.32 -22.46
N GLU A 453 -20.51 40.04 -23.26
CA GLU A 453 -20.25 41.43 -23.67
C GLU A 453 -20.15 42.41 -22.48
N ASP A 454 -21.00 42.19 -21.48
CA ASP A 454 -21.03 43.00 -20.27
C ASP A 454 -19.73 42.88 -19.46
N ILE A 455 -19.20 41.66 -19.38
CA ILE A 455 -18.01 41.40 -18.58
C ILE A 455 -16.72 41.64 -19.38
N ARG A 456 -16.86 41.90 -20.67
CA ARG A 456 -15.74 42.14 -21.57
C ARG A 456 -15.13 43.52 -21.32
N LEU B 3 19.27 18.97 -0.60
CA LEU B 3 18.78 17.85 0.26
C LEU B 3 19.43 17.92 1.64
N GLU B 4 18.60 17.94 2.67
CA GLU B 4 19.06 18.06 4.04
C GLU B 4 18.43 17.02 4.96
N ASP B 5 17.17 16.65 4.71
CA ASP B 5 16.50 15.66 5.53
C ASP B 5 17.17 14.30 5.40
N LYS B 6 17.34 13.64 6.55
CA LYS B 6 18.03 12.36 6.70
C LYS B 6 17.52 11.32 5.73
N ASP B 7 16.19 11.20 5.63
CA ASP B 7 15.57 10.16 4.81
C ASP B 7 15.82 10.38 3.32
N LEU B 8 15.78 11.64 2.88
CA LEU B 8 16.00 11.94 1.46
C LEU B 8 17.47 11.77 1.06
N ARG B 9 18.39 12.27 1.92
CA ARG B 9 19.82 12.11 1.71
C ARG B 9 20.24 10.64 1.75
N SER B 10 19.52 9.84 2.53
CA SER B 10 19.80 8.42 2.63
C SER B 10 19.41 7.71 1.35
N ILE B 11 18.23 8.05 0.83
CA ILE B 11 17.74 7.48 -0.43
C ILE B 11 18.67 7.85 -1.60
N GLN B 12 19.05 9.12 -1.66
CA GLN B 12 20.03 9.62 -2.64
C GLN B 12 21.34 8.84 -2.62
N GLU B 13 21.89 8.63 -1.43
CA GLU B 13 23.15 7.88 -1.29
C GLU B 13 23.00 6.46 -1.82
N VAL B 14 21.91 5.80 -1.42
CA VAL B 14 21.59 4.43 -1.82
C VAL B 14 21.56 4.29 -3.35
N ARG B 15 20.88 5.20 -4.03
CA ARG B 15 20.86 5.24 -5.51
C ARG B 15 22.26 5.46 -6.10
N ASN B 16 23.05 6.34 -5.45
CA ASN B 16 24.43 6.58 -5.88
C ASN B 16 25.31 5.36 -5.69
N LEU B 17 25.06 4.61 -4.62
CA LEU B 17 25.88 3.45 -4.29
C LEU B 17 25.58 2.30 -5.23
N ILE B 18 24.30 2.06 -5.47
CA ILE B 18 23.83 1.06 -6.42
C ILE B 18 24.35 1.37 -7.84
N GLU B 19 24.28 2.64 -8.23
CA GLU B 19 24.82 3.13 -9.51
C GLU B 19 26.32 2.86 -9.67
N SER B 20 27.07 3.09 -8.60
CA SER B 20 28.51 2.85 -8.61
C SER B 20 28.84 1.37 -8.53
N ALA B 21 27.97 0.60 -7.87
CA ALA B 21 28.16 -0.84 -7.73
C ALA B 21 27.83 -1.54 -9.03
N ASN B 22 26.90 -0.95 -9.77
CA ASN B 22 26.46 -1.49 -11.03
C ASN B 22 27.51 -1.27 -12.11
N LYS B 23 28.16 -0.11 -12.08
CA LYS B 23 29.28 0.21 -12.96
C LYS B 23 30.50 -0.66 -12.69
N ALA B 24 30.80 -0.84 -11.40
CA ALA B 24 31.87 -1.70 -10.92
C ALA B 24 31.66 -3.16 -11.32
N GLN B 25 30.42 -3.63 -11.13
CA GLN B 25 30.00 -4.98 -11.53
C GLN B 25 30.39 -5.37 -12.95
N LYS B 26 30.10 -4.49 -13.94
CA LYS B 26 30.42 -4.77 -15.35
C LYS B 26 31.90 -5.09 -15.55
N GLU B 27 32.75 -4.29 -14.89
CA GLU B 27 34.21 -4.47 -14.86
C GLU B 27 34.65 -5.73 -14.13
N LEU B 28 33.99 -6.04 -13.02
CA LEU B 28 34.21 -7.31 -12.30
C LEU B 28 33.81 -8.51 -13.14
N ALA B 29 32.76 -8.36 -13.94
CA ALA B 29 32.23 -9.43 -14.79
C ALA B 29 33.15 -9.78 -15.97
N ALA B 30 34.15 -8.93 -16.21
CA ALA B 30 35.12 -9.12 -17.30
C ALA B 30 36.36 -9.90 -16.87
N MET B 31 36.46 -10.20 -15.57
CA MET B 31 37.67 -10.81 -15.01
C MET B 31 37.63 -12.33 -15.02
N SER B 32 38.80 -12.95 -15.22
CA SER B 32 38.92 -14.41 -15.11
C SER B 32 38.85 -14.87 -13.66
N GLN B 33 38.79 -16.19 -13.46
CA GLN B 33 38.83 -16.79 -12.12
C GLN B 33 40.00 -16.27 -11.29
N GLN B 34 41.20 -16.28 -11.87
CA GLN B 34 42.45 -15.87 -11.20
C GLN B 34 42.41 -14.48 -10.58
N GLN B 35 41.98 -13.49 -11.37
CA GLN B 35 41.95 -12.09 -10.90
C GLN B 35 40.92 -11.83 -9.81
N ILE B 36 39.86 -12.64 -9.81
CA ILE B 36 38.84 -12.64 -8.77
C ILE B 36 39.44 -13.20 -7.49
N ASP B 37 40.10 -14.36 -7.61
CA ASP B 37 40.74 -15.05 -6.49
C ASP B 37 41.85 -14.23 -5.84
N THR B 38 42.52 -13.40 -6.65
CA THR B 38 43.51 -12.42 -6.19
C THR B 38 42.85 -11.36 -5.30
N ILE B 39 41.71 -10.83 -5.74
CA ILE B 39 40.95 -9.84 -4.97
C ILE B 39 40.39 -10.46 -3.69
N VAL B 40 39.85 -11.67 -3.81
CA VAL B 40 39.31 -12.45 -2.67
C VAL B 40 40.38 -12.69 -1.56
N LYS B 41 41.62 -12.92 -1.99
CA LYS B 41 42.77 -13.07 -1.09
C LYS B 41 43.02 -11.78 -0.32
N ALA B 42 42.94 -10.65 -1.03
CA ALA B 42 43.17 -9.32 -0.44
C ALA B 42 42.11 -8.93 0.59
N ILE B 43 40.89 -9.45 0.43
CA ILE B 43 39.80 -9.19 1.38
C ILE B 43 39.96 -10.05 2.65
N ALA B 44 40.25 -11.34 2.46
CA ALA B 44 40.50 -12.27 3.57
C ALA B 44 41.70 -11.83 4.42
N ASP B 45 42.77 -11.38 3.74
CA ASP B 45 43.98 -10.87 4.39
C ASP B 45 43.71 -9.63 5.23
N ALA B 46 42.95 -8.69 4.65
CA ALA B 46 42.62 -7.43 5.31
C ALA B 46 41.77 -7.70 6.54
N GLY B 47 40.76 -8.56 6.37
CA GLY B 47 39.84 -8.93 7.43
C GLY B 47 40.49 -9.68 8.57
N TYR B 48 41.32 -10.67 8.25
CA TYR B 48 42.10 -11.38 9.27
C TYR B 48 43.09 -10.45 9.95
N GLY B 49 43.65 -9.51 9.20
CA GLY B 49 44.64 -8.57 9.72
C GLY B 49 44.08 -7.46 10.59
N ALA B 50 42.76 -7.23 10.49
CA ALA B 50 42.08 -6.21 11.29
C ALA B 50 41.13 -6.82 12.31
N ARG B 51 41.29 -8.13 12.53
CA ARG B 51 40.38 -8.93 13.38
C ARG B 51 40.16 -8.35 14.78
N GLU B 52 41.24 -7.89 15.41
CA GLU B 52 41.19 -7.38 16.78
C GLU B 52 40.53 -6.01 16.88
N LYS B 53 40.95 -5.08 16.02
CA LYS B 53 40.39 -3.71 16.00
C LYS B 53 38.89 -3.69 15.74
N LEU B 54 38.46 -4.47 14.76
CA LEU B 54 37.04 -4.53 14.38
C LEU B 54 36.19 -5.23 15.41
N ALA B 55 36.78 -6.21 16.11
CA ALA B 55 36.13 -6.92 17.20
C ALA B 55 35.86 -5.95 18.33
N LYS B 56 36.91 -5.23 18.73
CA LYS B 56 36.90 -4.22 19.78
C LYS B 56 35.95 -3.05 19.45
N MET B 57 35.99 -2.54 18.22
CA MET B 57 35.03 -1.55 17.73
C MET B 57 33.58 -2.01 17.85
N ALA B 58 33.30 -3.26 17.45
CA ALA B 58 31.95 -3.81 17.48
C ALA B 58 31.43 -3.96 18.91
N HIS B 59 32.25 -4.58 19.77
CA HIS B 59 31.97 -4.69 21.20
C HIS B 59 31.74 -3.35 21.90
N GLU B 60 32.57 -2.34 21.57
CA GLU B 60 32.42 -0.98 22.12
C GLU B 60 31.12 -0.30 21.71
N GLU B 61 30.83 -0.32 20.42
CA GLU B 61 29.69 0.36 19.82
C GLU B 61 28.36 -0.31 20.14
N THR B 62 28.31 -1.63 20.05
CA THR B 62 27.05 -2.34 20.27
C THR B 62 26.74 -2.58 21.74
N GLY B 63 27.79 -2.71 22.54
CA GLY B 63 27.66 -3.17 23.92
C GLY B 63 27.45 -4.68 24.02
N PHE B 64 27.44 -5.36 22.89
CA PHE B 64 27.17 -6.80 22.84
C PHE B 64 28.45 -7.60 22.92
N GLY B 65 28.35 -8.75 23.58
CA GLY B 65 29.35 -9.79 23.46
C GLY B 65 30.60 -9.66 24.29
N ILE B 66 31.65 -10.32 23.80
CA ILE B 66 32.92 -10.48 24.46
C ILE B 66 33.92 -10.24 23.34
N TRP B 67 34.85 -9.31 23.52
CA TRP B 67 35.68 -8.89 22.38
C TRP B 67 36.61 -9.96 21.84
N GLN B 68 37.08 -10.86 22.71
CA GLN B 68 37.89 -12.00 22.27
C GLN B 68 37.11 -13.04 21.44
N ASP B 69 35.79 -13.14 21.65
CA ASP B 69 34.96 -14.03 20.84
C ASP B 69 34.69 -13.44 19.45
N LYS B 70 34.54 -12.12 19.38
CA LYS B 70 34.41 -11.42 18.11
C LYS B 70 35.69 -11.47 17.25
N VAL B 71 36.85 -11.66 17.88
CA VAL B 71 38.10 -11.96 17.17
C VAL B 71 37.99 -13.32 16.45
N ILE B 72 37.62 -14.35 17.20
CA ILE B 72 37.37 -15.72 16.68
C ILE B 72 36.34 -15.73 15.55
N LYS B 73 35.32 -14.90 15.72
CA LYS B 73 34.33 -14.63 14.69
C LYS B 73 34.92 -13.99 13.44
N ASN B 74 35.80 -13.01 13.64
CA ASN B 74 36.50 -12.36 12.54
C ASN B 74 37.52 -13.27 11.87
N VAL B 75 38.18 -14.11 12.67
CA VAL B 75 39.05 -15.20 12.18
C VAL B 75 38.25 -16.12 11.25
N PHE B 76 37.17 -16.71 11.77
CA PHE B 76 36.31 -17.62 11.02
C PHE B 76 35.80 -17.03 9.70
N ALA B 77 35.35 -15.78 9.77
CA ALA B 77 34.79 -15.07 8.62
C ALA B 77 35.84 -14.78 7.54
N SER B 78 37.05 -14.44 7.95
CA SER B 78 38.10 -14.17 6.99
C SER B 78 38.72 -15.46 6.49
N LYS B 79 39.48 -16.15 7.36
CA LYS B 79 40.25 -17.33 6.95
C LYS B 79 39.47 -18.62 6.72
N HIS B 80 38.52 -18.98 7.60
CA HIS B 80 37.80 -20.27 7.50
C HIS B 80 36.89 -20.29 6.27
N VAL B 81 36.35 -19.13 5.92
CA VAL B 81 35.57 -18.98 4.68
C VAL B 81 36.51 -19.07 3.48
N TYR B 82 37.66 -18.39 3.57
CA TYR B 82 38.67 -18.42 2.50
C TYR B 82 39.18 -19.83 2.18
N ASN B 83 39.51 -20.63 3.20
CA ASN B 83 39.91 -22.03 3.01
C ASN B 83 38.86 -22.92 2.33
N TYR B 84 37.60 -22.49 2.38
CA TYR B 84 36.52 -23.18 1.67
C TYR B 84 36.33 -22.67 0.24
N ILE B 85 36.35 -21.36 0.05
CA ILE B 85 36.03 -20.75 -1.24
C ILE B 85 37.20 -20.68 -2.25
N LYS B 86 38.44 -20.73 -1.78
CA LYS B 86 39.62 -20.48 -2.64
C LYS B 86 39.74 -21.35 -3.90
N ASP B 87 39.50 -22.65 -3.77
CA ASP B 87 39.70 -23.59 -4.88
C ASP B 87 38.45 -23.78 -5.76
N MET B 88 37.33 -23.21 -5.31
CA MET B 88 36.04 -23.31 -6.00
C MET B 88 36.03 -22.59 -7.35
N LYS B 89 35.52 -23.25 -8.39
CA LYS B 89 35.38 -22.61 -9.70
C LYS B 89 34.00 -22.00 -9.82
N THR B 90 33.95 -20.68 -9.93
CA THR B 90 32.74 -19.90 -9.77
C THR B 90 32.67 -18.72 -10.75
N ILE B 91 33.60 -18.67 -11.71
CA ILE B 91 33.64 -17.60 -12.73
C ILE B 91 33.75 -18.23 -14.14
N GLY B 92 32.95 -17.75 -15.09
CA GLY B 92 33.03 -18.15 -16.51
C GLY B 92 32.60 -19.58 -16.79
N MET B 93 33.29 -20.23 -17.73
CA MET B 93 33.06 -21.64 -18.07
C MET B 93 33.30 -22.58 -16.88
N LEU B 94 32.39 -23.53 -16.68
CA LEU B 94 32.38 -24.42 -15.52
C LEU B 94 32.43 -25.90 -15.86
N LYS B 95 31.65 -26.31 -16.86
CA LYS B 95 31.45 -27.70 -17.21
C LYS B 95 31.25 -27.92 -18.71
N GLU B 96 31.57 -29.14 -19.16
CA GLU B 96 31.28 -29.62 -20.51
C GLU B 96 30.95 -31.12 -20.45
N ASP B 97 29.69 -31.44 -20.70
CA ASP B 97 29.22 -32.84 -20.70
C ASP B 97 28.96 -33.25 -22.14
N ASN B 98 30.03 -33.61 -22.85
CA ASN B 98 29.94 -33.96 -24.27
C ASN B 98 29.31 -35.32 -24.59
N GLU B 99 28.88 -36.05 -23.56
CA GLU B 99 28.01 -37.21 -23.74
C GLU B 99 26.55 -36.77 -23.92
N LYS B 100 26.23 -35.57 -23.45
CA LYS B 100 24.88 -35.00 -23.65
C LYS B 100 24.89 -33.57 -24.22
N LYS B 101 26.08 -33.05 -24.49
CA LYS B 101 26.32 -31.78 -25.21
C LYS B 101 25.76 -30.54 -24.51
N VAL B 102 25.91 -30.53 -23.19
CA VAL B 102 25.46 -29.41 -22.37
C VAL B 102 26.67 -28.76 -21.69
N MET B 103 26.87 -27.46 -21.95
CA MET B 103 27.91 -26.67 -21.30
C MET B 103 27.30 -25.83 -20.19
N GLU B 104 28.12 -25.36 -19.25
CA GLU B 104 27.65 -24.58 -18.10
C GLU B 104 28.54 -23.37 -17.83
N VAL B 105 27.94 -22.17 -17.79
CA VAL B 105 28.67 -20.92 -17.58
C VAL B 105 28.12 -20.16 -16.36
N ALA B 106 29.01 -19.78 -15.43
CA ALA B 106 28.63 -18.94 -14.29
C ALA B 106 28.23 -17.54 -14.73
N VAL B 107 27.11 -17.06 -14.23
CA VAL B 107 26.62 -15.72 -14.49
C VAL B 107 26.51 -15.02 -13.13
N PRO B 108 27.30 -13.96 -12.89
CA PRO B 108 27.08 -13.25 -11.64
C PRO B 108 25.70 -12.60 -11.64
N LEU B 109 25.14 -12.44 -10.45
CA LEU B 109 23.78 -11.94 -10.27
C LEU B 109 23.67 -10.45 -10.59
N GLY B 110 24.63 -9.68 -10.10
CA GLY B 110 24.66 -8.23 -10.27
C GLY B 110 25.09 -7.60 -8.96
N VAL B 111 24.29 -6.68 -8.45
CA VAL B 111 24.55 -6.07 -7.15
C VAL B 111 23.83 -6.82 -6.03
N VAL B 112 24.61 -7.35 -5.08
CA VAL B 112 24.08 -8.02 -3.90
C VAL B 112 23.75 -6.96 -2.84
N ALA B 113 22.54 -7.01 -2.31
CA ALA B 113 22.17 -6.17 -1.17
C ALA B 113 22.44 -6.92 0.13
N GLY B 114 23.38 -6.41 0.91
CA GLY B 114 23.77 -7.04 2.16
C GLY B 114 23.26 -6.29 3.37
N LEU B 115 22.29 -6.87 4.07
CA LEU B 115 21.73 -6.26 5.28
C LEU B 115 22.51 -6.80 6.47
N ILE B 116 23.01 -5.90 7.30
CA ILE B 116 23.93 -6.29 8.38
C ILE B 116 23.31 -6.08 9.78
N PRO B 117 23.26 -7.14 10.60
CA PRO B 117 22.76 -7.03 11.98
C PRO B 117 23.80 -6.42 12.95
N SER B 118 23.39 -6.18 14.20
CA SER B 118 24.27 -5.64 15.21
C SER B 118 24.90 -6.73 16.07
N THR B 119 24.50 -7.98 15.87
CA THR B 119 25.00 -9.09 16.67
C THR B 119 26.34 -9.61 16.13
N ASN B 120 26.41 -9.80 14.80
CA ASN B 120 27.68 -10.11 14.11
C ASN B 120 27.99 -9.04 13.04
N PRO B 121 28.33 -7.80 13.45
CA PRO B 121 28.43 -6.72 12.44
C PRO B 121 29.63 -6.82 11.47
N THR B 122 30.81 -7.07 12.01
CA THR B 122 32.03 -6.99 11.23
C THR B 122 32.32 -8.29 10.49
N SER B 123 32.02 -9.42 11.13
CA SER B 123 32.29 -10.73 10.58
C SER B 123 31.36 -11.05 9.40
N THR B 124 30.10 -10.60 9.48
CA THR B 124 29.15 -10.78 8.39
C THR B 124 29.50 -9.92 7.16
N VAL B 125 30.09 -8.73 7.39
CA VAL B 125 30.66 -7.93 6.29
C VAL B 125 31.75 -8.70 5.51
N ILE B 126 32.76 -9.21 6.24
CA ILE B 126 33.88 -9.96 5.63
C ILE B 126 33.37 -11.18 4.86
N TYR B 127 32.59 -12.02 5.55
CA TYR B 127 32.00 -13.21 4.95
C TYR B 127 31.17 -12.90 3.70
N LYS B 128 30.32 -11.88 3.77
CA LYS B 128 29.46 -11.51 2.64
C LYS B 128 30.23 -10.94 1.48
N THR B 129 31.31 -10.21 1.78
CA THR B 129 32.17 -9.60 0.76
C THR B 129 32.96 -10.67 0.02
N LEU B 130 33.59 -11.58 0.77
CA LEU B 130 34.29 -12.73 0.19
C LEU B 130 33.41 -13.52 -0.78
N ILE B 131 32.24 -13.98 -0.32
CA ILE B 131 31.41 -14.88 -1.13
C ILE B 131 30.76 -14.20 -2.33
N SER B 132 30.54 -12.89 -2.23
CA SER B 132 29.92 -12.13 -3.32
C SER B 132 30.94 -11.83 -4.41
N ILE B 133 32.15 -11.47 -3.99
CA ILE B 133 33.23 -11.17 -4.93
C ILE B 133 33.66 -12.45 -5.64
N LYS B 134 33.78 -13.54 -4.87
CA LYS B 134 34.12 -14.88 -5.39
C LYS B 134 33.25 -15.32 -6.58
N ALA B 135 31.99 -14.88 -6.55
CA ALA B 135 31.02 -15.18 -7.60
C ALA B 135 30.88 -14.05 -8.63
N GLY B 136 31.70 -13.02 -8.49
CA GLY B 136 31.79 -11.92 -9.46
C GLY B 136 30.77 -10.81 -9.31
N ASN B 137 30.19 -10.69 -8.12
CA ASN B 137 29.14 -9.69 -7.84
C ASN B 137 29.70 -8.45 -7.17
N SER B 138 28.99 -7.32 -7.27
CA SER B 138 29.23 -6.18 -6.39
C SER B 138 28.35 -6.33 -5.16
N ILE B 139 28.76 -5.71 -4.05
CA ILE B 139 27.98 -5.70 -2.81
C ILE B 139 27.84 -4.29 -2.21
N VAL B 140 26.60 -3.90 -1.96
CA VAL B 140 26.25 -2.69 -1.22
C VAL B 140 25.63 -3.09 0.12
N PHE B 141 26.19 -2.57 1.21
CA PHE B 141 25.76 -2.92 2.55
C PHE B 141 24.79 -1.95 3.21
N SER B 142 23.91 -2.51 4.05
CA SER B 142 22.98 -1.73 4.84
C SER B 142 23.27 -1.97 6.33
N PRO B 143 23.92 -1.00 6.99
CA PRO B 143 24.32 -1.19 8.37
C PRO B 143 23.18 -1.01 9.38
N HIS B 144 23.21 -1.84 10.42
CA HIS B 144 22.48 -1.55 11.63
C HIS B 144 23.06 -0.27 12.24
N PRO B 145 22.19 0.72 12.57
CA PRO B 145 22.61 1.99 13.18
C PRO B 145 23.39 1.85 14.49
N ASN B 146 23.16 0.77 15.23
CA ASN B 146 23.82 0.51 16.49
C ASN B 146 25.19 -0.16 16.32
N ALA B 147 25.57 -0.40 15.07
CA ALA B 147 26.89 -0.90 14.75
C ALA B 147 27.53 -0.17 13.56
N LEU B 148 27.00 1.01 13.23
CA LEU B 148 27.35 1.75 12.01
C LEU B 148 28.85 2.04 11.79
N LYS B 149 29.54 2.49 12.85
CA LYS B 149 30.96 2.80 12.76
C LYS B 149 31.85 1.57 12.58
N ALA B 150 31.51 0.48 13.28
CA ALA B 150 32.21 -0.81 13.14
C ALA B 150 32.05 -1.37 11.73
N ILE B 151 30.84 -1.27 11.19
CA ILE B 151 30.52 -1.77 9.87
C ILE B 151 31.23 -0.96 8.78
N LEU B 152 31.09 0.36 8.84
CA LEU B 152 31.81 1.27 7.91
C LEU B 152 33.32 1.05 7.85
N GLU B 153 33.94 0.82 9.02
CA GLU B 153 35.39 0.65 9.09
C GLU B 153 35.86 -0.71 8.59
N THR B 154 35.05 -1.75 8.83
CA THR B 154 35.26 -3.08 8.23
C THR B 154 35.27 -2.93 6.73
N VAL B 155 34.23 -2.27 6.21
CA VAL B 155 34.06 -2.00 4.79
C VAL B 155 35.27 -1.27 4.20
N ARG B 156 35.70 -0.19 4.86
CA ARG B 156 36.82 0.62 4.38
C ARG B 156 38.09 -0.20 4.21
N ILE B 157 38.47 -0.92 5.26
CA ILE B 157 39.68 -1.76 5.27
C ILE B 157 39.69 -2.80 4.16
N ILE B 158 38.67 -3.66 4.14
CA ILE B 158 38.62 -4.76 3.17
C ILE B 158 38.48 -4.33 1.71
N SER B 159 37.79 -3.20 1.48
CA SER B 159 37.63 -2.64 0.15
C SER B 159 38.87 -1.88 -0.37
N GLU B 160 39.64 -1.30 0.54
CA GLU B 160 40.89 -0.62 0.14
C GLU B 160 41.97 -1.62 -0.22
N ALA B 161 41.87 -2.81 0.37
CA ALA B 161 42.75 -3.91 0.05
C ALA B 161 42.31 -4.55 -1.26
N ALA B 162 40.99 -4.65 -1.47
CA ALA B 162 40.45 -5.17 -2.71
C ALA B 162 40.88 -4.33 -3.92
N GLU B 163 40.68 -3.01 -3.84
CA GLU B 163 41.11 -2.06 -4.88
C GLU B 163 42.61 -2.15 -5.22
N LYS B 164 43.43 -2.43 -4.21
CA LYS B 164 44.89 -2.54 -4.38
C LYS B 164 45.28 -3.86 -5.02
N ALA B 165 44.28 -4.69 -5.28
CA ALA B 165 44.50 -5.99 -5.88
C ALA B 165 43.75 -6.13 -7.19
N GLY B 166 43.16 -5.02 -7.66
CA GLY B 166 42.47 -5.02 -8.95
C GLY B 166 41.04 -4.50 -8.95
N CYS B 167 40.36 -4.59 -7.80
CA CYS B 167 38.91 -4.33 -7.69
C CYS B 167 38.48 -2.94 -8.14
N PRO B 168 37.51 -2.88 -9.08
CA PRO B 168 36.78 -1.69 -9.51
C PRO B 168 36.33 -0.81 -8.35
N LYS B 169 36.31 0.49 -8.58
CA LYS B 169 35.98 1.46 -7.55
C LYS B 169 34.47 1.43 -7.27
N GLY B 170 34.11 1.05 -6.05
CA GLY B 170 32.69 1.02 -5.67
C GLY B 170 32.03 -0.35 -5.78
N ALA B 171 32.84 -1.39 -5.92
CA ALA B 171 32.35 -2.77 -5.93
C ALA B 171 31.96 -3.27 -4.53
N ILE B 172 32.54 -2.64 -3.50
CA ILE B 172 32.23 -2.95 -2.09
C ILE B 172 31.95 -1.61 -1.39
N SER B 173 30.71 -1.40 -0.97
CA SER B 173 30.33 -0.16 -0.30
C SER B 173 29.28 -0.36 0.79
N CYS B 174 28.88 0.74 1.43
CA CYS B 174 27.99 0.72 2.59
C CYS B 174 27.26 2.07 2.73
N MET B 175 26.00 2.02 3.18
CA MET B 175 25.25 3.24 3.55
C MET B 175 25.93 3.89 4.75
N THR B 176 26.12 5.21 4.70
CA THR B 176 26.74 5.94 5.81
C THR B 176 25.65 6.60 6.63
N VAL B 177 24.45 6.63 6.06
CA VAL B 177 23.25 7.15 6.71
C VAL B 177 22.19 6.04 6.78
N PRO B 178 22.22 5.21 7.85
CA PRO B 178 21.19 4.15 7.97
C PRO B 178 19.77 4.65 8.28
N THR B 179 18.83 4.44 7.36
CA THR B 179 17.41 4.71 7.57
C THR B 179 16.59 3.53 7.06
N ILE B 180 15.35 3.39 7.52
CA ILE B 180 14.46 2.36 6.95
C ILE B 180 14.07 2.68 5.49
N GLN B 181 13.94 3.96 5.16
CA GLN B 181 13.65 4.46 3.81
C GLN B 181 14.75 4.15 2.80
N GLY B 182 16.00 4.39 3.21
CA GLY B 182 17.19 4.07 2.41
C GLY B 182 17.37 2.57 2.23
N THR B 183 17.16 1.81 3.31
CA THR B 183 17.21 0.35 3.25
C THR B 183 16.12 -0.23 2.32
N ASP B 184 14.93 0.38 2.36
CA ASP B 184 13.83 0.00 1.49
C ASP B 184 14.17 0.29 0.03
N GLN B 185 14.90 1.38 -0.22
CA GLN B 185 15.34 1.74 -1.58
C GLN B 185 16.38 0.76 -2.13
N LEU B 186 17.30 0.31 -1.27
CA LEU B 186 18.33 -0.67 -1.62
C LEU B 186 17.71 -2.02 -1.92
N MET B 187 16.72 -2.38 -1.12
CA MET B 187 16.01 -3.64 -1.24
C MET B 187 15.14 -3.74 -2.48
N LYS B 188 14.50 -2.64 -2.87
CA LYS B 188 13.53 -2.67 -3.96
C LYS B 188 14.08 -2.22 -5.32
N HIS B 189 15.25 -1.57 -5.33
CA HIS B 189 15.81 -0.97 -6.56
C HIS B 189 15.96 -1.95 -7.71
N LYS B 190 15.71 -1.44 -8.92
CA LYS B 190 15.79 -2.23 -10.15
C LYS B 190 17.18 -2.88 -10.38
N ASP B 191 18.24 -2.21 -9.94
CA ASP B 191 19.61 -2.68 -10.18
C ASP B 191 20.18 -3.49 -9.02
N THR B 192 19.37 -3.73 -8.00
CA THR B 192 19.69 -4.72 -6.98
C THR B 192 19.27 -6.09 -7.52
N ALA B 193 20.20 -7.04 -7.48
CA ALA B 193 20.01 -8.36 -8.07
C ALA B 193 19.37 -9.35 -7.10
N VAL B 194 19.90 -9.39 -5.89
CA VAL B 194 19.46 -10.27 -4.82
C VAL B 194 19.63 -9.55 -3.48
N ILE B 195 18.83 -9.95 -2.49
CA ILE B 195 19.01 -9.46 -1.13
C ILE B 195 19.52 -10.58 -0.21
N LEU B 196 20.64 -10.32 0.47
CA LEU B 196 21.08 -11.20 1.55
C LEU B 196 20.43 -10.76 2.86
N ALA B 197 19.26 -11.33 3.13
CA ALA B 197 18.43 -10.91 4.26
C ALA B 197 18.86 -11.55 5.56
N THR B 198 19.81 -10.92 6.23
CA THR B 198 20.28 -11.33 7.55
C THR B 198 19.72 -10.32 8.57
N GLY B 199 18.77 -10.80 9.37
CA GLY B 199 18.05 -9.95 10.33
C GLY B 199 16.80 -10.63 10.85
N GLY B 200 15.96 -9.87 11.55
CA GLY B 200 14.73 -10.41 12.14
C GLY B 200 13.67 -10.79 11.13
N SER B 201 12.56 -11.34 11.63
CA SER B 201 11.46 -11.81 10.78
C SER B 201 10.69 -10.70 10.05
N ALA B 202 10.79 -9.47 10.56
CA ALA B 202 10.16 -8.33 9.89
C ALA B 202 11.00 -7.90 8.69
N MET B 203 12.31 -7.97 8.86
CA MET B 203 13.25 -7.63 7.80
C MET B 203 13.11 -8.59 6.63
N VAL B 204 13.09 -9.88 6.94
CA VAL B 204 13.11 -10.94 5.92
C VAL B 204 11.81 -10.98 5.12
N LYS B 205 10.69 -10.70 5.79
CA LYS B 205 9.39 -10.59 5.14
C LYS B 205 9.32 -9.37 4.22
N ALA B 206 9.93 -8.26 4.64
CA ALA B 206 10.05 -7.05 3.83
C ALA B 206 10.88 -7.30 2.57
N ALA B 207 11.86 -8.20 2.70
CA ALA B 207 12.76 -8.61 1.61
C ALA B 207 12.10 -9.53 0.60
N TYR B 208 11.13 -10.33 1.04
CA TYR B 208 10.37 -11.16 0.11
C TYR B 208 9.13 -10.46 -0.42
N SER B 209 8.88 -9.24 0.07
CA SER B 209 7.79 -8.39 -0.42
C SER B 209 8.37 -7.26 -1.26
N SER B 210 9.68 -7.32 -1.50
CA SER B 210 10.42 -6.21 -2.10
C SER B 210 10.28 -6.08 -3.63
N GLY B 211 10.17 -7.21 -4.32
CA GLY B 211 10.18 -7.22 -5.78
C GLY B 211 11.50 -7.71 -6.35
N THR B 212 12.56 -7.64 -5.53
CA THR B 212 13.87 -8.20 -5.82
C THR B 212 13.98 -9.56 -5.11
N PRO B 213 14.52 -10.59 -5.81
CA PRO B 213 14.79 -11.88 -5.17
C PRO B 213 15.62 -11.75 -3.90
N ALA B 214 15.32 -12.58 -2.90
CA ALA B 214 16.00 -12.50 -1.62
C ALA B 214 16.34 -13.88 -1.12
N ILE B 215 17.37 -13.97 -0.30
CA ILE B 215 17.66 -15.17 0.47
C ILE B 215 17.65 -14.80 1.96
N GLY B 216 16.65 -15.31 2.66
CA GLY B 216 16.35 -14.90 4.02
C GLY B 216 16.71 -15.89 5.11
N VAL B 217 16.78 -15.38 6.34
CA VAL B 217 17.06 -16.18 7.52
C VAL B 217 15.84 -16.24 8.43
N GLY B 218 15.87 -17.17 9.37
CA GLY B 218 14.80 -17.32 10.34
C GLY B 218 15.32 -17.12 11.74
N PRO B 219 14.42 -16.99 12.73
CA PRO B 219 14.84 -17.07 14.14
C PRO B 219 15.44 -18.44 14.47
N GLY B 220 16.45 -18.44 15.33
CA GLY B 220 17.10 -19.65 15.77
C GLY B 220 16.68 -20.03 17.18
N ASN B 221 15.95 -21.13 17.27
CA ASN B 221 15.40 -21.59 18.53
C ASN B 221 15.71 -23.08 18.73
N GLY B 222 16.99 -23.43 18.59
CA GLY B 222 17.39 -24.84 18.61
C GLY B 222 17.28 -25.53 19.94
N PRO B 223 16.51 -26.62 20.01
CA PRO B 223 16.64 -27.45 21.19
C PRO B 223 17.92 -28.29 21.10
N ALA B 224 18.51 -28.59 22.26
CA ALA B 224 19.61 -29.53 22.33
C ALA B 224 19.20 -30.75 23.14
N PHE B 225 18.91 -31.85 22.45
CA PHE B 225 18.55 -33.11 23.10
C PHE B 225 19.80 -33.89 23.54
N ILE B 226 20.00 -34.02 24.85
CA ILE B 226 20.98 -34.97 25.38
C ILE B 226 20.26 -36.29 25.63
N GLU B 227 20.71 -37.34 24.94
CA GLU B 227 20.06 -38.66 24.97
C GLU B 227 20.81 -39.60 25.95
N ARG B 228 20.13 -40.63 26.46
CA ARG B 228 20.68 -41.53 27.50
C ARG B 228 22.01 -42.25 27.15
N SER B 229 22.32 -42.34 25.86
CA SER B 229 23.59 -42.94 25.43
C SER B 229 24.75 -41.94 25.44
N ALA B 230 24.44 -40.66 25.33
CA ALA B 230 25.44 -39.59 25.20
C ALA B 230 26.50 -39.46 26.30
N ASN B 231 27.67 -38.99 25.87
CA ASN B 231 28.77 -38.56 26.75
C ASN B 231 28.37 -37.25 27.43
N ILE B 232 27.86 -37.37 28.66
CA ILE B 232 27.34 -36.22 29.47
C ILE B 232 28.32 -35.05 29.68
N PRO B 233 29.55 -35.28 30.22
CA PRO B 233 30.52 -34.17 30.30
C PRO B 233 30.79 -33.44 28.98
N ARG B 234 30.97 -34.16 27.88
CA ARG B 234 31.29 -33.54 26.59
C ARG B 234 30.10 -32.80 25.98
N ALA B 235 28.90 -33.32 26.21
CA ALA B 235 27.66 -32.71 25.71
C ALA B 235 27.41 -31.34 26.34
N VAL B 236 27.64 -31.26 27.64
CA VAL B 236 27.53 -30.01 28.40
C VAL B 236 28.61 -29.00 27.96
N LYS B 237 29.83 -29.49 27.73
CA LYS B 237 30.92 -28.64 27.25
C LYS B 237 30.55 -27.94 25.94
N HIS B 238 30.03 -28.71 24.99
CA HIS B 238 29.61 -28.19 23.68
C HIS B 238 28.50 -27.13 23.79
N ILE B 239 27.46 -27.47 24.55
CA ILE B 239 26.36 -26.52 24.82
C ILE B 239 26.90 -25.21 25.41
N LEU B 240 27.71 -25.32 26.45
CA LEU B 240 28.28 -24.15 27.10
C LEU B 240 29.29 -23.42 26.21
N ASP B 241 30.06 -24.15 25.42
CA ASP B 241 31.00 -23.54 24.45
C ASP B 241 30.28 -22.57 23.55
N SER B 242 29.17 -23.02 22.98
CA SER B 242 28.37 -22.24 22.05
C SER B 242 27.49 -21.15 22.67
N LYS B 243 26.76 -21.47 23.74
CA LYS B 243 25.82 -20.52 24.35
CA LYS B 243 25.82 -20.50 24.32
C LYS B 243 26.53 -19.34 25.03
N THR B 244 27.70 -19.62 25.62
CA THR B 244 28.48 -18.55 26.23
C THR B 244 29.25 -17.75 25.18
N PHE B 245 29.42 -18.32 23.99
CA PHE B 245 30.19 -17.69 22.90
C PHE B 245 29.59 -16.36 22.46
N ASP B 246 30.39 -15.31 22.64
CA ASP B 246 30.01 -13.92 22.41
C ASP B 246 28.67 -13.53 23.09
N ASN B 247 28.46 -14.07 24.29
CA ASN B 247 27.19 -13.95 25.06
C ASN B 247 25.93 -14.38 24.31
N GLY B 248 26.04 -15.36 23.43
CA GLY B 248 24.88 -15.93 22.75
C GLY B 248 24.39 -15.21 21.49
N THR B 249 25.27 -14.42 20.87
CA THR B 249 24.89 -13.64 19.69
C THR B 249 24.69 -14.42 18.40
N ILE B 250 25.25 -15.63 18.31
CA ILE B 250 25.06 -16.44 17.09
C ILE B 250 23.73 -17.20 17.16
N CYS B 251 22.94 -17.07 16.09
CA CYS B 251 21.56 -17.61 16.00
C CYS B 251 21.42 -19.12 16.10
N ALA B 252 22.50 -19.85 15.81
CA ALA B 252 22.49 -21.31 15.82
C ALA B 252 22.93 -21.87 17.17
N SER B 253 23.13 -20.99 18.14
CA SER B 253 23.31 -21.40 19.54
C SER B 253 22.04 -22.05 20.10
N GLU B 254 22.25 -22.88 21.12
CA GLU B 254 21.19 -23.66 21.77
C GLU B 254 20.21 -22.74 22.45
N GLN B 255 18.94 -23.13 22.51
CA GLN B 255 17.93 -22.30 23.17
C GLN B 255 17.21 -23.00 24.31
N SER B 256 17.30 -24.33 24.28
CA SER B 256 16.82 -25.19 25.35
C SER B 256 17.70 -26.44 25.41
N VAL B 257 17.65 -27.10 26.56
CA VAL B 257 18.24 -28.41 26.75
C VAL B 257 17.03 -29.32 26.95
N VAL B 258 17.09 -30.52 26.38
CA VAL B 258 16.07 -31.54 26.58
C VAL B 258 16.77 -32.79 27.07
N VAL B 259 16.30 -33.32 28.20
CA VAL B 259 16.83 -34.56 28.77
C VAL B 259 15.77 -35.63 28.78
N GLU B 260 16.20 -36.89 28.95
CA GLU B 260 15.30 -37.95 29.33
C GLU B 260 15.26 -37.93 30.87
N ARG B 261 14.23 -38.55 31.45
CA ARG B 261 14.08 -38.62 32.92
C ARG B 261 15.26 -39.35 33.57
N VAL B 262 15.71 -40.40 32.89
CA VAL B 262 16.86 -41.21 33.35
CA VAL B 262 16.87 -41.20 33.35
C VAL B 262 18.15 -40.37 33.36
N ASN B 263 18.19 -39.35 32.51
CA ASN B 263 19.34 -38.44 32.37
C ASN B 263 19.33 -37.29 33.36
N LYS B 264 18.15 -36.72 33.58
CA LYS B 264 17.96 -35.43 34.26
C LYS B 264 18.95 -35.13 35.39
N GLU B 265 18.97 -36.01 36.40
CA GLU B 265 19.72 -35.79 37.63
C GLU B 265 21.22 -35.67 37.37
N ALA B 266 21.75 -36.50 36.48
CA ALA B 266 23.17 -36.50 36.15
C ALA B 266 23.56 -35.33 35.25
N VAL B 267 22.66 -34.97 34.34
CA VAL B 267 22.83 -33.83 33.43
C VAL B 267 22.83 -32.49 34.17
N ILE B 268 21.88 -32.32 35.08
CA ILE B 268 21.82 -31.14 35.98
C ILE B 268 23.07 -31.00 36.86
N ALA B 269 23.55 -32.14 37.39
CA ALA B 269 24.77 -32.18 38.18
C ALA B 269 25.99 -31.72 37.40
N GLU B 270 26.08 -32.14 36.13
CA GLU B 270 27.20 -31.79 35.26
C GLU B 270 27.18 -30.33 34.79
N PHE B 271 26.00 -29.83 34.47
CA PHE B 271 25.82 -28.40 34.13
C PHE B 271 26.31 -27.51 35.26
N ARG B 272 25.85 -27.80 36.48
CA ARG B 272 26.34 -27.16 37.70
C ARG B 272 27.85 -27.31 37.88
N LYS B 273 28.36 -28.52 37.67
CA LYS B 273 29.80 -28.78 37.75
C LYS B 273 30.62 -27.92 36.78
N GLN B 274 30.03 -27.60 35.63
CA GLN B 274 30.71 -26.87 34.58
C GLN B 274 30.42 -25.36 34.51
N GLY B 275 29.57 -24.84 35.38
CA GLY B 275 29.35 -23.39 35.43
C GLY B 275 27.93 -22.87 35.35
N ALA B 276 27.01 -23.73 34.95
CA ALA B 276 25.61 -23.36 34.83
C ALA B 276 24.96 -23.09 36.19
N HIS B 277 24.11 -22.07 36.22
CA HIS B 277 23.32 -21.73 37.41
C HIS B 277 21.85 -21.97 37.14
N PHE B 278 21.25 -22.85 37.93
CA PHE B 278 19.83 -23.19 37.79
C PHE B 278 19.00 -22.23 38.66
N LEU B 279 18.01 -21.61 38.03
CA LEU B 279 17.12 -20.70 38.73
C LEU B 279 16.02 -21.48 39.47
N SER B 280 15.64 -20.95 40.63
CA SER B 280 14.48 -21.45 41.36
C SER B 280 13.25 -21.11 40.53
N ASP B 281 12.14 -21.80 40.82
CA ASP B 281 10.87 -21.55 40.14
C ASP B 281 10.48 -20.06 40.25
N ALA B 282 10.65 -19.49 41.44
CA ALA B 282 10.40 -18.07 41.69
C ALA B 282 11.20 -17.11 40.78
N GLU B 283 12.51 -17.29 40.73
CA GLU B 283 13.35 -16.42 39.87
C GLU B 283 13.24 -16.70 38.37
N ALA B 284 12.95 -17.95 38.00
CA ALA B 284 12.60 -18.29 36.62
C ALA B 284 11.38 -17.50 36.14
N VAL B 285 10.39 -17.34 37.02
CA VAL B 285 9.20 -16.51 36.75
C VAL B 285 9.57 -15.02 36.63
N GLN B 286 10.35 -14.54 37.59
CA GLN B 286 10.79 -13.14 37.63
C GLN B 286 11.61 -12.73 36.40
N LEU B 287 12.51 -13.60 35.95
CA LEU B 287 13.26 -13.35 34.72
C LEU B 287 12.35 -13.49 33.49
N GLY B 288 11.47 -14.49 33.51
CA GLY B 288 10.42 -14.66 32.50
C GLY B 288 9.63 -13.38 32.20
N LYS B 289 9.11 -12.74 33.25
CA LYS B 289 8.39 -11.45 33.12
C LYS B 289 9.27 -10.38 32.49
N PHE B 290 10.56 -10.41 32.81
CA PHE B 290 11.47 -9.40 32.29
C PHE B 290 11.71 -9.54 30.79
N ILE B 291 12.05 -10.74 30.33
CA ILE B 291 12.40 -10.90 28.91
C ILE B 291 11.21 -10.86 27.93
N LEU B 292 10.00 -11.09 28.42
CA LEU B 292 8.81 -10.94 27.61
C LEU B 292 8.14 -9.58 27.82
N ARG B 293 8.08 -8.79 26.74
CA ARG B 293 7.45 -7.48 26.77
C ARG B 293 5.92 -7.60 26.56
N PRO B 294 5.14 -6.61 27.08
CA PRO B 294 3.68 -6.53 26.88
C PRO B 294 3.18 -6.78 25.45
N ASN B 295 3.87 -6.22 24.45
CA ASN B 295 3.51 -6.36 23.04
C ASN B 295 3.88 -7.73 22.41
N GLY B 296 4.29 -8.68 23.24
CA GLY B 296 4.62 -10.03 22.79
C GLY B 296 6.06 -10.26 22.33
N SER B 297 6.79 -9.17 22.12
CA SER B 297 8.17 -9.22 21.63
CA SER B 297 8.17 -9.26 21.63
C SER B 297 9.14 -9.60 22.76
N MET B 298 10.31 -10.13 22.38
CA MET B 298 11.36 -10.43 23.37
C MET B 298 12.17 -9.16 23.67
N ASN B 299 12.55 -8.98 24.93
CA ASN B 299 13.26 -7.79 25.40
C ASN B 299 14.70 -7.71 24.86
N PRO B 300 15.00 -6.64 24.09
CA PRO B 300 16.33 -6.47 23.51
C PRO B 300 17.43 -6.15 24.52
N ALA B 301 17.04 -5.77 25.75
CA ALA B 301 17.99 -5.47 26.82
C ALA B 301 18.89 -6.65 27.22
N ILE B 302 18.43 -7.87 26.97
CA ILE B 302 19.25 -9.07 27.24
C ILE B 302 20.28 -9.39 26.15
N VAL B 303 20.05 -8.90 24.92
CA VAL B 303 20.84 -9.29 23.74
C VAL B 303 22.34 -9.07 23.92
N GLY B 304 23.10 -10.16 23.83
CA GLY B 304 24.55 -10.10 23.89
C GLY B 304 25.14 -9.60 25.20
N LYS B 305 24.37 -9.72 26.28
CA LYS B 305 24.77 -9.21 27.60
C LYS B 305 25.21 -10.35 28.49
N SER B 306 26.07 -10.05 29.46
CA SER B 306 26.57 -11.06 30.39
C SER B 306 25.48 -11.53 31.36
N VAL B 307 25.68 -12.70 31.95
CA VAL B 307 24.80 -13.24 33.01
C VAL B 307 24.56 -12.23 34.17
N GLN B 308 25.63 -11.56 34.60
CA GLN B 308 25.57 -10.57 35.68
C GLN B 308 24.77 -9.32 35.32
N HIS B 309 24.89 -8.89 34.06
CA HIS B 309 24.17 -7.75 33.55
C HIS B 309 22.68 -8.06 33.55
N ILE B 310 22.33 -9.21 33.00
CA ILE B 310 20.93 -9.66 32.87
C ILE B 310 20.27 -9.86 34.26
N ALA B 311 20.98 -10.51 35.18
CA ALA B 311 20.53 -10.66 36.57
C ALA B 311 20.23 -9.31 37.22
N ASN B 312 21.10 -8.34 36.98
CA ASN B 312 20.98 -7.01 37.56
C ASN B 312 19.72 -6.29 37.07
N LEU B 313 19.52 -6.32 35.75
CA LEU B 313 18.29 -5.80 35.14
C LEU B 313 17.00 -6.51 35.59
N ALA B 314 17.07 -7.84 35.73
CA ALA B 314 15.88 -8.65 36.11
C ALA B 314 15.65 -8.69 37.63
N GLY B 315 16.57 -8.07 38.38
CA GLY B 315 16.46 -7.98 39.83
C GLY B 315 16.88 -9.22 40.59
N LEU B 316 17.64 -10.08 39.93
CA LEU B 316 18.09 -11.36 40.52
C LEU B 316 19.47 -11.21 41.18
N THR B 317 19.85 -12.22 41.96
CA THR B 317 21.18 -12.29 42.54
C THR B 317 21.74 -13.66 42.26
N VAL B 318 22.80 -13.65 41.44
CA VAL B 318 23.34 -14.84 40.82
C VAL B 318 24.85 -14.83 41.09
N PRO B 319 25.44 -15.97 41.51
CA PRO B 319 26.86 -16.08 41.77
C PRO B 319 27.72 -15.55 40.62
N ALA B 320 28.78 -14.83 40.98
CA ALA B 320 29.70 -14.21 40.01
C ALA B 320 30.24 -15.13 38.91
N ASP B 321 30.45 -16.41 39.25
CA ASP B 321 31.07 -17.39 38.34
C ASP B 321 30.10 -18.05 37.33
N ALA B 322 28.83 -17.65 37.37
CA ALA B 322 27.79 -18.29 36.58
C ALA B 322 27.89 -17.97 35.09
N ARG B 323 28.05 -19.03 34.30
CA ARG B 323 28.30 -18.96 32.86
C ARG B 323 27.03 -18.83 32.05
N VAL B 324 25.98 -19.57 32.44
CA VAL B 324 24.61 -19.44 31.91
C VAL B 324 23.54 -19.51 33.02
N LEU B 325 22.39 -18.90 32.74
CA LEU B 325 21.19 -19.05 33.54
C LEU B 325 20.31 -20.13 32.90
N ILE B 326 19.86 -21.10 33.69
CA ILE B 326 19.01 -22.17 33.16
C ILE B 326 17.68 -22.24 33.90
N ALA B 327 16.57 -22.10 33.16
CA ALA B 327 15.25 -22.22 33.76
C ALA B 327 14.56 -23.50 33.30
N GLU B 328 14.04 -24.29 34.25
CA GLU B 328 13.20 -25.42 33.88
C GLU B 328 11.91 -24.93 33.25
N GLU B 329 11.49 -25.60 32.18
CA GLU B 329 10.30 -25.21 31.43
C GLU B 329 9.52 -26.44 31.04
N THR B 330 8.19 -26.32 30.93
CA THR B 330 7.33 -27.42 30.49
C THR B 330 6.51 -27.08 29.24
N LYS B 331 6.24 -25.80 29.01
CA LYS B 331 5.30 -25.36 27.99
C LYS B 331 5.95 -24.76 26.75
N VAL B 332 5.15 -24.58 25.70
CA VAL B 332 5.59 -23.97 24.44
C VAL B 332 4.55 -22.93 23.99
N GLY B 333 5.00 -21.72 23.69
CA GLY B 333 4.10 -20.73 23.10
C GLY B 333 4.62 -19.31 23.01
N ALA B 334 3.78 -18.43 22.46
CA ALA B 334 4.09 -17.02 22.28
C ALA B 334 4.26 -16.25 23.60
N LYS B 335 3.58 -16.73 24.64
CA LYS B 335 3.63 -16.14 25.97
C LYS B 335 4.56 -16.93 26.88
N ILE B 336 5.31 -17.85 26.29
CA ILE B 336 6.30 -18.67 27.00
C ILE B 336 7.69 -18.28 26.46
N PRO B 337 8.36 -17.32 27.14
CA PRO B 337 9.62 -16.73 26.69
C PRO B 337 10.79 -17.71 26.59
N TYR B 338 10.80 -18.72 27.46
CA TYR B 338 11.90 -19.69 27.46
C TYR B 338 11.81 -20.63 26.27
N SER B 339 10.60 -20.86 25.77
CA SER B 339 10.39 -21.61 24.52
C SER B 339 10.71 -20.81 23.26
N ARG B 340 11.37 -19.66 23.41
CA ARG B 340 11.60 -18.71 22.32
C ARG B 340 13.08 -18.29 22.26
N GLU B 341 13.48 -17.69 21.14
CA GLU B 341 14.87 -17.28 20.94
C GLU B 341 15.28 -16.20 21.94
N LYS B 342 16.27 -16.53 22.75
CA LYS B 342 16.86 -15.61 23.69
C LYS B 342 18.33 -15.50 23.32
N LEU B 343 18.68 -14.46 22.57
CA LEU B 343 20.06 -14.23 22.14
C LEU B 343 20.95 -13.70 23.29
N ALA B 344 21.16 -14.56 24.27
CA ALA B 344 21.76 -14.20 25.56
C ALA B 344 22.17 -15.53 26.23
N PRO B 345 23.06 -15.51 27.25
CA PRO B 345 23.32 -16.81 27.88
C PRO B 345 22.21 -17.29 28.83
N ILE B 346 21.11 -17.78 28.25
CA ILE B 346 19.94 -18.25 28.99
C ILE B 346 19.37 -19.42 28.22
N LEU B 347 19.04 -20.50 28.93
CA LEU B 347 18.55 -21.71 28.33
C LEU B 347 17.32 -22.18 29.04
N ALA B 348 16.34 -22.65 28.28
CA ALA B 348 15.25 -23.43 28.86
C ALA B 348 15.76 -24.83 29.18
N PHE B 349 15.06 -25.52 30.08
CA PHE B 349 15.42 -26.88 30.43
C PHE B 349 14.17 -27.74 30.47
N TYR B 350 14.15 -28.76 29.63
CA TYR B 350 12.99 -29.62 29.43
C TYR B 350 13.29 -31.08 29.73
N THR B 351 12.26 -31.81 30.17
CA THR B 351 12.35 -33.25 30.35
C THR B 351 11.27 -33.99 29.57
N ALA B 352 11.71 -34.99 28.80
CA ALA B 352 10.85 -35.95 28.17
C ALA B 352 11.22 -37.31 28.75
N GLU B 353 10.40 -38.33 28.51
CA GLU B 353 10.64 -39.66 29.07
C GLU B 353 11.43 -40.56 28.11
N THR B 354 11.24 -40.33 26.83
CA THR B 354 11.75 -41.18 25.78
C THR B 354 12.38 -40.28 24.72
N TRP B 355 13.03 -40.87 23.73
CA TRP B 355 13.53 -40.09 22.61
C TRP B 355 12.39 -39.62 21.71
N GLN B 356 11.33 -40.42 21.63
CA GLN B 356 10.14 -40.10 20.84
C GLN B 356 9.45 -38.85 21.38
N GLU B 357 9.37 -38.73 22.71
CA GLU B 357 8.72 -37.59 23.34
C GLU B 357 9.60 -36.35 23.18
N ALA B 358 10.92 -36.54 23.24
CA ALA B 358 11.88 -35.47 23.00
C ALA B 358 11.76 -34.96 21.57
N CYS B 359 11.61 -35.89 20.63
CA CYS B 359 11.36 -35.59 19.22
C CYS B 359 10.07 -34.78 19.01
N GLU B 360 8.97 -35.26 19.57
CA GLU B 360 7.66 -34.58 19.51
C GLU B 360 7.70 -33.18 20.15
N LEU B 361 8.37 -33.09 21.30
CA LEU B 361 8.58 -31.80 21.97
C LEU B 361 9.41 -30.86 21.11
N SER B 362 10.45 -31.40 20.49
CA SER B 362 11.32 -30.60 19.65
C SER B 362 10.55 -30.01 18.47
N MET B 363 9.73 -30.84 17.79
CA MET B 363 8.88 -30.38 16.69
C MET B 363 7.90 -29.27 17.10
N ASP B 364 7.27 -29.42 18.26
CA ASP B 364 6.37 -28.41 18.81
C ASP B 364 7.07 -27.08 19.13
N ILE B 365 8.24 -27.15 19.79
CA ILE B 365 9.07 -25.96 20.02
C ILE B 365 9.37 -25.29 18.68
N LEU B 366 9.89 -26.07 17.74
CA LEU B 366 10.31 -25.59 16.42
C LEU B 366 9.19 -25.02 15.55
N TYR B 367 8.02 -25.67 15.53
CA TYR B 367 6.89 -25.18 14.76
C TYR B 367 6.33 -23.85 15.28
N HIS B 368 6.44 -23.62 16.58
CA HIS B 368 6.02 -22.34 17.17
C HIS B 368 7.03 -21.26 16.84
N GLU B 369 8.30 -21.56 17.05
CA GLU B 369 9.42 -20.66 16.70
C GLU B 369 10.68 -21.47 16.38
N GLY B 370 11.34 -21.12 15.28
CA GLY B 370 12.65 -21.69 14.95
C GLY B 370 12.67 -22.75 13.87
N ALA B 371 11.51 -22.94 13.21
CA ALA B 371 11.37 -23.91 12.12
C ALA B 371 12.30 -23.62 10.93
N GLY B 372 13.09 -24.62 10.58
CA GLY B 372 14.01 -24.51 9.46
C GLY B 372 15.42 -24.08 9.84
N HIS B 373 15.63 -23.72 11.10
CA HIS B 373 16.95 -23.30 11.49
C HIS B 373 17.78 -24.47 12.02
N THR B 374 17.95 -24.55 13.34
CA THR B 374 18.90 -25.46 13.95
C THR B 374 18.24 -26.36 14.99
N LEU B 375 18.70 -27.61 15.06
CA LEU B 375 18.48 -28.46 16.20
C LEU B 375 19.79 -29.17 16.48
N ILE B 376 20.09 -29.37 17.76
CA ILE B 376 21.26 -30.12 18.17
C ILE B 376 20.86 -31.41 18.90
N ILE B 377 21.55 -32.50 18.59
CA ILE B 377 21.40 -33.75 19.31
C ILE B 377 22.76 -34.27 19.82
N HIS B 378 22.77 -34.67 21.08
CA HIS B 378 23.93 -35.32 21.67
C HIS B 378 23.57 -36.77 21.91
N SER B 379 24.22 -37.65 21.14
CA SER B 379 23.85 -39.06 21.10
C SER B 379 25.00 -39.89 20.56
N GLU B 380 25.07 -41.14 21.02
CA GLU B 380 25.95 -42.13 20.43
C GLU B 380 25.12 -43.29 19.90
N ASP B 381 23.84 -43.02 19.69
CA ASP B 381 22.88 -43.99 19.12
C ASP B 381 22.52 -43.53 17.72
N LYS B 382 23.10 -44.20 16.72
CA LYS B 382 22.96 -43.82 15.31
C LYS B 382 21.53 -43.93 14.75
N GLU B 383 20.76 -44.87 15.27
CA GLU B 383 19.38 -45.10 14.84
C GLU B 383 18.44 -44.00 15.32
N ILE B 384 18.72 -43.43 16.50
CA ILE B 384 17.93 -42.31 17.02
C ILE B 384 18.25 -41.02 16.25
N ILE B 385 19.55 -40.77 16.03
CA ILE B 385 20.05 -39.68 15.18
C ILE B 385 19.42 -39.71 13.78
N ARG B 386 19.41 -40.90 13.15
CA ARG B 386 18.80 -41.08 11.83
C ARG B 386 17.30 -40.70 11.79
N GLU B 387 16.57 -40.98 12.87
CA GLU B 387 15.15 -40.61 12.96
C GLU B 387 14.92 -39.10 13.02
N PHE B 388 15.72 -38.42 13.85
CA PHE B 388 15.75 -36.96 13.95
C PHE B 388 16.13 -36.33 12.61
N ALA B 389 17.14 -36.91 11.96
CA ALA B 389 17.56 -36.51 10.61
C ALA B 389 16.42 -36.52 9.59
N LEU B 390 15.56 -37.53 9.67
CA LEU B 390 14.42 -37.66 8.75
C LEU B 390 13.22 -36.80 9.15
N LYS B 391 13.11 -36.45 10.44
CA LYS B 391 11.86 -35.86 10.97
C LYS B 391 11.89 -34.42 11.53
N LYS B 392 13.06 -33.86 11.81
CA LYS B 392 13.12 -32.53 12.45
C LYS B 392 12.97 -31.38 11.45
N PRO B 393 12.04 -30.44 11.71
CA PRO B 393 11.82 -29.30 10.81
C PRO B 393 12.90 -28.22 10.88
N VAL B 394 14.15 -28.63 10.60
CA VAL B 394 15.32 -27.76 10.58
C VAL B 394 16.11 -27.93 9.27
N SER B 395 17.01 -27.00 8.98
CA SER B 395 17.86 -27.09 7.79
C SER B 395 19.26 -27.58 8.11
N ARG B 396 19.66 -27.38 9.37
CA ARG B 396 20.91 -27.93 9.88
C ARG B 396 20.64 -28.70 11.18
N LEU B 397 20.94 -30.00 11.16
CA LEU B 397 20.88 -30.79 12.37
C LEU B 397 22.29 -31.12 12.81
N LEU B 398 22.59 -30.81 14.05
CA LEU B 398 23.94 -30.87 14.55
C LEU B 398 24.14 -32.00 15.54
N VAL B 399 25.11 -32.85 15.27
CA VAL B 399 25.34 -34.05 16.08
C VAL B 399 26.66 -33.92 16.85
N ASN B 400 26.56 -33.96 18.18
CA ASN B 400 27.71 -33.94 19.09
C ASN B 400 28.70 -32.80 18.85
N THR B 401 28.18 -31.58 18.82
CA THR B 401 28.98 -30.39 18.52
C THR B 401 28.38 -29.19 19.26
N PRO B 402 29.20 -28.12 19.53
CA PRO B 402 28.61 -26.83 19.92
C PRO B 402 27.68 -26.31 18.82
N GLY B 403 26.56 -25.71 19.20
CA GLY B 403 25.53 -25.26 18.25
C GLY B 403 25.91 -24.06 17.41
N ALA B 404 26.33 -22.98 18.07
CA ALA B 404 26.72 -21.72 17.42
C ALA B 404 27.89 -21.89 16.46
N LEU B 405 28.81 -22.77 16.84
CA LEU B 405 30.00 -23.02 16.03
C LEU B 405 29.77 -24.12 15.00
N GLY B 406 28.94 -25.10 15.35
CA GLY B 406 28.59 -26.18 14.43
C GLY B 406 27.68 -25.75 13.29
N GLY B 407 26.75 -24.86 13.60
CA GLY B 407 25.74 -24.40 12.65
C GLY B 407 26.32 -23.54 11.56
N ILE B 408 27.32 -22.73 11.93
CA ILE B 408 28.02 -21.86 11.00
C ILE B 408 29.10 -22.58 10.20
N GLY B 409 29.34 -23.85 10.51
CA GLY B 409 30.32 -24.64 9.79
C GLY B 409 31.75 -24.39 10.24
N ALA B 410 31.92 -24.21 11.55
CA ALA B 410 33.26 -24.07 12.13
C ALA B 410 33.71 -25.38 12.78
N THR B 411 32.82 -26.04 13.51
CA THR B 411 33.15 -27.32 14.15
C THR B 411 32.53 -28.53 13.44
N THR B 412 31.84 -28.24 12.34
CA THR B 412 31.31 -29.27 11.47
C THR B 412 31.81 -29.00 10.06
N ASN B 413 31.51 -29.93 9.16
CA ASN B 413 31.91 -29.81 7.77
C ASN B 413 30.81 -29.22 6.90
N LEU B 414 29.96 -28.40 7.51
CA LEU B 414 28.99 -27.56 6.79
C LEU B 414 29.76 -26.44 6.10
N VAL B 415 29.12 -25.83 5.10
CA VAL B 415 29.68 -24.66 4.40
C VAL B 415 29.77 -23.49 5.38
N PRO B 416 30.99 -22.91 5.54
CA PRO B 416 31.21 -21.77 6.44
C PRO B 416 30.37 -20.55 6.09
N ALA B 417 29.47 -20.15 6.98
CA ALA B 417 28.49 -19.13 6.66
C ALA B 417 27.99 -18.40 7.88
N LEU B 418 27.64 -17.12 7.69
CA LEU B 418 26.98 -16.33 8.74
C LEU B 418 25.60 -15.88 8.27
N THR B 419 25.21 -16.36 7.11
CA THR B 419 23.83 -16.29 6.66
C THR B 419 23.40 -17.73 6.51
N LEU B 420 22.47 -18.15 7.37
CA LEU B 420 22.04 -19.53 7.44
C LEU B 420 20.56 -19.54 7.09
N GLY B 421 20.26 -20.06 5.91
CA GLY B 421 18.88 -20.12 5.43
C GLY B 421 18.03 -21.08 6.23
N CYS B 422 16.74 -20.76 6.34
CA CYS B 422 15.79 -21.59 7.08
C CYS B 422 14.85 -22.43 6.20
N GLY B 423 15.09 -22.40 4.89
CA GLY B 423 14.23 -23.11 3.93
C GLY B 423 12.83 -22.53 3.83
N ALA B 424 11.96 -23.18 3.04
CA ALA B 424 10.59 -22.70 2.82
C ALA B 424 9.74 -22.60 4.09
N VAL B 425 9.98 -23.48 5.06
CA VAL B 425 9.20 -23.55 6.30
C VAL B 425 9.31 -22.26 7.14
N GLY B 426 10.46 -21.59 7.03
CA GLY B 426 10.64 -20.26 7.58
C GLY B 426 10.49 -19.15 6.55
N GLY B 427 9.89 -19.48 5.40
CA GLY B 427 9.61 -18.50 4.34
C GLY B 427 10.84 -18.06 3.56
N SER B 428 11.84 -18.94 3.47
CA SER B 428 13.09 -18.63 2.77
C SER B 428 13.29 -19.48 1.51
N SER B 429 14.05 -18.94 0.55
CA SER B 429 14.25 -19.59 -0.75
C SER B 429 15.41 -20.59 -0.74
N SER B 430 16.12 -20.67 0.38
CA SER B 430 17.17 -21.66 0.53
C SER B 430 17.30 -22.14 1.97
N SER B 431 17.72 -23.40 2.09
CA SER B 431 18.02 -23.99 3.39
C SER B 431 19.52 -23.98 3.69
N ASP B 432 20.30 -23.49 2.73
CA ASP B 432 21.75 -23.64 2.74
C ASP B 432 22.47 -22.72 3.69
N ASN B 433 23.57 -23.20 4.28
CA ASN B 433 24.61 -22.29 4.72
C ASN B 433 25.17 -21.67 3.49
N ILE B 434 24.87 -20.41 3.29
CA ILE B 434 25.05 -19.71 2.05
C ILE B 434 26.51 -19.49 1.65
N GLY B 435 26.72 -19.23 0.35
CA GLY B 435 28.02 -19.37 -0.29
C GLY B 435 28.05 -18.81 -1.70
N PRO B 436 29.19 -18.87 -2.39
CA PRO B 436 29.27 -18.41 -3.78
C PRO B 436 28.28 -19.13 -4.72
N GLU B 437 28.01 -20.40 -4.48
CA GLU B 437 27.08 -21.19 -5.32
C GLU B 437 25.63 -20.72 -5.23
N ASN B 438 25.28 -20.07 -4.12
CA ASN B 438 23.99 -19.43 -3.96
C ASN B 438 23.93 -18.06 -4.65
N LEU B 439 25.09 -17.59 -5.12
CA LEU B 439 25.25 -16.23 -5.63
C LEU B 439 25.73 -16.11 -7.08
N PHE B 440 25.56 -17.17 -7.87
CA PHE B 440 25.62 -17.07 -9.33
C PHE B 440 24.56 -17.96 -9.98
N ASN B 441 24.00 -17.45 -11.09
CA ASN B 441 23.17 -18.24 -11.99
C ASN B 441 24.05 -19.19 -12.81
N ILE B 442 23.49 -20.30 -13.25
CA ILE B 442 24.15 -21.18 -14.22
C ILE B 442 23.48 -20.93 -15.57
N ARG B 443 24.29 -20.60 -16.57
CA ARG B 443 23.82 -20.56 -17.95
C ARG B 443 24.11 -21.90 -18.61
N ARG B 444 23.14 -22.43 -19.35
CA ARG B 444 23.31 -23.72 -20.01
C ARG B 444 23.32 -23.60 -21.53
N ILE B 445 24.29 -24.29 -22.15
CA ILE B 445 24.46 -24.24 -23.60
C ILE B 445 24.37 -25.66 -24.15
N ALA B 446 23.23 -25.94 -24.78
CA ALA B 446 22.90 -27.30 -25.19
C ALA B 446 22.67 -27.44 -26.69
N THR B 447 23.25 -28.50 -27.26
CA THR B 447 23.13 -28.81 -28.69
C THR B 447 21.95 -29.74 -28.93
N GLY B 448 21.37 -29.66 -30.13
CA GLY B 448 20.28 -30.55 -30.54
C GLY B 448 20.70 -32.00 -30.67
N VAL B 449 19.92 -32.88 -30.07
CA VAL B 449 20.14 -34.33 -30.12
C VAL B 449 19.03 -34.98 -30.93
N LEU B 450 17.79 -34.55 -30.71
CA LEU B 450 16.64 -35.10 -31.42
C LEU B 450 15.96 -34.08 -32.34
N GLU B 451 14.95 -34.54 -33.07
CA GLU B 451 14.16 -33.70 -33.98
C GLU B 451 12.66 -33.72 -33.63
N LEU B 452 11.88 -32.91 -34.34
CA LEU B 452 10.42 -32.83 -34.13
C LEU B 452 9.71 -34.13 -34.50
N GLU B 453 10.20 -34.81 -35.52
CA GLU B 453 9.63 -36.07 -36.00
C GLU B 453 9.94 -37.22 -35.03
N ASP B 454 10.99 -37.04 -34.24
CA ASP B 454 11.48 -38.07 -33.32
C ASP B 454 10.62 -38.15 -32.05
N ILE B 455 9.99 -37.03 -31.69
CA ILE B 455 9.20 -36.96 -30.46
C ILE B 455 7.72 -37.25 -30.68
N ARG B 456 7.26 -37.13 -31.92
CA ARG B 456 5.90 -37.57 -32.28
C ARG B 456 5.92 -38.85 -33.11
N GLU C 4 20.34 15.88 -5.83
CA GLU C 4 20.15 15.92 -7.29
C GLU C 4 18.95 15.23 -7.98
N ASP C 5 18.57 14.03 -7.55
CA ASP C 5 17.42 13.31 -8.17
C ASP C 5 16.13 14.10 -7.97
N LYS C 6 15.41 14.29 -9.08
CA LYS C 6 14.29 15.23 -9.21
C LYS C 6 13.13 15.04 -8.22
N ASP C 7 12.77 13.78 -7.96
CA ASP C 7 11.69 13.49 -7.02
C ASP C 7 12.09 13.81 -5.57
N LEU C 8 13.34 13.56 -5.23
CA LEU C 8 13.86 13.82 -3.88
C LEU C 8 13.98 15.31 -3.60
N ARG C 9 14.50 16.05 -4.59
CA ARG C 9 14.56 17.51 -4.54
C ARG C 9 13.18 18.15 -4.41
N SER C 10 12.22 17.59 -5.14
CA SER C 10 10.83 18.02 -5.11
C SER C 10 10.21 17.74 -3.74
N ILE C 11 10.43 16.54 -3.21
CA ILE C 11 9.93 16.20 -1.85
C ILE C 11 10.57 17.13 -0.80
N GLN C 12 11.87 17.40 -0.92
CA GLN C 12 12.58 18.34 -0.04
C GLN C 12 11.97 19.72 -0.12
N GLU C 13 11.72 20.19 -1.35
CA GLU C 13 11.24 21.55 -1.56
C GLU C 13 9.86 21.75 -0.97
N VAL C 14 9.00 20.76 -1.17
CA VAL C 14 7.67 20.72 -0.60
C VAL C 14 7.74 20.86 0.93
N ARG C 15 8.53 20.01 1.59
CA ARG C 15 8.70 20.09 3.04
C ARG C 15 9.20 21.47 3.49
N ASN C 16 10.10 22.06 2.70
CA ASN C 16 10.62 23.41 2.94
C ASN C 16 9.52 24.47 2.81
N LEU C 17 8.70 24.38 1.77
CA LEU C 17 7.65 25.37 1.51
C LEU C 17 6.53 25.35 2.57
N ILE C 18 6.08 24.15 2.93
CA ILE C 18 5.10 23.97 4.01
C ILE C 18 5.59 24.54 5.35
N GLU C 19 6.82 24.20 5.73
CA GLU C 19 7.43 24.75 6.96
C GLU C 19 7.43 26.29 6.95
N SER C 20 7.94 26.88 5.86
CA SER C 20 7.92 28.33 5.68
C SER C 20 6.51 28.90 5.72
N ALA C 21 5.56 28.18 5.11
CA ALA C 21 4.16 28.59 5.05
C ALA C 21 3.43 28.45 6.38
N ASN C 22 3.77 27.43 7.14
CA ASN C 22 3.25 27.26 8.51
C ASN C 22 3.57 28.43 9.43
N LYS C 23 4.86 28.82 9.49
CA LYS C 23 5.24 30.00 10.27
C LYS C 23 4.74 31.31 9.69
N ALA C 24 4.66 31.41 8.35
CA ALA C 24 4.06 32.59 7.74
C ALA C 24 2.57 32.78 8.10
N GLN C 25 1.82 31.71 8.21
CA GLN C 25 0.43 31.78 8.61
C GLN C 25 0.19 32.26 10.04
N LYS C 26 1.04 31.85 10.96
CA LYS C 26 0.97 32.22 12.38
C LYS C 26 1.06 33.73 12.47
N GLU C 27 1.87 34.32 11.59
CA GLU C 27 1.96 35.76 11.46
C GLU C 27 0.70 36.40 10.87
N LEU C 28 0.13 35.78 9.83
CA LEU C 28 -1.18 36.23 9.30
C LEU C 28 -2.29 36.19 10.35
N ALA C 29 -2.30 35.11 11.14
CA ALA C 29 -3.32 34.85 12.18
C ALA C 29 -3.41 35.96 13.22
N ALA C 30 -2.28 36.63 13.44
CA ALA C 30 -2.14 37.75 14.36
C ALA C 30 -2.67 39.06 13.77
N MET C 31 -2.89 39.08 12.46
CA MET C 31 -3.33 40.30 11.79
C MET C 31 -4.83 40.59 11.96
N SER C 32 -5.18 41.88 11.96
CA SER C 32 -6.57 42.31 12.03
C SER C 32 -7.24 42.17 10.66
N GLN C 33 -8.57 42.27 10.63
CA GLN C 33 -9.33 42.24 9.38
C GLN C 33 -8.87 43.31 8.36
N GLN C 34 -8.63 44.52 8.85
CA GLN C 34 -8.19 45.65 8.03
C GLN C 34 -6.83 45.36 7.38
N GLN C 35 -5.89 44.84 8.18
CA GLN C 35 -4.56 44.44 7.69
C GLN C 35 -4.62 43.34 6.64
N ILE C 36 -5.56 42.41 6.81
CA ILE C 36 -5.78 41.30 5.87
C ILE C 36 -6.35 41.81 4.54
N ASP C 37 -7.34 42.69 4.62
CA ASP C 37 -7.99 43.27 3.45
C ASP C 37 -7.04 44.17 2.63
N THR C 38 -6.08 44.79 3.31
CA THR C 38 -5.04 45.58 2.65
C THR C 38 -4.20 44.66 1.76
N ILE C 39 -3.89 43.47 2.27
CA ILE C 39 -3.14 42.44 1.53
C ILE C 39 -3.94 41.90 0.34
N VAL C 40 -5.20 41.54 0.59
CA VAL C 40 -6.13 41.01 -0.40
C VAL C 40 -6.30 41.96 -1.60
N LYS C 41 -6.50 43.25 -1.33
CA LYS C 41 -6.63 44.24 -2.41
C LYS C 41 -5.36 44.38 -3.27
N ALA C 42 -4.20 44.27 -2.63
CA ALA C 42 -2.90 44.31 -3.31
C ALA C 42 -2.65 43.10 -4.24
N ILE C 43 -3.12 41.92 -3.82
CA ILE C 43 -3.09 40.70 -4.66
C ILE C 43 -4.04 40.84 -5.84
N ALA C 44 -5.21 41.44 -5.57
CA ALA C 44 -6.22 41.69 -6.61
C ALA C 44 -5.67 42.55 -7.72
N ASP C 45 -5.04 43.66 -7.33
CA ASP C 45 -4.46 44.66 -8.23
C ASP C 45 -3.30 44.13 -9.07
N ALA C 46 -2.40 43.36 -8.45
CA ALA C 46 -1.27 42.76 -9.16
C ALA C 46 -1.71 41.68 -10.14
N GLY C 47 -2.67 40.87 -9.71
CA GLY C 47 -3.31 39.88 -10.58
C GLY C 47 -3.95 40.52 -11.81
N TYR C 48 -4.67 41.62 -11.58
CA TYR C 48 -5.39 42.33 -12.62
C TYR C 48 -4.45 43.08 -13.54
N GLY C 49 -3.42 43.72 -12.97
CA GLY C 49 -2.43 44.47 -13.76
C GLY C 49 -1.63 43.60 -14.71
N ALA C 50 -1.41 42.35 -14.30
CA ALA C 50 -0.65 41.40 -15.11
C ALA C 50 -1.56 40.47 -15.90
N ARG C 51 -2.83 40.84 -16.07
CA ARG C 51 -3.82 40.00 -16.77
C ARG C 51 -3.40 39.58 -18.19
N GLU C 52 -2.72 40.47 -18.91
CA GLU C 52 -2.38 40.25 -20.31
C GLU C 52 -1.16 39.34 -20.42
N LYS C 53 -0.10 39.69 -19.69
CA LYS C 53 1.16 38.95 -19.67
C LYS C 53 0.98 37.50 -19.25
N LEU C 54 0.26 37.27 -18.14
CA LEU C 54 -0.03 35.93 -17.66
C LEU C 54 -0.96 35.14 -18.57
N ALA C 55 -1.91 35.82 -19.18
CA ALA C 55 -2.81 35.15 -20.14
C ALA C 55 -2.07 34.63 -21.37
N LYS C 56 -1.16 35.46 -21.91
CA LYS C 56 -0.30 35.10 -23.04
C LYS C 56 0.70 34.00 -22.68
N MET C 57 1.33 34.11 -21.50
CA MET C 57 2.24 33.09 -20.98
C MET C 57 1.60 31.70 -20.88
N ALA C 58 0.36 31.64 -20.42
CA ALA C 58 -0.34 30.39 -20.18
C ALA C 58 -0.71 29.71 -21.50
N HIS C 59 -1.25 30.52 -22.41
CA HIS C 59 -1.62 30.08 -23.76
C HIS C 59 -0.42 29.50 -24.55
N GLU C 60 0.71 30.19 -24.45
CA GLU C 60 1.94 29.77 -25.15
C GLU C 60 2.58 28.49 -24.58
N GLU C 61 2.64 28.38 -23.25
CA GLU C 61 3.22 27.20 -22.62
C GLU C 61 2.34 25.94 -22.72
N THR C 62 1.04 26.08 -22.50
CA THR C 62 0.15 24.93 -22.50
C THR C 62 -0.27 24.51 -23.90
N GLY C 63 -0.27 25.47 -24.83
CA GLY C 63 -0.92 25.28 -26.11
C GLY C 63 -2.44 25.24 -26.02
N PHE C 64 -3.01 25.65 -24.88
CA PHE C 64 -4.46 25.62 -24.69
C PHE C 64 -5.05 27.00 -24.89
N GLY C 65 -6.24 27.02 -25.50
CA GLY C 65 -7.11 28.16 -25.46
C GLY C 65 -6.80 29.35 -26.33
N ILE C 66 -7.27 30.49 -25.84
CA ILE C 66 -7.36 31.72 -26.59
C ILE C 66 -6.86 32.74 -25.56
N TRP C 67 -5.77 33.45 -25.86
CA TRP C 67 -5.16 34.33 -24.85
C TRP C 67 -6.10 35.44 -24.42
N GLN C 68 -6.86 36.00 -25.38
CA GLN C 68 -7.84 37.06 -25.10
C GLN C 68 -8.96 36.58 -24.15
N ASP C 69 -9.24 35.29 -24.17
CA ASP C 69 -10.23 34.70 -23.27
C ASP C 69 -9.66 34.43 -21.89
N LYS C 70 -8.39 34.01 -21.86
CA LYS C 70 -7.64 33.87 -20.60
C LYS C 70 -7.50 35.20 -19.86
N VAL C 71 -7.54 36.31 -20.60
CA VAL C 71 -7.48 37.66 -20.00
C VAL C 71 -8.73 37.89 -19.15
N ILE C 72 -9.88 37.53 -19.72
CA ILE C 72 -11.18 37.69 -19.07
C ILE C 72 -11.26 36.77 -17.85
N LYS C 73 -10.64 35.59 -17.95
CA LYS C 73 -10.48 34.69 -16.80
C LYS C 73 -9.64 35.30 -15.68
N ASN C 74 -8.58 36.02 -16.05
CA ASN C 74 -7.72 36.74 -15.10
C ASN C 74 -8.44 37.93 -14.46
N VAL C 75 -9.16 38.71 -15.26
CA VAL C 75 -10.06 39.79 -14.79
C VAL C 75 -11.12 39.27 -13.80
N PHE C 76 -11.69 38.11 -14.12
CA PHE C 76 -12.70 37.49 -13.28
C PHE C 76 -12.09 37.02 -11.96
N ALA C 77 -11.00 36.25 -12.08
CA ALA C 77 -10.26 35.77 -10.92
C ALA C 77 -9.74 36.87 -10.00
N SER C 78 -9.43 38.04 -10.56
CA SER C 78 -9.00 39.19 -9.78
C SER C 78 -10.15 40.09 -9.30
N LYS C 79 -10.63 40.99 -10.17
CA LYS C 79 -11.64 41.99 -9.82
CA LYS C 79 -11.62 41.98 -9.77
C LYS C 79 -12.97 41.43 -9.34
N HIS C 80 -13.48 40.42 -10.05
CA HIS C 80 -14.82 39.88 -9.70
C HIS C 80 -14.80 39.16 -8.35
N VAL C 81 -13.76 38.36 -8.11
CA VAL C 81 -13.58 37.70 -6.82
C VAL C 81 -13.33 38.76 -5.75
N TYR C 82 -12.48 39.75 -6.05
CA TYR C 82 -12.21 40.85 -5.08
C TYR C 82 -13.51 41.54 -4.64
N ASN C 83 -14.33 41.93 -5.62
CA ASN C 83 -15.60 42.64 -5.35
C ASN C 83 -16.59 41.88 -4.47
N TYR C 84 -16.62 40.54 -4.63
CA TYR C 84 -17.39 39.65 -3.75
C TYR C 84 -16.81 39.62 -2.35
N ILE C 85 -15.50 39.40 -2.25
CA ILE C 85 -14.88 39.12 -0.96
C ILE C 85 -14.48 40.33 -0.12
N LYS C 86 -14.41 41.53 -0.73
CA LYS C 86 -13.79 42.69 -0.08
C LYS C 86 -14.39 43.13 1.25
N ASP C 87 -15.69 42.93 1.42
CA ASP C 87 -16.40 43.42 2.59
C ASP C 87 -16.90 42.31 3.53
N MET C 88 -16.49 41.08 3.25
CA MET C 88 -16.82 39.92 4.08
C MET C 88 -16.02 39.92 5.37
N LYS C 89 -16.67 39.67 6.47
CA LYS C 89 -15.93 39.46 7.69
C LYS C 89 -15.46 38.04 7.84
N THR C 90 -14.17 37.88 7.89
CA THR C 90 -13.54 36.55 7.81
C THR C 90 -12.47 36.37 8.89
N ILE C 91 -12.35 37.35 9.79
CA ILE C 91 -11.19 37.42 10.68
C ILE C 91 -11.59 37.79 12.11
N GLY C 92 -11.14 36.98 13.06
CA GLY C 92 -11.37 37.25 14.49
C GLY C 92 -12.83 37.14 14.87
N MET C 93 -13.26 37.97 15.82
CA MET C 93 -14.65 37.95 16.32
C MET C 93 -15.69 38.23 15.24
N LEU C 94 -16.57 37.26 15.01
CA LEU C 94 -17.62 37.39 14.00
C LEU C 94 -18.98 37.76 14.58
N LYS C 95 -19.38 37.03 15.63
CA LYS C 95 -20.70 37.18 16.21
C LYS C 95 -20.63 37.09 17.71
N GLU C 96 -21.47 37.87 18.38
CA GLU C 96 -21.66 37.77 19.82
C GLU C 96 -23.16 37.71 20.10
N ASP C 97 -23.70 36.48 20.20
CA ASP C 97 -25.11 36.29 20.57
C ASP C 97 -25.22 36.50 22.08
N ASN C 98 -25.83 37.61 22.48
CA ASN C 98 -26.01 37.97 23.89
C ASN C 98 -27.32 37.44 24.50
N GLU C 99 -28.02 36.59 23.75
CA GLU C 99 -29.22 35.92 24.23
C GLU C 99 -28.98 34.43 24.38
N LYS C 100 -28.19 33.85 23.48
CA LYS C 100 -27.79 32.45 23.58
C LYS C 100 -26.50 32.31 24.38
N LYS C 101 -25.80 33.44 24.52
CA LYS C 101 -24.47 33.53 25.16
C LYS C 101 -23.42 32.67 24.46
N VAL C 102 -23.39 32.79 23.14
CA VAL C 102 -22.43 32.12 22.28
C VAL C 102 -21.73 33.19 21.44
N MET C 103 -20.40 33.21 21.50
CA MET C 103 -19.60 34.05 20.61
C MET C 103 -18.96 33.17 19.54
N GLU C 104 -18.79 33.73 18.34
CA GLU C 104 -18.19 33.01 17.23
C GLU C 104 -16.97 33.75 16.66
N VAL C 105 -15.86 33.02 16.52
CA VAL C 105 -14.58 33.54 16.05
C VAL C 105 -14.13 32.73 14.85
N ALA C 106 -13.61 33.40 13.83
CA ALA C 106 -13.10 32.73 12.63
C ALA C 106 -11.73 32.17 12.95
N VAL C 107 -11.52 30.89 12.62
CA VAL C 107 -10.21 30.25 12.77
C VAL C 107 -9.73 29.84 11.38
N PRO C 108 -8.61 30.41 10.93
CA PRO C 108 -8.05 30.01 9.63
C PRO C 108 -7.69 28.53 9.68
N LEU C 109 -7.78 27.86 8.54
CA LEU C 109 -7.48 26.45 8.46
C LEU C 109 -5.98 26.18 8.75
N GLY C 110 -5.10 27.04 8.25
CA GLY C 110 -3.65 26.85 8.35
C GLY C 110 -2.98 26.96 6.99
N VAL C 111 -2.21 25.93 6.60
CA VAL C 111 -1.62 25.90 5.24
C VAL C 111 -2.61 25.23 4.28
N VAL C 112 -2.98 25.95 3.23
CA VAL C 112 -3.80 25.41 2.15
C VAL C 112 -2.90 24.85 1.06
N ALA C 113 -3.16 23.63 0.62
CA ALA C 113 -2.49 23.07 -0.55
C ALA C 113 -3.38 23.23 -1.79
N GLY C 114 -3.01 24.14 -2.69
CA GLY C 114 -3.77 24.35 -3.91
C GLY C 114 -3.19 23.65 -5.14
N LEU C 115 -3.91 22.69 -5.70
CA LEU C 115 -3.50 22.01 -6.92
C LEU C 115 -4.02 22.81 -8.11
N ILE C 116 -3.12 23.16 -9.02
CA ILE C 116 -3.43 24.07 -10.15
C ILE C 116 -3.49 23.29 -11.48
N PRO C 117 -4.67 23.34 -12.16
CA PRO C 117 -4.85 22.69 -13.46
C PRO C 117 -4.14 23.44 -14.58
N SER C 118 -3.73 22.72 -15.62
CA SER C 118 -3.12 23.34 -16.80
C SER C 118 -4.14 24.09 -17.66
N THR C 119 -5.42 23.86 -17.41
CA THR C 119 -6.51 24.42 -18.22
C THR C 119 -6.82 25.88 -17.89
N ASN C 120 -6.80 26.20 -16.60
CA ASN C 120 -7.09 27.54 -16.12
C ASN C 120 -6.01 27.99 -15.10
N PRO C 121 -4.73 28.03 -15.51
CA PRO C 121 -3.67 28.06 -14.49
C PRO C 121 -3.51 29.38 -13.73
N THR C 122 -3.35 30.51 -14.44
CA THR C 122 -3.03 31.78 -13.80
C THR C 122 -4.24 32.35 -13.07
N SER C 123 -5.42 32.10 -13.62
CA SER C 123 -6.65 32.57 -13.04
C SER C 123 -6.96 31.85 -11.72
N THR C 124 -6.67 30.55 -11.65
CA THR C 124 -6.97 29.72 -10.48
C THR C 124 -6.01 30.04 -9.34
N VAL C 125 -4.77 30.32 -9.70
CA VAL C 125 -3.73 30.80 -8.78
C VAL C 125 -4.20 32.09 -8.12
N ILE C 126 -4.64 33.07 -8.92
CA ILE C 126 -5.12 34.35 -8.37
C ILE C 126 -6.33 34.15 -7.46
N TYR C 127 -7.30 33.35 -7.93
CA TYR C 127 -8.51 33.10 -7.17
C TYR C 127 -8.25 32.38 -5.85
N LYS C 128 -7.41 31.35 -5.87
CA LYS C 128 -7.11 30.58 -4.66
C LYS C 128 -6.31 31.40 -3.65
N THR C 129 -5.43 32.27 -4.14
CA THR C 129 -4.65 33.15 -3.28
C THR C 129 -5.53 34.18 -2.56
N LEU C 130 -6.43 34.81 -3.30
CA LEU C 130 -7.30 35.84 -2.73
C LEU C 130 -8.16 35.28 -1.61
N ILE C 131 -8.77 34.12 -1.85
CA ILE C 131 -9.70 33.54 -0.88
C ILE C 131 -9.00 32.88 0.32
N SER C 132 -7.80 32.35 0.11
CA SER C 132 -7.05 31.71 1.19
C SER C 132 -6.47 32.76 2.13
N ILE C 133 -5.81 33.77 1.57
CA ILE C 133 -5.29 34.93 2.33
C ILE C 133 -6.42 35.68 3.06
N LYS C 134 -7.59 35.81 2.40
CA LYS C 134 -8.76 36.50 2.97
C LYS C 134 -9.25 35.82 4.24
N ALA C 135 -9.15 34.49 4.28
CA ALA C 135 -9.53 33.71 5.46
C ALA C 135 -8.38 33.50 6.46
N GLY C 136 -7.20 34.06 6.16
CA GLY C 136 -6.07 34.06 7.10
C GLY C 136 -5.12 32.89 6.95
N ASN C 137 -5.13 32.27 5.78
CA ASN C 137 -4.37 31.05 5.53
C ASN C 137 -3.13 31.31 4.70
N SER C 138 -2.14 30.42 4.82
CA SER C 138 -1.04 30.36 3.85
C SER C 138 -1.39 29.38 2.75
N ILE C 139 -0.79 29.58 1.57
CA ILE C 139 -1.08 28.72 0.43
C ILE C 139 0.20 28.25 -0.26
N VAL C 140 0.33 26.94 -0.42
CA VAL C 140 1.40 26.33 -1.22
C VAL C 140 0.75 25.73 -2.45
N PHE C 141 1.22 26.10 -3.65
CA PHE C 141 0.64 25.62 -4.91
C PHE C 141 1.35 24.41 -5.55
N SER C 142 0.56 23.52 -6.14
CA SER C 142 1.08 22.40 -6.91
C SER C 142 0.75 22.61 -8.39
N PRO C 143 1.75 23.05 -9.17
CA PRO C 143 1.55 23.38 -10.58
C PRO C 143 1.59 22.16 -11.49
N HIS C 144 0.73 22.17 -12.51
CA HIS C 144 0.79 21.18 -13.55
C HIS C 144 2.09 21.41 -14.31
N PRO C 145 2.87 20.34 -14.55
CA PRO C 145 4.13 20.42 -15.29
C PRO C 145 4.09 21.29 -16.55
N ASN C 146 3.00 21.25 -17.33
CA ASN C 146 2.99 22.01 -18.58
CA ASN C 146 2.89 21.95 -18.61
C ASN C 146 2.39 23.40 -18.53
N ALA C 147 2.12 23.87 -17.31
CA ALA C 147 1.79 25.29 -17.10
C ALA C 147 2.75 25.92 -16.07
N LEU C 148 3.84 25.22 -15.78
CA LEU C 148 4.77 25.56 -14.68
C LEU C 148 5.25 27.00 -14.65
N LYS C 149 5.72 27.52 -15.79
CA LYS C 149 6.30 28.86 -15.85
C LYS C 149 5.26 29.97 -15.68
N ALA C 150 4.07 29.78 -16.25
CA ALA C 150 2.96 30.71 -16.08
C ALA C 150 2.55 30.82 -14.61
N ILE C 151 2.44 29.67 -13.95
CA ILE C 151 1.99 29.60 -12.55
C ILE C 151 3.06 30.21 -11.66
N LEU C 152 4.32 29.89 -11.94
CA LEU C 152 5.44 30.43 -11.16
C LEU C 152 5.53 31.95 -11.22
N GLU C 153 5.33 32.51 -12.42
CA GLU C 153 5.26 33.97 -12.58
C GLU C 153 4.01 34.63 -11.97
N THR C 154 2.87 33.94 -12.02
CA THR C 154 1.65 34.41 -11.32
C THR C 154 1.90 34.54 -9.80
N VAL C 155 2.44 33.47 -9.21
CA VAL C 155 2.82 33.43 -7.80
C VAL C 155 3.87 34.50 -7.46
N ARG C 156 4.88 34.66 -8.33
CA ARG C 156 5.92 35.67 -8.13
C ARG C 156 5.31 37.07 -8.07
N ILE C 157 4.49 37.41 -9.06
CA ILE C 157 3.85 38.73 -9.15
C ILE C 157 2.93 39.01 -7.96
N ILE C 158 2.01 38.09 -7.64
CA ILE C 158 1.05 38.36 -6.57
C ILE C 158 1.64 38.30 -5.15
N SER C 159 2.59 37.40 -4.91
CA SER C 159 3.27 37.32 -3.61
C SER C 159 4.12 38.55 -3.36
N GLU C 160 4.75 39.10 -4.41
CA GLU C 160 5.54 40.32 -4.25
C GLU C 160 4.70 41.54 -3.85
N ALA C 161 3.50 41.67 -4.44
CA ALA C 161 2.57 42.75 -4.12
C ALA C 161 1.96 42.60 -2.72
N ALA C 162 1.71 41.36 -2.33
CA ALA C 162 1.17 41.05 -0.99
C ALA C 162 2.18 41.42 0.08
N GLU C 163 3.42 40.98 -0.11
CA GLU C 163 4.53 41.25 0.80
C GLU C 163 4.83 42.74 0.96
N LYS C 164 4.69 43.48 -0.14
CA LYS C 164 4.70 44.94 -0.13
C LYS C 164 3.63 45.54 0.78
N ALA C 165 2.44 44.94 0.79
CA ALA C 165 1.31 45.44 1.56
C ALA C 165 1.25 44.92 3.01
N GLY C 166 2.30 44.22 3.46
CA GLY C 166 2.38 43.74 4.84
C GLY C 166 2.34 42.23 5.07
N CYS C 167 2.06 41.46 4.01
CA CYS C 167 2.02 39.99 4.08
C CYS C 167 3.40 39.41 4.40
N PRO C 168 3.44 38.42 5.32
CA PRO C 168 4.74 37.84 5.66
C PRO C 168 5.26 37.02 4.48
N LYS C 169 6.57 37.00 4.29
CA LYS C 169 7.20 36.17 3.29
C LYS C 169 6.87 34.69 3.54
N GLY C 170 6.67 33.93 2.47
CA GLY C 170 6.41 32.50 2.58
C GLY C 170 4.95 32.08 2.69
N ALA C 171 4.05 33.07 2.82
CA ALA C 171 2.61 32.81 2.92
C ALA C 171 1.98 32.38 1.59
N ILE C 172 2.58 32.82 0.49
CA ILE C 172 2.16 32.47 -0.88
C ILE C 172 3.38 31.92 -1.62
N SER C 173 3.38 30.62 -1.89
CA SER C 173 4.50 29.95 -2.56
C SER C 173 4.05 28.84 -3.51
N CYS C 174 5.02 28.28 -4.24
CA CYS C 174 4.71 27.33 -5.30
C CYS C 174 5.86 26.37 -5.48
N MET C 175 5.55 25.10 -5.75
CA MET C 175 6.58 24.14 -6.15
C MET C 175 7.24 24.58 -7.47
N THR C 176 8.57 24.58 -7.50
CA THR C 176 9.32 24.87 -8.73
C THR C 176 9.69 23.58 -9.46
N VAL C 177 9.60 22.46 -8.74
CA VAL C 177 9.92 21.13 -9.29
C VAL C 177 8.68 20.20 -9.22
N PRO C 178 7.84 20.21 -10.27
CA PRO C 178 6.61 19.38 -10.26
C PRO C 178 6.88 17.89 -10.41
N THR C 179 6.60 17.12 -9.36
CA THR C 179 6.65 15.66 -9.43
C THR C 179 5.39 15.09 -8.77
N ILE C 180 5.00 13.86 -9.14
CA ILE C 180 3.90 13.20 -8.43
C ILE C 180 4.25 12.96 -6.95
N GLN C 181 5.52 12.64 -6.68
CA GLN C 181 6.04 12.36 -5.35
C GLN C 181 5.99 13.61 -4.47
N GLY C 182 6.31 14.75 -5.09
CA GLY C 182 6.29 16.05 -4.43
C GLY C 182 4.88 16.45 -4.05
N THR C 183 3.96 16.31 -4.99
CA THR C 183 2.53 16.62 -4.79
C THR C 183 1.89 15.68 -3.75
N ASP C 184 2.30 14.41 -3.77
CA ASP C 184 1.93 13.41 -2.77
C ASP C 184 2.28 13.84 -1.36
N GLN C 185 3.51 14.36 -1.19
CA GLN C 185 3.99 14.88 0.10
C GLN C 185 3.22 16.13 0.55
N LEU C 186 2.95 17.05 -0.37
CA LEU C 186 2.20 18.26 -0.09
C LEU C 186 0.82 17.93 0.45
N MET C 187 0.20 16.93 -0.17
CA MET C 187 -1.11 16.45 0.22
C MET C 187 -1.06 15.76 1.59
N LYS C 188 -0.11 14.83 1.76
CA LYS C 188 -0.06 13.98 2.96
C LYS C 188 0.49 14.66 4.22
N HIS C 189 1.14 15.81 4.05
CA HIS C 189 1.91 16.44 5.13
C HIS C 189 1.06 16.82 6.32
N LYS C 190 1.57 16.51 7.51
CA LYS C 190 0.90 16.82 8.78
C LYS C 190 0.49 18.29 8.89
N ASP C 191 1.36 19.17 8.38
CA ASP C 191 1.18 20.59 8.48
C ASP C 191 0.42 21.20 7.30
N THR C 192 -0.10 20.33 6.44
CA THR C 192 -1.02 20.77 5.42
C THR C 192 -2.41 20.58 6.03
N ALA C 193 -3.16 21.68 6.08
CA ALA C 193 -4.47 21.73 6.73
C ALA C 193 -5.61 21.28 5.83
N VAL C 194 -5.63 21.76 4.59
CA VAL C 194 -6.66 21.35 3.61
C VAL C 194 -6.07 21.32 2.20
N ILE C 195 -6.60 20.45 1.35
CA ILE C 195 -6.24 20.42 -0.07
C ILE C 195 -7.40 20.98 -0.88
N LEU C 196 -7.14 22.05 -1.63
CA LEU C 196 -8.04 22.49 -2.69
C LEU C 196 -7.70 21.70 -3.95
N ALA C 197 -8.51 20.69 -4.23
CA ALA C 197 -8.24 19.68 -5.25
C ALA C 197 -8.97 19.97 -6.55
N THR C 198 -8.39 20.84 -7.36
CA THR C 198 -8.94 21.15 -8.66
C THR C 198 -8.12 20.39 -9.70
N GLY C 199 -8.69 19.30 -10.19
CA GLY C 199 -8.03 18.41 -11.15
C GLY C 199 -8.91 17.24 -11.54
N GLY C 200 -8.30 16.21 -12.12
CA GLY C 200 -9.00 14.99 -12.55
C GLY C 200 -9.60 14.14 -11.44
N SER C 201 -10.21 13.02 -11.83
CA SER C 201 -10.88 12.11 -10.88
C SER C 201 -9.92 11.22 -10.08
N ALA C 202 -8.75 10.93 -10.65
CA ALA C 202 -7.72 10.21 -9.92
C ALA C 202 -7.02 11.14 -8.92
N MET C 203 -6.84 12.40 -9.30
CA MET C 203 -6.23 13.43 -8.46
C MET C 203 -7.09 13.80 -7.25
N VAL C 204 -8.41 13.88 -7.46
CA VAL C 204 -9.35 14.15 -6.37
C VAL C 204 -9.43 12.95 -5.42
N LYS C 205 -9.59 11.75 -5.97
CA LYS C 205 -9.57 10.50 -5.18
C LYS C 205 -8.28 10.34 -4.34
N ALA C 206 -7.14 10.79 -4.88
CA ALA C 206 -5.88 10.83 -4.14
C ALA C 206 -5.97 11.78 -2.95
N ALA C 207 -6.54 12.97 -3.18
CA ALA C 207 -6.70 13.98 -2.14
C ALA C 207 -7.59 13.53 -0.98
N TYR C 208 -8.60 12.69 -1.29
CA TYR C 208 -9.50 12.14 -0.27
C TYR C 208 -8.94 10.87 0.37
N SER C 209 -7.81 10.41 -0.17
CA SER C 209 -7.09 9.25 0.38
C SER C 209 -5.77 9.65 1.05
N SER C 210 -5.57 10.95 1.22
CA SER C 210 -4.27 11.49 1.67
C SER C 210 -4.08 11.53 3.19
N GLY C 211 -5.18 11.54 3.94
CA GLY C 211 -5.16 11.74 5.39
C GLY C 211 -5.48 13.18 5.78
N THR C 212 -5.50 14.07 4.80
CA THR C 212 -5.66 15.50 5.01
C THR C 212 -7.05 15.77 4.51
N PRO C 213 -7.82 16.64 5.23
CA PRO C 213 -9.11 17.05 4.69
C PRO C 213 -8.96 17.68 3.31
N ALA C 214 -9.83 17.28 2.40
CA ALA C 214 -9.76 17.72 1.01
C ALA C 214 -11.07 18.35 0.62
N ILE C 215 -10.96 19.31 -0.29
CA ILE C 215 -12.10 19.90 -0.97
C ILE C 215 -11.95 19.73 -2.49
N GLY C 216 -12.73 18.79 -3.02
CA GLY C 216 -12.55 18.24 -4.36
C GLY C 216 -13.61 18.59 -5.39
N VAL C 217 -13.29 18.35 -6.65
CA VAL C 217 -14.18 18.64 -7.77
C VAL C 217 -14.48 17.35 -8.54
N GLY C 218 -15.41 17.42 -9.48
CA GLY C 218 -15.69 16.27 -10.33
C GLY C 218 -15.62 16.72 -11.77
N PRO C 219 -15.82 15.78 -12.71
CA PRO C 219 -15.93 16.20 -14.11
C PRO C 219 -17.21 16.99 -14.36
N GLY C 220 -17.12 17.99 -15.22
CA GLY C 220 -18.29 18.71 -15.67
C GLY C 220 -18.80 18.10 -16.96
N ASN C 221 -20.02 17.61 -16.94
CA ASN C 221 -20.58 16.94 -18.12
C ASN C 221 -21.97 17.49 -18.41
N GLY C 222 -22.06 18.82 -18.35
CA GLY C 222 -23.31 19.56 -18.27
C GLY C 222 -24.10 19.58 -19.55
N PRO C 223 -25.30 18.97 -19.52
CA PRO C 223 -26.23 19.13 -20.65
C PRO C 223 -26.84 20.53 -20.64
N ALA C 224 -27.13 21.08 -21.82
CA ALA C 224 -27.93 22.29 -21.90
C ALA C 224 -29.23 21.94 -22.60
N PHE C 225 -30.28 21.81 -21.80
CA PHE C 225 -31.61 21.57 -22.31
C PHE C 225 -32.19 22.88 -22.83
N ILE C 226 -32.49 22.93 -24.12
CA ILE C 226 -33.26 24.04 -24.67
C ILE C 226 -34.70 23.58 -24.75
N GLU C 227 -35.51 24.12 -23.85
CA GLU C 227 -36.95 23.78 -23.70
C GLU C 227 -37.79 24.56 -24.71
N ARG C 228 -38.91 23.95 -25.12
CA ARG C 228 -39.86 24.49 -26.12
C ARG C 228 -40.12 26.01 -26.10
N SER C 229 -40.16 26.61 -24.90
CA SER C 229 -40.46 28.04 -24.75
C SER C 229 -39.24 28.99 -24.74
N ALA C 230 -38.04 28.45 -24.92
CA ALA C 230 -36.83 29.27 -25.02
C ALA C 230 -36.77 30.07 -26.33
N ASN C 231 -36.24 31.29 -26.23
CA ASN C 231 -35.80 32.05 -27.38
C ASN C 231 -34.60 31.29 -27.93
N ILE C 232 -34.78 30.74 -29.12
CA ILE C 232 -33.72 29.94 -29.76
C ILE C 232 -32.41 30.75 -30.01
N PRO C 233 -32.47 31.92 -30.73
CA PRO C 233 -31.26 32.77 -30.89
C PRO C 233 -30.44 33.08 -29.64
N ARG C 234 -31.10 33.42 -28.54
CA ARG C 234 -30.40 33.74 -27.29
C ARG C 234 -29.77 32.50 -26.65
N ALA C 235 -30.52 31.41 -26.59
CA ALA C 235 -30.01 30.13 -26.09
C ALA C 235 -28.78 29.65 -26.87
N VAL C 236 -28.85 29.69 -28.20
CA VAL C 236 -27.70 29.28 -29.03
C VAL C 236 -26.50 30.20 -28.80
N LYS C 237 -26.73 31.51 -28.74
CA LYS C 237 -25.72 32.47 -28.36
C LYS C 237 -25.06 32.17 -27.02
N HIS C 238 -25.85 31.88 -25.98
CA HIS C 238 -25.30 31.60 -24.65
C HIS C 238 -24.37 30.41 -24.65
N ILE C 239 -24.83 29.33 -25.29
CA ILE C 239 -24.09 28.08 -25.41
C ILE C 239 -22.75 28.28 -26.15
N LEU C 240 -22.79 28.95 -27.31
CA LEU C 240 -21.57 29.20 -28.07
C LEU C 240 -20.62 30.10 -27.33
N ASP C 241 -21.14 31.14 -26.68
CA ASP C 241 -20.36 32.01 -25.77
C ASP C 241 -19.52 31.21 -24.75
N SER C 242 -20.14 30.16 -24.19
CA SER C 242 -19.52 29.34 -23.17
C SER C 242 -18.62 28.24 -23.75
N LYS C 243 -19.18 27.41 -24.62
CA LYS C 243 -18.45 26.33 -25.26
C LYS C 243 -17.15 26.80 -25.95
N THR C 244 -17.23 27.92 -26.67
CA THR C 244 -16.04 28.43 -27.37
C THR C 244 -15.12 29.29 -26.50
N PHE C 245 -15.50 29.52 -25.23
CA PHE C 245 -14.67 30.35 -24.34
C PHE C 245 -13.41 29.60 -23.95
N ASP C 246 -12.27 30.17 -24.37
CA ASP C 246 -10.93 29.62 -24.16
C ASP C 246 -10.83 28.18 -24.69
N ASN C 247 -11.46 27.92 -25.85
CA ASN C 247 -11.59 26.58 -26.44
C ASN C 247 -12.17 25.50 -25.50
N GLY C 248 -13.13 25.89 -24.67
CA GLY C 248 -13.86 24.95 -23.80
C GLY C 248 -13.11 24.45 -22.57
N THR C 249 -12.14 25.22 -22.07
CA THR C 249 -11.32 24.78 -20.93
C THR C 249 -12.04 24.77 -19.57
N ILE C 250 -13.11 25.55 -19.44
CA ILE C 250 -13.88 25.65 -18.19
C ILE C 250 -14.84 24.45 -18.00
N CYS C 251 -14.76 23.80 -16.83
CA CYS C 251 -15.55 22.59 -16.50
CA CYS C 251 -15.55 22.60 -16.56
C CYS C 251 -17.06 22.79 -16.53
N ALA C 252 -17.51 24.04 -16.36
CA ALA C 252 -18.93 24.35 -16.30
C ALA C 252 -19.54 24.60 -17.68
N SER C 253 -18.73 24.45 -18.73
CA SER C 253 -19.23 24.63 -20.07
C SER C 253 -20.13 23.44 -20.47
N GLU C 254 -20.98 23.66 -21.46
CA GLU C 254 -21.93 22.68 -21.95
C GLU C 254 -21.17 21.50 -22.54
N GLN C 255 -21.63 20.29 -22.28
CA GLN C 255 -21.05 19.11 -22.95
C GLN C 255 -22.02 18.50 -23.97
N SER C 256 -23.29 18.81 -23.79
CA SER C 256 -24.31 18.38 -24.73
C SER C 256 -25.40 19.42 -24.83
N VAL C 257 -26.18 19.32 -25.91
CA VAL C 257 -27.41 20.06 -26.11
C VAL C 257 -28.51 19.00 -26.15
N VAL C 258 -29.56 19.22 -25.38
CA VAL C 258 -30.78 18.43 -25.45
C VAL C 258 -31.89 19.34 -26.01
N VAL C 259 -32.56 18.88 -27.05
CA VAL C 259 -33.66 19.65 -27.64
C VAL C 259 -34.93 18.82 -27.57
N GLU C 260 -36.08 19.49 -27.66
CA GLU C 260 -37.35 18.81 -27.85
C GLU C 260 -37.62 18.61 -29.34
N ARG C 261 -38.55 17.72 -29.67
CA ARG C 261 -38.89 17.47 -31.05
C ARG C 261 -39.42 18.72 -31.75
N VAL C 262 -40.23 19.52 -31.04
CA VAL C 262 -40.84 20.70 -31.64
C VAL C 262 -39.80 21.76 -32.10
N ASN C 263 -38.72 21.92 -31.34
CA ASN C 263 -37.68 22.89 -31.65
C ASN C 263 -36.41 22.31 -32.30
N LYS C 264 -36.36 21.00 -32.52
CA LYS C 264 -35.11 20.36 -32.96
C LYS C 264 -34.43 21.02 -34.18
N GLU C 265 -35.16 21.08 -35.28
CA GLU C 265 -34.62 21.66 -36.52
C GLU C 265 -34.40 23.15 -36.45
N ALA C 266 -35.25 23.85 -35.68
CA ALA C 266 -35.11 25.30 -35.50
C ALA C 266 -33.82 25.63 -34.76
N VAL C 267 -33.43 24.75 -33.85
CA VAL C 267 -32.19 24.86 -33.08
C VAL C 267 -30.95 24.50 -33.89
N ILE C 268 -31.01 23.40 -34.63
CA ILE C 268 -29.92 22.98 -35.53
C ILE C 268 -29.59 24.09 -36.52
N ALA C 269 -30.63 24.66 -37.12
CA ALA C 269 -30.48 25.78 -38.06
C ALA C 269 -29.86 27.03 -37.43
N GLU C 270 -30.30 27.37 -36.21
CA GLU C 270 -29.70 28.50 -35.44
C GLU C 270 -28.25 28.29 -35.04
N PHE C 271 -27.90 27.08 -34.59
CA PHE C 271 -26.50 26.72 -34.35
C PHE C 271 -25.63 26.93 -35.59
N ARG C 272 -26.11 26.42 -36.73
CA ARG C 272 -25.46 26.60 -38.03
C ARG C 272 -25.31 28.08 -38.37
N LYS C 273 -26.40 28.84 -38.21
CA LYS C 273 -26.41 30.27 -38.53
C LYS C 273 -25.41 31.07 -37.72
N GLN C 274 -25.18 30.64 -36.48
CA GLN C 274 -24.18 31.29 -35.60
C GLN C 274 -22.78 30.65 -35.64
N GLY C 275 -22.58 29.70 -36.56
CA GLY C 275 -21.25 29.22 -36.89
C GLY C 275 -20.88 27.82 -36.43
N ALA C 276 -21.85 27.03 -35.99
CA ALA C 276 -21.57 25.64 -35.59
C ALA C 276 -21.48 24.72 -36.79
N HIS C 277 -20.67 23.67 -36.68
CA HIS C 277 -20.59 22.68 -37.76
C HIS C 277 -21.10 21.34 -37.26
N PHE C 278 -22.13 20.83 -37.93
CA PHE C 278 -22.70 19.53 -37.60
C PHE C 278 -21.97 18.42 -38.34
N LEU C 279 -21.46 17.47 -37.58
CA LEU C 279 -20.76 16.36 -38.16
C LEU C 279 -21.78 15.43 -38.78
N SER C 280 -21.42 14.88 -39.92
CA SER C 280 -22.15 13.80 -40.53
C SER C 280 -21.99 12.60 -39.61
N ASP C 281 -22.82 11.58 -39.82
CA ASP C 281 -22.75 10.36 -39.04
C ASP C 281 -21.36 9.75 -39.08
N ALA C 282 -20.77 9.74 -40.27
CA ALA C 282 -19.44 9.19 -40.53
C ALA C 282 -18.33 10.01 -39.88
N GLU C 283 -18.42 11.33 -39.98
CA GLU C 283 -17.50 12.27 -39.32
C GLU C 283 -17.55 12.18 -37.78
N ALA C 284 -18.75 11.87 -37.26
CA ALA C 284 -19.00 11.73 -35.82
C ALA C 284 -18.31 10.51 -35.23
N VAL C 285 -18.48 9.36 -35.88
CA VAL C 285 -17.80 8.13 -35.43
C VAL C 285 -16.28 8.24 -35.56
N GLN C 286 -15.81 8.79 -36.68
CA GLN C 286 -14.38 9.03 -36.87
C GLN C 286 -13.73 9.85 -35.74
N LEU C 287 -14.34 10.99 -35.37
CA LEU C 287 -13.87 11.78 -34.24
C LEU C 287 -14.06 11.06 -32.90
N GLY C 288 -15.16 10.30 -32.80
CA GLY C 288 -15.46 9.53 -31.58
C GLY C 288 -14.40 8.47 -31.30
N LYS C 289 -13.98 7.78 -32.36
CA LYS C 289 -12.86 6.83 -32.31
C LYS C 289 -11.56 7.48 -31.83
N PHE C 290 -11.33 8.72 -32.26
CA PHE C 290 -10.14 9.48 -31.85
C PHE C 290 -10.22 10.00 -30.40
N ILE C 291 -11.42 10.40 -29.98
CA ILE C 291 -11.64 10.97 -28.64
C ILE C 291 -11.55 9.93 -27.50
N LEU C 292 -12.15 8.76 -27.74
CA LEU C 292 -12.10 7.66 -26.78
C LEU C 292 -10.85 6.81 -27.01
N ARG C 293 -9.95 6.82 -26.02
CA ARG C 293 -8.73 6.02 -26.03
C ARG C 293 -9.04 4.55 -25.70
N PRO C 294 -8.13 3.62 -26.05
CA PRO C 294 -8.36 2.17 -25.77
C PRO C 294 -8.60 1.81 -24.29
N ASN C 295 -7.98 2.55 -23.38
CA ASN C 295 -8.18 2.32 -21.94
C ASN C 295 -9.46 2.95 -21.37
N GLY C 296 -10.21 3.66 -22.20
CA GLY C 296 -11.46 4.31 -21.78
C GLY C 296 -11.27 5.73 -21.31
N SER C 297 -10.03 6.21 -21.35
CA SER C 297 -9.71 7.60 -21.06
C SER C 297 -10.17 8.47 -22.23
N MET C 298 -10.41 9.75 -21.95
CA MET C 298 -10.69 10.69 -23.00
C MET C 298 -9.37 11.30 -23.49
N ASN C 299 -9.23 11.49 -24.80
CA ASN C 299 -7.95 11.91 -25.41
C ASN C 299 -7.55 13.32 -24.97
N PRO C 300 -6.42 13.45 -24.23
CA PRO C 300 -5.96 14.77 -23.79
C PRO C 300 -5.63 15.68 -24.97
N ALA C 301 -5.24 15.08 -26.11
CA ALA C 301 -4.92 15.82 -27.36
C ALA C 301 -5.97 16.82 -27.86
N ILE C 302 -7.21 16.72 -27.37
CA ILE C 302 -8.27 17.70 -27.72
C ILE C 302 -8.37 18.90 -26.76
N VAL C 303 -7.82 18.76 -25.55
CA VAL C 303 -8.06 19.73 -24.50
C VAL C 303 -7.60 21.12 -24.89
N GLY C 304 -8.54 22.06 -24.86
CA GLY C 304 -8.28 23.46 -25.13
C GLY C 304 -7.80 23.77 -26.54
N LYS C 305 -8.14 22.91 -27.51
CA LYS C 305 -7.63 23.10 -28.88
C LYS C 305 -8.70 23.67 -29.79
N SER C 306 -8.28 24.27 -30.90
CA SER C 306 -9.20 24.90 -31.82
C SER C 306 -9.98 23.82 -32.58
N VAL C 307 -11.11 24.23 -33.16
CA VAL C 307 -11.92 23.37 -34.05
C VAL C 307 -11.11 22.82 -35.22
N GLN C 308 -10.29 23.68 -35.84
CA GLN C 308 -9.44 23.25 -36.94
C GLN C 308 -8.36 22.29 -36.46
N HIS C 309 -7.79 22.54 -35.27
CA HIS C 309 -6.74 21.68 -34.72
C HIS C 309 -7.24 20.28 -34.50
N ILE C 310 -8.41 20.19 -33.86
CA ILE C 310 -9.11 18.94 -33.56
C ILE C 310 -9.56 18.20 -34.84
N ALA C 311 -10.15 18.94 -35.79
CA ALA C 311 -10.53 18.33 -37.07
C ALA C 311 -9.34 17.65 -37.75
N ASN C 312 -8.19 18.33 -37.79
CA ASN C 312 -6.97 17.79 -38.41
C ASN C 312 -6.44 16.51 -37.74
N LEU C 313 -6.42 16.51 -36.41
CA LEU C 313 -6.07 15.33 -35.60
C LEU C 313 -6.96 14.14 -35.91
N ALA C 314 -8.26 14.39 -36.07
CA ALA C 314 -9.24 13.35 -36.35
C ALA C 314 -9.34 12.90 -37.83
N GLY C 315 -8.56 13.52 -38.72
CA GLY C 315 -8.66 13.21 -40.15
C GLY C 315 -9.86 13.87 -40.81
N LEU C 316 -10.34 14.96 -40.22
CA LEU C 316 -11.54 15.67 -40.72
C LEU C 316 -11.18 16.88 -41.57
N THR C 317 -12.08 17.22 -42.48
CA THR C 317 -12.00 18.48 -43.22
C THR C 317 -13.29 19.25 -42.95
N VAL C 318 -13.14 20.34 -42.21
CA VAL C 318 -14.26 21.09 -41.67
C VAL C 318 -14.11 22.56 -42.09
N PRO C 319 -15.24 23.24 -42.43
CA PRO C 319 -15.24 24.67 -42.77
C PRO C 319 -14.35 25.55 -41.88
N ALA C 320 -13.72 26.54 -42.49
CA ALA C 320 -12.73 27.36 -41.81
C ALA C 320 -13.28 28.21 -40.66
N ASP C 321 -14.54 28.64 -40.77
CA ASP C 321 -15.16 29.49 -39.75
C ASP C 321 -16.08 28.76 -38.77
N ALA C 322 -15.97 27.42 -38.75
CA ALA C 322 -16.71 26.56 -37.83
C ALA C 322 -16.29 26.83 -36.40
N ARG C 323 -17.26 27.05 -35.51
CA ARG C 323 -16.97 27.51 -34.14
C ARG C 323 -17.03 26.40 -33.10
N VAL C 324 -17.89 25.41 -33.32
CA VAL C 324 -17.93 24.17 -32.56
C VAL C 324 -18.23 23.01 -33.47
N LEU C 325 -17.73 21.82 -33.11
CA LEU C 325 -18.15 20.59 -33.74
C LEU C 325 -19.30 19.98 -32.94
N ILE C 326 -20.38 19.63 -33.63
CA ILE C 326 -21.55 19.05 -32.99
C ILE C 326 -21.82 17.71 -33.64
N ALA C 327 -22.06 16.70 -32.81
CA ALA C 327 -22.41 15.36 -33.25
C ALA C 327 -23.71 14.91 -32.60
N GLU C 328 -24.64 14.41 -33.40
CA GLU C 328 -25.86 13.83 -32.84
C GLU C 328 -25.55 12.55 -32.11
N GLU C 329 -26.19 12.38 -30.96
CA GLU C 329 -25.92 11.25 -30.08
C GLU C 329 -27.26 10.67 -29.59
N THR C 330 -27.32 9.36 -29.41
CA THR C 330 -28.52 8.70 -28.89
C THR C 330 -28.29 7.95 -27.57
N LYS C 331 -27.05 7.51 -27.34
CA LYS C 331 -26.74 6.71 -26.17
C LYS C 331 -25.90 7.43 -25.13
N VAL C 332 -25.71 6.74 -24.01
CA VAL C 332 -25.00 7.20 -22.82
C VAL C 332 -24.23 5.97 -22.33
N GLY C 333 -23.00 6.20 -21.90
CA GLY C 333 -22.12 5.12 -21.42
C GLY C 333 -20.64 5.49 -21.45
N ALA C 334 -19.83 4.63 -20.85
CA ALA C 334 -18.38 4.81 -20.80
C ALA C 334 -17.73 4.65 -22.18
N LYS C 335 -18.37 3.90 -23.06
CA LYS C 335 -17.91 3.66 -24.42
C LYS C 335 -18.48 4.66 -25.43
N ILE C 336 -19.14 5.71 -24.92
CA ILE C 336 -19.87 6.67 -25.75
C ILE C 336 -19.23 8.03 -25.48
N PRO C 337 -18.17 8.38 -26.25
CA PRO C 337 -17.39 9.58 -25.92
C PRO C 337 -18.17 10.91 -25.95
N TYR C 338 -19.19 11.00 -26.79
CA TYR C 338 -19.99 12.23 -26.87
C TYR C 338 -20.79 12.47 -25.58
N SER C 339 -21.10 11.38 -24.86
CA SER C 339 -21.79 11.48 -23.56
C SER C 339 -20.86 11.82 -22.37
N ARG C 340 -19.60 12.12 -22.65
CA ARG C 340 -18.60 12.38 -21.59
C ARG C 340 -17.94 13.77 -21.69
N GLU C 341 -17.14 14.19 -20.69
CA GLU C 341 -16.52 15.53 -20.73
C GLU C 341 -15.40 15.70 -21.76
N LYS C 342 -15.60 16.70 -22.60
CA LYS C 342 -14.74 17.02 -23.76
C LYS C 342 -14.42 18.47 -23.54
N LEU C 343 -13.28 18.72 -22.92
CA LEU C 343 -12.83 20.06 -22.64
C LEU C 343 -12.27 20.68 -23.91
N ALA C 344 -13.17 20.98 -24.85
CA ALA C 344 -12.85 21.31 -26.24
C ALA C 344 -14.14 21.89 -26.82
N PRO C 345 -14.07 22.59 -27.97
CA PRO C 345 -15.33 23.04 -28.55
C PRO C 345 -16.06 21.93 -29.37
N ILE C 346 -16.39 20.83 -28.68
CA ILE C 346 -17.13 19.68 -29.21
C ILE C 346 -18.35 19.39 -28.32
N LEU C 347 -19.54 19.33 -28.92
CA LEU C 347 -20.80 19.11 -28.19
C LEU C 347 -21.52 17.88 -28.72
N ALA C 348 -22.11 17.08 -27.85
CA ALA C 348 -23.11 16.10 -28.31
C ALA C 348 -24.45 16.80 -28.49
N PHE C 349 -25.33 16.18 -29.26
CA PHE C 349 -26.60 16.78 -29.57
C PHE C 349 -27.65 15.68 -29.48
N TYR C 350 -28.49 15.78 -28.44
CA TYR C 350 -29.57 14.83 -28.13
C TYR C 350 -30.97 15.38 -28.40
N THR C 351 -31.89 14.51 -28.82
CA THR C 351 -33.28 14.88 -29.05
C THR C 351 -34.20 14.13 -28.08
N ALA C 352 -35.04 14.87 -27.38
CA ALA C 352 -36.06 14.29 -26.52
C ALA C 352 -37.41 14.70 -27.09
N GLU C 353 -38.42 13.86 -26.92
CA GLU C 353 -39.75 14.20 -27.42
C GLU C 353 -40.42 15.26 -26.54
N THR C 354 -40.23 15.16 -25.22
CA THR C 354 -40.89 16.05 -24.25
C THR C 354 -39.88 16.56 -23.22
N TRP C 355 -40.30 17.47 -22.34
CA TRP C 355 -39.39 17.95 -21.27
C TRP C 355 -39.12 16.86 -20.23
N GLN C 356 -40.08 15.97 -20.04
CA GLN C 356 -39.94 14.86 -19.09
C GLN C 356 -38.96 13.82 -19.63
N GLU C 357 -38.95 13.61 -20.94
CA GLU C 357 -37.96 12.74 -21.55
C GLU C 357 -36.56 13.35 -21.46
N ALA C 358 -36.48 14.67 -21.58
CA ALA C 358 -35.22 15.44 -21.48
C ALA C 358 -34.62 15.44 -20.08
N CYS C 359 -35.51 15.48 -19.09
CA CYS C 359 -35.13 15.36 -17.68
C CYS C 359 -34.55 13.97 -17.44
N GLU C 360 -35.25 12.93 -17.88
CA GLU C 360 -34.79 11.54 -17.71
C GLU C 360 -33.44 11.28 -18.38
N LEU C 361 -33.28 11.77 -19.60
CA LEU C 361 -32.01 11.63 -20.31
C LEU C 361 -30.88 12.39 -19.62
N SER C 362 -31.18 13.56 -19.08
CA SER C 362 -30.16 14.33 -18.37
C SER C 362 -29.70 13.60 -17.11
N MET C 363 -30.64 12.99 -16.40
CA MET C 363 -30.33 12.22 -15.21
C MET C 363 -29.40 11.06 -15.55
N ASP C 364 -29.72 10.37 -16.65
CA ASP C 364 -28.91 9.26 -17.17
C ASP C 364 -27.50 9.67 -17.63
N ILE C 365 -27.39 10.84 -18.27
CA ILE C 365 -26.10 11.45 -18.63
C ILE C 365 -25.29 11.72 -17.36
N LEU C 366 -25.91 12.43 -16.43
CA LEU C 366 -25.25 12.90 -15.22
C LEU C 366 -24.84 11.78 -14.28
N TYR C 367 -25.67 10.74 -14.20
CA TYR C 367 -25.37 9.57 -13.38
C TYR C 367 -24.19 8.74 -13.88
N HIS C 368 -23.99 8.68 -15.20
CA HIS C 368 -22.81 7.97 -15.70
C HIS C 368 -21.54 8.80 -15.54
N GLU C 369 -21.67 10.12 -15.69
CA GLU C 369 -20.58 11.09 -15.58
C GLU C 369 -21.12 12.51 -15.41
N GLY C 370 -20.56 13.25 -14.46
CA GLY C 370 -20.93 14.66 -14.25
C GLY C 370 -21.92 15.02 -13.15
N ALA C 371 -22.43 14.01 -12.44
CA ALA C 371 -23.31 14.24 -11.30
C ALA C 371 -22.64 15.14 -10.26
N GLY C 372 -23.42 16.07 -9.71
CA GLY C 372 -22.91 16.99 -8.71
C GLY C 372 -22.28 18.25 -9.25
N HIS C 373 -22.04 18.28 -10.56
CA HIS C 373 -21.46 19.46 -11.15
C HIS C 373 -22.54 20.41 -11.67
N THR C 374 -22.75 20.41 -12.98
CA THR C 374 -23.44 21.49 -13.70
C THR C 374 -24.52 20.91 -14.62
N LEU C 375 -25.65 21.59 -14.70
CA LEU C 375 -26.60 21.39 -15.80
C LEU C 375 -27.14 22.76 -16.18
N ILE C 376 -27.39 22.98 -17.47
CA ILE C 376 -28.03 24.19 -17.98
C ILE C 376 -29.43 23.91 -18.56
N ILE C 377 -30.35 24.84 -18.31
CA ILE C 377 -31.68 24.82 -18.93
C ILE C 377 -32.01 26.19 -19.52
N HIS C 378 -32.43 26.21 -20.78
CA HIS C 378 -32.93 27.43 -21.42
C HIS C 378 -34.41 27.24 -21.56
N SER C 379 -35.16 28.15 -20.95
CA SER C 379 -36.61 28.04 -20.79
C SER C 379 -37.19 29.32 -20.22
N GLU C 380 -38.44 29.58 -20.60
CA GLU C 380 -39.28 30.61 -19.97
C GLU C 380 -40.36 29.95 -19.09
N ASP C 381 -40.29 28.64 -18.93
CA ASP C 381 -41.29 27.92 -18.14
C ASP C 381 -40.84 27.77 -16.68
N LYS C 382 -41.42 28.60 -15.80
CA LYS C 382 -41.15 28.58 -14.36
C LYS C 382 -41.42 27.22 -13.70
N GLU C 383 -42.45 26.51 -14.19
CA GLU C 383 -42.84 25.21 -13.63
C GLU C 383 -41.84 24.10 -13.96
N ILE C 384 -41.36 24.09 -15.20
CA ILE C 384 -40.36 23.12 -15.66
C ILE C 384 -38.98 23.39 -15.02
N ILE C 385 -38.54 24.64 -15.01
CA ILE C 385 -37.32 25.04 -14.28
C ILE C 385 -37.33 24.54 -12.81
N ARG C 386 -38.45 24.75 -12.11
CA ARG C 386 -38.58 24.28 -10.71
C ARG C 386 -38.48 22.77 -10.56
N GLU C 387 -39.09 22.02 -11.49
CA GLU C 387 -38.98 20.56 -11.52
C GLU C 387 -37.51 20.11 -11.72
N PHE C 388 -36.82 20.74 -12.68
CA PHE C 388 -35.37 20.54 -12.88
C PHE C 388 -34.57 20.88 -11.62
N ALA C 389 -34.88 22.02 -11.01
CA ALA C 389 -34.25 22.48 -9.77
C ALA C 389 -34.39 21.46 -8.63
N LEU C 390 -35.54 20.81 -8.54
CA LEU C 390 -35.79 19.84 -7.48
C LEU C 390 -35.32 18.40 -7.79
N LYS C 391 -34.92 18.13 -9.03
CA LYS C 391 -34.63 16.74 -9.43
C LYS C 391 -33.28 16.46 -10.11
N LYS C 392 -32.71 17.42 -10.84
CA LYS C 392 -31.41 17.26 -11.51
CA LYS C 392 -31.42 17.22 -11.51
C LYS C 392 -30.28 17.06 -10.51
N PRO C 393 -29.56 15.92 -10.59
CA PRO C 393 -28.47 15.66 -9.65
C PRO C 393 -27.20 16.49 -9.88
N VAL C 394 -27.30 17.81 -9.73
CA VAL C 394 -26.16 18.73 -9.84
C VAL C 394 -26.07 19.64 -8.62
N SER C 395 -25.00 20.44 -8.53
CA SER C 395 -24.86 21.40 -7.44
C SER C 395 -25.10 22.82 -7.93
N ARG C 396 -24.93 23.02 -9.23
CA ARG C 396 -25.25 24.29 -9.86
C ARG C 396 -26.11 24.07 -11.12
N LEU C 397 -27.33 24.61 -11.10
CA LEU C 397 -28.24 24.48 -12.21
C LEU C 397 -28.44 25.84 -12.82
N LEU C 398 -28.03 25.98 -14.08
CA LEU C 398 -27.93 27.29 -14.69
C LEU C 398 -29.08 27.56 -15.63
N VAL C 399 -29.65 28.75 -15.51
CA VAL C 399 -30.87 29.07 -16.23
C VAL C 399 -30.63 30.27 -17.14
N ASN C 400 -30.86 30.08 -18.44
CA ASN C 400 -30.74 31.16 -19.45
C ASN C 400 -29.44 31.95 -19.32
N THR C 401 -28.32 31.22 -19.35
CA THR C 401 -27.00 31.82 -19.20
C THR C 401 -25.99 30.91 -19.89
N PRO C 402 -24.84 31.48 -20.35
CA PRO C 402 -23.75 30.60 -20.78
C PRO C 402 -23.26 29.70 -19.65
N GLY C 403 -23.08 28.42 -19.93
CA GLY C 403 -22.64 27.45 -18.92
C GLY C 403 -21.37 27.80 -18.18
N ALA C 404 -20.28 27.97 -18.93
CA ALA C 404 -18.94 28.16 -18.36
C ALA C 404 -18.89 29.38 -17.45
N LEU C 405 -19.52 30.45 -17.91
CA LEU C 405 -19.51 31.73 -17.24
C LEU C 405 -20.53 31.79 -16.12
N GLY C 406 -21.66 31.10 -16.32
CA GLY C 406 -22.72 31.07 -15.33
C GLY C 406 -22.33 30.24 -14.12
N GLY C 407 -21.58 29.17 -14.37
CA GLY C 407 -21.20 28.20 -13.35
C GLY C 407 -20.16 28.71 -12.37
N ILE C 408 -19.25 29.55 -12.87
CA ILE C 408 -18.20 30.19 -12.07
C ILE C 408 -18.69 31.47 -11.39
N GLY C 409 -19.90 31.91 -11.72
CA GLY C 409 -20.46 33.14 -11.17
C GLY C 409 -19.95 34.40 -11.84
N ALA C 410 -19.72 34.33 -13.16
CA ALA C 410 -19.41 35.52 -13.95
C ALA C 410 -20.68 36.20 -14.48
N THR C 411 -21.64 35.39 -14.93
CA THR C 411 -22.88 35.91 -15.51
C THR C 411 -24.10 35.65 -14.62
N THR C 412 -23.88 35.02 -13.46
CA THR C 412 -24.96 34.79 -12.50
C THR C 412 -24.55 35.40 -11.14
N ASN C 413 -25.45 35.29 -10.15
CA ASN C 413 -25.10 35.71 -8.80
C ASN C 413 -24.71 34.54 -7.91
N LEU C 414 -24.09 33.54 -8.51
CA LEU C 414 -23.38 32.52 -7.75
C LEU C 414 -22.09 33.13 -7.22
N VAL C 415 -21.53 32.51 -6.19
CA VAL C 415 -20.26 32.92 -5.62
C VAL C 415 -19.19 32.81 -6.73
N PRO C 416 -18.44 33.91 -6.98
CA PRO C 416 -17.34 33.86 -7.94
C PRO C 416 -16.21 32.89 -7.54
N ALA C 417 -16.03 31.85 -8.36
CA ALA C 417 -15.12 30.75 -8.06
C ALA C 417 -14.64 29.97 -9.28
N LEU C 418 -13.39 29.52 -9.21
CA LEU C 418 -12.83 28.60 -10.19
C LEU C 418 -12.67 27.18 -9.64
N THR C 419 -13.09 26.97 -8.39
CA THR C 419 -13.21 25.62 -7.80
C THR C 419 -14.68 25.39 -7.54
N LEU C 420 -15.27 24.49 -8.31
CA LEU C 420 -16.71 24.27 -8.27
C LEU C 420 -16.93 22.90 -7.68
N GLY C 421 -17.29 22.89 -6.39
CA GLY C 421 -17.45 21.65 -5.64
C GLY C 421 -18.58 20.82 -6.21
N CYS C 422 -18.40 19.52 -6.24
CA CYS C 422 -19.41 18.63 -6.83
C CYS C 422 -20.29 17.95 -5.79
N GLY C 423 -20.03 18.19 -4.50
CA GLY C 423 -20.86 17.63 -3.42
C GLY C 423 -20.66 16.15 -3.27
N ALA C 424 -21.44 15.54 -2.38
CA ALA C 424 -21.26 14.14 -2.02
C ALA C 424 -21.54 13.16 -3.15
N VAL C 425 -22.47 13.51 -4.04
CA VAL C 425 -22.78 12.68 -5.19
C VAL C 425 -21.57 12.57 -6.16
N GLY C 426 -20.73 13.60 -6.18
CA GLY C 426 -19.49 13.56 -6.94
C GLY C 426 -18.28 13.12 -6.13
N GLY C 427 -18.46 12.81 -4.86
CA GLY C 427 -17.40 12.24 -4.02
C GLY C 427 -16.64 13.29 -3.24
N SER C 428 -17.19 14.49 -3.21
CA SER C 428 -16.58 15.66 -2.60
C SER C 428 -17.23 16.03 -1.28
N SER C 429 -16.54 16.88 -0.52
CA SER C 429 -16.99 17.31 0.79
C SER C 429 -17.80 18.61 0.73
N SER C 430 -17.86 19.23 -0.45
CA SER C 430 -18.64 20.46 -0.61
C SER C 430 -19.18 20.62 -2.02
N SER C 431 -20.33 21.29 -2.10
CA SER C 431 -21.03 21.53 -3.37
C SER C 431 -20.97 23.01 -3.72
N ASP C 432 -20.31 23.79 -2.86
CA ASP C 432 -20.24 25.23 -2.99
C ASP C 432 -19.32 25.65 -4.12
N ASN C 433 -19.56 26.85 -4.65
CA ASN C 433 -18.52 27.56 -5.38
C ASN C 433 -17.63 28.08 -4.27
N ILE C 434 -16.40 27.58 -4.23
CA ILE C 434 -15.54 27.79 -3.05
C ILE C 434 -15.12 29.25 -2.86
N GLY C 435 -15.26 29.70 -1.62
CA GLY C 435 -14.93 31.05 -1.19
C GLY C 435 -14.28 31.03 0.19
N PRO C 436 -14.09 32.22 0.79
CA PRO C 436 -13.42 32.37 2.10
C PRO C 436 -14.11 31.65 3.26
N GLU C 437 -15.43 31.52 3.16
CA GLU C 437 -16.25 30.84 4.18
C GLU C 437 -16.03 29.33 4.22
N ASN C 438 -15.46 28.76 3.15
CA ASN C 438 -15.05 27.37 3.13
C ASN C 438 -13.66 27.15 3.72
N LEU C 439 -12.95 28.24 3.97
CA LEU C 439 -11.55 28.17 4.37
C LEU C 439 -11.25 28.74 5.75
N PHE C 440 -12.30 28.83 6.58
CA PHE C 440 -12.09 29.02 8.01
C PHE C 440 -13.09 28.22 8.83
N ASN C 441 -12.64 27.81 10.02
CA ASN C 441 -13.48 27.14 11.01
C ASN C 441 -14.16 28.17 11.90
N ILE C 442 -15.31 27.80 12.46
CA ILE C 442 -15.92 28.59 13.53
C ILE C 442 -15.58 27.99 14.89
N ARG C 443 -14.94 28.80 15.71
CA ARG C 443 -14.79 28.50 17.11
C ARG C 443 -15.95 29.16 17.85
N ARG C 444 -16.64 28.39 18.67
CA ARG C 444 -17.75 28.96 19.45
C ARG C 444 -17.46 29.00 20.95
N ILE C 445 -17.77 30.13 21.55
CA ILE C 445 -17.44 30.37 22.96
C ILE C 445 -18.76 30.53 23.70
N ALA C 446 -19.12 29.48 24.44
CA ALA C 446 -20.45 29.41 25.07
C ALA C 446 -20.41 29.45 26.58
N THR C 447 -21.33 30.23 27.17
CA THR C 447 -21.46 30.34 28.62
C THR C 447 -22.51 29.33 29.09
N GLY C 448 -22.30 28.81 30.30
CA GLY C 448 -23.29 27.94 30.95
C GLY C 448 -24.64 28.59 31.16
N VAL C 449 -25.69 27.85 30.81
CA VAL C 449 -27.07 28.33 30.88
C VAL C 449 -27.89 27.46 31.85
N LEU C 450 -27.53 26.18 31.94
CA LEU C 450 -28.19 25.22 32.85
C LEU C 450 -27.19 24.50 33.77
N GLU C 451 -27.70 23.89 34.83
CA GLU C 451 -26.88 23.03 35.70
C GLU C 451 -27.22 21.55 35.41
N LEU C 452 -26.37 20.62 35.87
CA LEU C 452 -26.64 19.17 35.77
C LEU C 452 -28.01 18.82 36.36
N GLU C 453 -28.33 19.40 37.51
CA GLU C 453 -29.62 19.21 38.20
C GLU C 453 -30.84 19.57 37.35
N ASP C 454 -30.67 20.52 36.41
CA ASP C 454 -31.75 20.89 35.48
C ASP C 454 -31.97 19.85 34.39
N ILE C 455 -30.89 19.20 33.96
CA ILE C 455 -31.00 18.27 32.84
C ILE C 455 -31.46 16.85 33.25
N ARG C 456 -31.21 16.46 34.50
CA ARG C 456 -31.79 15.21 35.04
C ARG C 456 -33.11 15.40 35.80
N GLU C 457 -33.81 16.49 35.50
CA GLU C 457 -35.14 16.76 36.05
C GLU C 457 -36.14 17.12 34.94
N GLU D 4 -21.52 -14.56 -1.42
CA GLU D 4 -22.23 -14.21 -2.69
C GLU D 4 -21.29 -13.69 -3.79
N ASP D 5 -20.45 -12.70 -3.46
CA ASP D 5 -19.60 -12.01 -4.44
C ASP D 5 -18.49 -12.88 -4.98
N LYS D 6 -18.21 -12.74 -6.28
CA LYS D 6 -17.13 -13.48 -6.94
C LYS D 6 -15.78 -13.31 -6.27
N ASP D 7 -15.36 -12.06 -6.05
CA ASP D 7 -14.06 -11.79 -5.41
C ASP D 7 -13.91 -12.43 -4.01
N LEU D 8 -14.97 -12.35 -3.20
CA LEU D 8 -14.98 -12.94 -1.86
C LEU D 8 -15.02 -14.48 -1.88
N ARG D 9 -15.91 -15.04 -2.72
CA ARG D 9 -15.99 -16.49 -2.96
C ARG D 9 -14.69 -17.08 -3.49
N SER D 10 -14.00 -16.32 -4.34
CA SER D 10 -12.68 -16.72 -4.86
C SER D 10 -11.62 -16.72 -3.75
N ILE D 11 -11.53 -15.65 -2.97
CA ILE D 11 -10.60 -15.58 -1.82
C ILE D 11 -10.88 -16.73 -0.85
N GLN D 12 -12.16 -16.99 -0.59
CA GLN D 12 -12.57 -18.11 0.25
C GLN D 12 -12.11 -19.48 -0.27
N GLU D 13 -12.42 -19.79 -1.53
CA GLU D 13 -12.03 -21.08 -2.13
C GLU D 13 -10.52 -21.28 -2.05
N VAL D 14 -9.78 -20.25 -2.43
CA VAL D 14 -8.33 -20.24 -2.33
C VAL D 14 -7.86 -20.70 -0.94
N ARG D 15 -8.40 -20.08 0.11
CA ARG D 15 -8.09 -20.44 1.49
C ARG D 15 -8.41 -21.90 1.83
N ASN D 16 -9.56 -22.40 1.35
CA ASN D 16 -9.94 -23.81 1.50
C ASN D 16 -8.94 -24.78 0.83
N LEU D 17 -8.62 -24.51 -0.44
CA LEU D 17 -7.69 -25.34 -1.24
C LEU D 17 -6.30 -25.44 -0.59
N ILE D 18 -5.78 -24.30 -0.18
CA ILE D 18 -4.51 -24.21 0.56
C ILE D 18 -4.49 -25.07 1.84
N GLU D 19 -5.52 -24.90 2.68
CA GLU D 19 -5.68 -25.66 3.92
C GLU D 19 -5.74 -27.17 3.69
N SER D 20 -6.50 -27.58 2.66
CA SER D 20 -6.64 -28.99 2.29
C SER D 20 -5.34 -29.57 1.72
N ALA D 21 -4.69 -28.83 0.82
CA ALA D 21 -3.39 -29.21 0.25
C ALA D 21 -2.30 -29.33 1.29
N ASN D 22 -2.29 -28.40 2.26
CA ASN D 22 -1.39 -28.46 3.42
C ASN D 22 -1.52 -29.76 4.20
N LYS D 23 -2.74 -30.09 4.60
CA LYS D 23 -3.03 -31.35 5.32
C LYS D 23 -2.65 -32.56 4.48
N ALA D 24 -2.86 -32.45 3.17
CA ALA D 24 -2.47 -33.47 2.21
C ALA D 24 -0.96 -33.70 2.08
N GLN D 25 -0.15 -32.64 1.97
CA GLN D 25 1.32 -32.80 1.86
C GLN D 25 1.95 -33.40 3.12
N LYS D 26 1.33 -33.14 4.28
CA LYS D 26 1.70 -33.80 5.54
C LYS D 26 1.49 -35.32 5.49
N GLU D 27 0.54 -35.78 4.67
CA GLU D 27 0.37 -37.21 4.44
C GLU D 27 1.32 -37.73 3.35
N LEU D 28 1.75 -36.83 2.46
CA LEU D 28 2.75 -37.14 1.42
C LEU D 28 4.16 -37.14 1.99
N ALA D 29 4.34 -36.43 3.10
CA ALA D 29 5.62 -36.33 3.78
C ALA D 29 5.97 -37.64 4.48
N ALA D 30 4.93 -38.44 4.77
CA ALA D 30 5.11 -39.71 5.46
C ALA D 30 5.65 -40.79 4.53
N MET D 31 5.35 -40.68 3.24
CA MET D 31 5.55 -41.74 2.26
C MET D 31 7.00 -41.99 1.86
N SER D 32 7.30 -43.25 1.55
CA SER D 32 8.62 -43.67 1.05
C SER D 32 8.83 -43.18 -0.38
N GLN D 33 10.06 -43.38 -0.89
CA GLN D 33 10.35 -43.05 -2.30
C GLN D 33 9.48 -43.89 -3.26
N GLN D 34 9.35 -45.18 -2.93
CA GLN D 34 8.57 -46.16 -3.72
C GLN D 34 7.12 -45.72 -3.91
N GLN D 35 6.51 -45.23 -2.83
CA GLN D 35 5.10 -44.79 -2.85
C GLN D 35 4.91 -43.51 -3.65
N ILE D 36 5.90 -42.62 -3.57
CA ILE D 36 5.92 -41.36 -4.32
C ILE D 36 6.06 -41.59 -5.82
N ASP D 37 6.88 -42.58 -6.20
CA ASP D 37 7.09 -42.96 -7.59
C ASP D 37 5.81 -43.58 -8.18
N THR D 38 5.14 -44.45 -7.41
CA THR D 38 3.88 -45.11 -7.81
C THR D 38 2.77 -44.12 -8.21
N ILE D 39 2.63 -43.05 -7.42
CA ILE D 39 1.73 -41.93 -7.71
C ILE D 39 2.17 -41.17 -8.97
N VAL D 40 3.46 -40.81 -9.03
CA VAL D 40 4.08 -40.11 -10.15
C VAL D 40 3.99 -40.92 -11.46
N LYS D 41 4.15 -42.24 -11.34
CA LYS D 41 3.86 -43.18 -12.42
C LYS D 41 2.47 -42.90 -12.97
N ALA D 42 1.47 -42.91 -12.08
CA ALA D 42 0.06 -42.76 -12.43
C ALA D 42 -0.33 -41.39 -13.01
N ILE D 43 0.31 -40.33 -12.55
CA ILE D 43 0.04 -38.96 -13.01
C ILE D 43 0.51 -38.79 -14.47
N ALA D 44 1.67 -39.37 -14.77
CA ALA D 44 2.20 -39.42 -16.12
C ALA D 44 1.36 -40.31 -17.01
N ASP D 45 0.99 -41.49 -16.50
CA ASP D 45 0.07 -42.42 -17.19
C ASP D 45 -1.24 -41.74 -17.57
N ALA D 46 -1.80 -40.97 -16.64
CA ALA D 46 -3.06 -40.23 -16.81
C ALA D 46 -3.02 -39.18 -17.92
N GLY D 47 -2.02 -38.30 -17.86
CA GLY D 47 -1.87 -37.19 -18.82
C GLY D 47 -1.43 -37.62 -20.20
N TYR D 48 -0.74 -38.76 -20.28
CA TYR D 48 -0.43 -39.39 -21.56
C TYR D 48 -1.68 -40.07 -22.10
N GLY D 49 -2.49 -40.61 -21.18
CA GLY D 49 -3.73 -41.31 -21.54
C GLY D 49 -4.77 -40.38 -22.14
N ALA D 50 -4.88 -39.19 -21.55
CA ALA D 50 -5.84 -38.18 -22.01
C ALA D 50 -5.15 -37.09 -22.82
N ARG D 51 -4.10 -37.47 -23.55
CA ARG D 51 -3.33 -36.55 -24.40
C ARG D 51 -4.18 -35.83 -25.46
N GLU D 52 -4.92 -36.62 -26.26
CA GLU D 52 -5.74 -36.14 -27.38
C GLU D 52 -6.88 -35.30 -26.84
N LYS D 53 -7.57 -35.87 -25.84
CA LYS D 53 -8.69 -35.25 -25.14
C LYS D 53 -8.38 -33.83 -24.67
N LEU D 54 -7.28 -33.69 -23.94
CA LEU D 54 -6.94 -32.43 -23.28
C LEU D 54 -6.38 -31.37 -24.22
N ALA D 55 -5.58 -31.82 -25.18
CA ALA D 55 -5.05 -30.97 -26.25
C ALA D 55 -6.15 -30.21 -27.00
N LYS D 56 -7.18 -30.97 -27.40
CA LYS D 56 -8.31 -30.46 -28.15
C LYS D 56 -9.21 -29.57 -27.30
N MET D 57 -9.35 -29.91 -26.02
CA MET D 57 -10.05 -29.07 -25.05
C MET D 57 -9.38 -27.70 -24.90
N ALA D 58 -8.05 -27.73 -24.80
CA ALA D 58 -7.20 -26.53 -24.68
C ALA D 58 -7.25 -25.67 -25.94
N HIS D 59 -7.14 -26.32 -27.11
CA HIS D 59 -7.28 -25.67 -28.41
C HIS D 59 -8.65 -25.00 -28.58
N GLU D 60 -9.72 -25.71 -28.21
CA GLU D 60 -11.08 -25.18 -28.28
C GLU D 60 -11.36 -24.00 -27.33
N GLU D 61 -10.87 -24.08 -26.10
CA GLU D 61 -11.23 -23.09 -25.08
C GLU D 61 -10.42 -21.79 -25.21
N THR D 62 -9.14 -21.91 -25.58
CA THR D 62 -8.27 -20.75 -25.76
C THR D 62 -8.40 -20.14 -27.15
N GLY D 63 -8.65 -20.99 -28.14
CA GLY D 63 -8.56 -20.60 -29.55
C GLY D 63 -7.12 -20.50 -30.05
N PHE D 64 -6.17 -20.96 -29.23
CA PHE D 64 -4.74 -20.85 -29.53
C PHE D 64 -4.19 -22.12 -30.15
N GLY D 65 -3.31 -21.94 -31.14
CA GLY D 65 -2.42 -22.99 -31.64
C GLY D 65 -2.96 -24.06 -32.58
N ILE D 66 -2.43 -25.28 -32.41
CA ILE D 66 -2.75 -26.44 -33.24
C ILE D 66 -2.91 -27.66 -32.32
N TRP D 67 -4.07 -28.30 -32.32
CA TRP D 67 -4.35 -29.41 -31.38
C TRP D 67 -3.44 -30.65 -31.56
N GLN D 68 -2.94 -30.83 -32.79
CA GLN D 68 -2.08 -31.96 -33.13
C GLN D 68 -0.72 -31.86 -32.43
N ASP D 69 -0.24 -30.63 -32.22
CA ASP D 69 1.04 -30.35 -31.56
CA ASP D 69 1.04 -30.49 -31.54
C ASP D 69 0.90 -30.18 -30.05
N LYS D 70 -0.35 -29.96 -29.60
CA LYS D 70 -0.61 -29.80 -28.17
C LYS D 70 -0.61 -31.17 -27.50
N VAL D 71 -0.90 -32.20 -28.31
CA VAL D 71 -0.68 -33.61 -27.93
C VAL D 71 0.82 -33.86 -27.68
N ILE D 72 1.65 -33.34 -28.58
CA ILE D 72 3.10 -33.47 -28.47
C ILE D 72 3.60 -32.85 -27.15
N LYS D 73 3.04 -31.68 -26.82
CA LYS D 73 3.26 -31.03 -25.52
C LYS D 73 2.81 -31.90 -24.34
N ASN D 74 1.68 -32.60 -24.51
CA ASN D 74 1.11 -33.44 -23.45
C ASN D 74 1.88 -34.75 -23.25
N VAL D 75 2.43 -35.28 -24.34
CA VAL D 75 3.35 -36.42 -24.29
C VAL D 75 4.63 -35.98 -23.56
N PHE D 76 5.17 -34.85 -23.99
CA PHE D 76 6.39 -34.31 -23.41
C PHE D 76 6.23 -34.13 -21.91
N ALA D 77 5.14 -33.48 -21.52
CA ALA D 77 4.91 -33.15 -20.11
C ALA D 77 4.55 -34.36 -19.25
N SER D 78 4.10 -35.44 -19.88
CA SER D 78 3.79 -36.68 -19.16
C SER D 78 4.93 -37.69 -19.26
N LYS D 79 5.20 -38.17 -20.47
CA LYS D 79 6.18 -39.23 -20.67
C LYS D 79 7.65 -38.82 -20.59
N HIS D 80 8.01 -37.69 -21.21
CA HIS D 80 9.43 -37.27 -21.22
C HIS D 80 9.87 -36.79 -19.84
N VAL D 81 9.02 -35.98 -19.23
CA VAL D 81 9.19 -35.54 -17.85
C VAL D 81 9.35 -36.75 -16.91
N TYR D 82 8.42 -37.71 -17.01
CA TYR D 82 8.44 -38.90 -16.13
C TYR D 82 9.73 -39.72 -16.23
N ASN D 83 10.20 -39.94 -17.47
CA ASN D 83 11.41 -40.69 -17.73
C ASN D 83 12.64 -40.09 -17.06
N TYR D 84 12.71 -38.76 -17.05
CA TYR D 84 13.75 -38.02 -16.35
C TYR D 84 13.66 -38.21 -14.83
N ILE D 85 12.44 -38.23 -14.29
CA ILE D 85 12.28 -38.23 -12.83
C ILE D 85 12.12 -39.63 -12.20
N LYS D 86 11.91 -40.66 -13.02
CA LYS D 86 11.62 -42.02 -12.52
C LYS D 86 12.61 -42.60 -11.49
N ASP D 87 13.90 -42.38 -11.70
CA ASP D 87 14.92 -42.95 -10.82
C ASP D 87 15.76 -41.88 -10.11
N MET D 88 15.26 -40.64 -10.18
CA MET D 88 15.74 -39.56 -9.32
C MET D 88 15.39 -39.89 -7.87
N LYS D 89 16.36 -39.74 -6.98
CA LYS D 89 16.14 -39.93 -5.55
C LYS D 89 15.89 -38.57 -4.92
N THR D 90 14.63 -38.35 -4.52
CA THR D 90 14.15 -37.03 -4.08
C THR D 90 13.39 -37.07 -2.75
N ILE D 91 13.34 -38.24 -2.12
CA ILE D 91 12.54 -38.41 -0.90
C ILE D 91 13.41 -38.99 0.22
N GLY D 92 13.44 -38.27 1.34
CA GLY D 92 14.09 -38.75 2.56
C GLY D 92 15.60 -38.78 2.45
N MET D 93 16.20 -39.85 2.98
CA MET D 93 17.66 -39.99 3.08
C MET D 93 18.32 -40.06 1.70
N LEU D 94 19.08 -39.02 1.37
CA LEU D 94 19.73 -38.91 0.06
C LEU D 94 21.22 -39.33 0.03
N LYS D 95 22.08 -38.57 0.69
CA LYS D 95 23.54 -38.81 0.65
C LYS D 95 24.08 -38.91 2.06
N GLU D 96 24.95 -39.87 2.31
CA GLU D 96 25.61 -39.97 3.62
C GLU D 96 27.13 -39.87 3.49
N ASP D 97 27.63 -38.64 3.40
CA ASP D 97 29.08 -38.38 3.30
C ASP D 97 29.81 -38.86 4.56
N ASN D 98 30.50 -39.98 4.40
CA ASN D 98 31.25 -40.65 5.44
C ASN D 98 32.52 -39.91 5.85
N GLU D 99 33.14 -39.25 4.88
CA GLU D 99 34.36 -38.46 5.12
C GLU D 99 34.03 -37.22 5.93
N LYS D 100 33.05 -36.46 5.42
CA LYS D 100 32.57 -35.22 6.03
C LYS D 100 31.81 -35.39 7.35
N LYS D 101 31.33 -36.62 7.61
CA LYS D 101 30.43 -36.97 8.72
C LYS D 101 29.11 -36.19 8.61
N VAL D 102 28.64 -36.04 7.37
CA VAL D 102 27.46 -35.25 7.04
C VAL D 102 26.48 -36.14 6.27
N MET D 103 25.21 -36.10 6.65
CA MET D 103 24.15 -36.79 5.90
C MET D 103 23.20 -35.76 5.27
N GLU D 104 22.55 -36.13 4.17
CA GLU D 104 21.59 -35.22 3.53
C GLU D 104 20.20 -35.84 3.37
N VAL D 105 19.18 -35.09 3.79
CA VAL D 105 17.77 -35.48 3.69
C VAL D 105 17.05 -34.40 2.88
N ALA D 106 16.19 -34.83 1.95
CA ALA D 106 15.38 -33.90 1.15
C ALA D 106 14.15 -33.46 1.92
N VAL D 107 13.86 -32.16 1.86
CA VAL D 107 12.73 -31.57 2.58
C VAL D 107 11.77 -30.94 1.58
N PRO D 108 10.55 -31.50 1.45
CA PRO D 108 9.57 -30.87 0.56
C PRO D 108 9.28 -29.45 1.01
N LEU D 109 9.07 -28.55 0.05
CA LEU D 109 8.79 -27.16 0.32
C LEU D 109 7.46 -27.01 1.07
N GLY D 110 6.45 -27.73 0.60
CA GLY D 110 5.12 -27.72 1.21
C GLY D 110 4.06 -27.56 0.14
N VAL D 111 3.37 -26.43 0.18
CA VAL D 111 2.30 -26.13 -0.76
C VAL D 111 2.79 -25.22 -1.87
N VAL D 112 2.96 -25.81 -3.05
CA VAL D 112 3.36 -25.07 -4.24
C VAL D 112 2.13 -24.38 -4.85
N ALA D 113 2.27 -23.08 -5.14
CA ALA D 113 1.31 -22.37 -5.96
C ALA D 113 1.82 -22.31 -7.40
N GLY D 114 0.97 -22.62 -8.36
CA GLY D 114 1.37 -22.62 -9.77
C GLY D 114 0.47 -21.79 -10.65
N LEU D 115 1.03 -20.74 -11.26
CA LEU D 115 0.29 -19.93 -12.23
C LEU D 115 0.39 -20.55 -13.62
N ILE D 116 -0.76 -20.96 -14.16
CA ILE D 116 -0.84 -21.60 -15.48
C ILE D 116 -1.23 -20.56 -16.55
N PRO D 117 -0.30 -20.29 -17.50
CA PRO D 117 -0.35 -19.17 -18.46
C PRO D 117 -1.43 -19.21 -19.55
N SER D 118 -1.93 -20.41 -19.87
CA SER D 118 -2.87 -20.65 -20.99
C SER D 118 -2.39 -20.23 -22.40
N THR D 119 -1.07 -20.31 -22.60
CA THR D 119 -0.48 -20.44 -23.92
C THR D 119 -0.07 -21.91 -23.94
N ASN D 120 0.13 -22.44 -22.73
CA ASN D 120 0.45 -23.85 -22.50
C ASN D 120 -0.32 -24.45 -21.31
N PRO D 121 -1.69 -24.46 -21.38
CA PRO D 121 -2.49 -24.86 -20.22
C PRO D 121 -2.31 -26.30 -19.72
N THR D 122 -2.72 -27.27 -20.53
CA THR D 122 -2.79 -28.68 -20.13
C THR D 122 -1.45 -29.29 -19.74
N SER D 123 -0.42 -28.96 -20.54
CA SER D 123 0.90 -29.52 -20.40
C SER D 123 1.65 -28.97 -19.18
N THR D 124 1.48 -27.69 -18.88
CA THR D 124 2.10 -27.08 -17.69
C THR D 124 1.54 -27.66 -16.38
N VAL D 125 0.22 -27.93 -16.34
CA VAL D 125 -0.43 -28.58 -15.21
C VAL D 125 0.12 -30.00 -14.96
N ILE D 126 0.18 -30.79 -16.04
CA ILE D 126 0.78 -32.13 -16.02
C ILE D 126 2.27 -32.08 -15.60
N TYR D 127 2.99 -31.09 -16.11
CA TYR D 127 4.42 -30.89 -15.77
C TYR D 127 4.65 -30.52 -14.31
N LYS D 128 3.91 -29.50 -13.84
CA LYS D 128 4.08 -28.95 -12.49
C LYS D 128 3.65 -29.93 -11.41
N THR D 129 2.59 -30.68 -11.69
CA THR D 129 2.09 -31.71 -10.79
C THR D 129 3.15 -32.79 -10.60
N LEU D 130 3.75 -33.20 -11.73
CA LEU D 130 4.78 -34.22 -11.69
C LEU D 130 6.03 -33.81 -10.93
N ILE D 131 6.47 -32.57 -11.14
CA ILE D 131 7.71 -32.11 -10.48
C ILE D 131 7.53 -31.78 -8.99
N SER D 132 6.29 -31.48 -8.60
CA SER D 132 5.96 -31.17 -7.21
C SER D 132 5.80 -32.43 -6.36
N ILE D 133 4.96 -33.35 -6.85
CA ILE D 133 4.64 -34.63 -6.19
C ILE D 133 5.87 -35.53 -6.07
N LYS D 134 6.71 -35.57 -7.11
CA LYS D 134 8.00 -36.28 -7.09
C LYS D 134 8.86 -35.79 -5.92
N ALA D 135 8.76 -34.48 -5.67
CA ALA D 135 9.49 -33.85 -4.58
C ALA D 135 8.69 -33.84 -3.26
N GLY D 136 7.57 -34.54 -3.22
CA GLY D 136 6.79 -34.72 -1.98
C GLY D 136 5.96 -33.52 -1.56
N ASN D 137 5.66 -32.66 -2.53
CA ASN D 137 4.82 -31.48 -2.33
C ASN D 137 3.39 -31.69 -2.76
N SER D 138 2.49 -30.87 -2.20
CA SER D 138 1.16 -30.68 -2.77
C SER D 138 1.23 -29.46 -3.68
N ILE D 139 0.28 -29.34 -4.60
CA ILE D 139 0.19 -28.18 -5.50
C ILE D 139 -1.25 -27.65 -5.65
N VAL D 140 -1.37 -26.32 -5.58
CA VAL D 140 -2.63 -25.61 -5.83
C VAL D 140 -2.45 -24.71 -7.05
N PHE D 141 -3.27 -24.91 -8.08
CA PHE D 141 -3.17 -24.11 -9.30
C PHE D 141 -4.02 -22.85 -9.31
N SER D 142 -3.48 -21.81 -9.95
CA SER D 142 -4.24 -20.64 -10.36
C SER D 142 -4.31 -20.64 -11.89
N PRO D 143 -5.52 -20.86 -12.44
CA PRO D 143 -5.68 -20.85 -13.89
C PRO D 143 -5.94 -19.46 -14.47
N HIS D 144 -5.40 -19.23 -15.67
CA HIS D 144 -5.82 -18.11 -16.52
C HIS D 144 -7.28 -18.40 -16.88
N PRO D 145 -8.15 -17.36 -16.85
CA PRO D 145 -9.57 -17.55 -17.12
C PRO D 145 -9.89 -18.22 -18.47
N ASN D 146 -9.03 -18.00 -19.47
CA ASN D 146 -9.25 -18.47 -20.84
C ASN D 146 -8.95 -19.93 -21.11
N ALA D 147 -8.40 -20.65 -20.14
CA ALA D 147 -8.24 -22.10 -20.25
C ALA D 147 -8.72 -22.85 -19.01
N LEU D 148 -9.55 -22.16 -18.22
CA LEU D 148 -10.17 -22.67 -17.00
C LEU D 148 -10.68 -24.12 -17.07
N LYS D 149 -11.55 -24.41 -18.03
CA LYS D 149 -12.10 -25.76 -18.19
C LYS D 149 -11.05 -26.81 -18.54
N ALA D 150 -10.10 -26.43 -19.39
CA ALA D 150 -8.99 -27.31 -19.81
C ALA D 150 -8.15 -27.69 -18.59
N ILE D 151 -7.72 -26.67 -17.86
CA ILE D 151 -6.95 -26.85 -16.63
C ILE D 151 -7.71 -27.72 -15.61
N LEU D 152 -8.98 -27.38 -15.38
CA LEU D 152 -9.81 -28.13 -14.42
C LEU D 152 -9.90 -29.61 -14.75
N GLU D 153 -10.17 -29.92 -16.02
CA GLU D 153 -10.22 -31.30 -16.49
C GLU D 153 -8.86 -32.02 -16.40
N THR D 154 -7.78 -31.30 -16.70
CA THR D 154 -6.43 -31.83 -16.54
C THR D 154 -6.22 -32.26 -15.10
N VAL D 155 -6.42 -31.30 -14.18
CA VAL D 155 -6.39 -31.52 -12.74
C VAL D 155 -7.27 -32.71 -12.33
N ARG D 156 -8.53 -32.71 -12.74
CA ARG D 156 -9.48 -33.80 -12.43
C ARG D 156 -8.86 -35.15 -12.74
N ILE D 157 -8.41 -35.32 -13.99
CA ILE D 157 -7.91 -36.60 -14.51
C ILE D 157 -6.66 -37.07 -13.78
N ILE D 158 -5.69 -36.17 -13.63
CA ILE D 158 -4.44 -36.52 -12.97
C ILE D 158 -4.61 -36.79 -11.46
N SER D 159 -5.54 -36.06 -10.82
CA SER D 159 -5.82 -36.23 -9.40
C SER D 159 -6.48 -37.58 -9.09
N GLU D 160 -7.47 -37.95 -9.89
CA GLU D 160 -8.21 -39.20 -9.71
C GLU D 160 -7.29 -40.42 -9.85
N ALA D 161 -6.40 -40.40 -10.85
CA ALA D 161 -5.42 -41.47 -11.03
C ALA D 161 -4.41 -41.49 -9.90
N ALA D 162 -4.00 -40.29 -9.46
CA ALA D 162 -3.10 -40.13 -8.31
C ALA D 162 -3.71 -40.71 -7.02
N GLU D 163 -4.96 -40.34 -6.75
CA GLU D 163 -5.71 -40.85 -5.59
C GLU D 163 -6.01 -42.34 -5.67
N LYS D 164 -6.14 -42.87 -6.88
CA LYS D 164 -6.28 -44.32 -7.08
C LYS D 164 -4.97 -45.06 -6.90
N ALA D 165 -3.86 -44.37 -7.16
CA ALA D 165 -2.52 -44.89 -6.85
C ALA D 165 -2.21 -44.76 -5.34
N GLY D 166 -3.03 -43.98 -4.65
CA GLY D 166 -2.93 -43.86 -3.19
C GLY D 166 -2.45 -42.50 -2.71
N CYS D 167 -2.64 -41.48 -3.55
CA CYS D 167 -2.36 -40.10 -3.17
C CYS D 167 -3.40 -39.65 -2.15
N PRO D 168 -2.98 -38.86 -1.14
CA PRO D 168 -3.94 -38.21 -0.25
C PRO D 168 -4.79 -37.15 -0.97
N LYS D 169 -6.03 -36.98 -0.49
CA LYS D 169 -6.98 -36.08 -1.10
C LYS D 169 -6.61 -34.61 -0.88
N GLY D 170 -6.76 -33.80 -1.94
CA GLY D 170 -6.48 -32.37 -1.87
C GLY D 170 -5.05 -31.96 -2.22
N ALA D 171 -4.17 -32.94 -2.47
CA ALA D 171 -2.77 -32.67 -2.82
C ALA D 171 -2.61 -32.01 -4.18
N ILE D 172 -3.57 -32.25 -5.06
CA ILE D 172 -3.58 -31.67 -6.40
C ILE D 172 -4.94 -31.04 -6.60
N SER D 173 -4.95 -29.73 -6.81
CA SER D 173 -6.19 -28.95 -6.88
C SER D 173 -5.96 -27.67 -7.65
N CYS D 174 -7.04 -26.94 -7.92
CA CYS D 174 -7.03 -25.75 -8.78
C CYS D 174 -8.23 -24.83 -8.47
N MET D 175 -8.02 -23.51 -8.55
CA MET D 175 -9.09 -22.51 -8.38
C MET D 175 -10.16 -22.64 -9.46
N THR D 176 -11.40 -22.89 -9.05
CA THR D 176 -12.52 -22.98 -10.00
C THR D 176 -13.10 -21.61 -10.31
N VAL D 177 -12.83 -20.64 -9.43
CA VAL D 177 -13.30 -19.27 -9.58
C VAL D 177 -12.06 -18.35 -9.63
N PRO D 178 -11.51 -18.13 -10.85
CA PRO D 178 -10.33 -17.28 -10.99
C PRO D 178 -10.62 -15.77 -10.91
N THR D 179 -9.96 -15.08 -9.98
CA THR D 179 -9.98 -13.61 -9.90
C THR D 179 -8.58 -13.11 -9.54
N ILE D 180 -8.39 -11.80 -9.62
CA ILE D 180 -7.12 -11.17 -9.24
C ILE D 180 -6.93 -11.11 -7.71
N GLN D 181 -8.03 -11.06 -6.97
CA GLN D 181 -7.97 -11.06 -5.51
C GLN D 181 -7.70 -12.47 -5.00
N GLY D 182 -8.27 -13.46 -5.66
CA GLY D 182 -8.04 -14.87 -5.34
C GLY D 182 -6.63 -15.35 -5.66
N THR D 183 -6.05 -14.84 -6.74
CA THR D 183 -4.70 -15.22 -7.11
C THR D 183 -3.72 -14.59 -6.12
N ASP D 184 -4.00 -13.33 -5.77
CA ASP D 184 -3.23 -12.57 -4.78
C ASP D 184 -3.24 -13.25 -3.41
N GLN D 185 -4.40 -13.78 -3.02
CA GLN D 185 -4.53 -14.51 -1.75
C GLN D 185 -3.65 -15.76 -1.75
N LEU D 186 -3.69 -16.51 -2.87
CA LEU D 186 -2.83 -17.68 -3.08
C LEU D 186 -1.35 -17.32 -3.02
N MET D 187 -0.99 -16.17 -3.58
CA MET D 187 0.41 -15.71 -3.55
C MET D 187 0.87 -15.29 -2.16
N LYS D 188 0.06 -14.48 -1.48
CA LYS D 188 0.38 -13.97 -0.14
C LYS D 188 0.31 -14.96 1.03
N HIS D 189 -0.51 -16.01 0.91
CA HIS D 189 -0.85 -16.90 2.03
C HIS D 189 0.36 -17.49 2.75
N LYS D 190 0.30 -17.53 4.07
CA LYS D 190 1.37 -18.04 4.93
C LYS D 190 1.69 -19.53 4.67
N ASP D 191 0.68 -20.31 4.32
CA ASP D 191 0.87 -21.75 4.05
C ASP D 191 1.23 -22.09 2.60
N THR D 192 1.15 -21.11 1.70
CA THR D 192 1.78 -21.20 0.39
C THR D 192 3.30 -21.13 0.59
N ALA D 193 4.00 -22.22 0.29
CA ALA D 193 5.45 -22.31 0.53
C ALA D 193 6.32 -21.68 -0.57
N VAL D 194 5.85 -21.81 -1.82
CA VAL D 194 6.58 -21.32 -2.99
C VAL D 194 5.58 -20.99 -4.13
N ILE D 195 5.96 -20.04 -4.98
CA ILE D 195 5.19 -19.72 -6.19
C ILE D 195 5.98 -20.01 -7.48
N LEU D 196 5.45 -20.93 -8.29
CA LEU D 196 5.91 -21.10 -9.66
C LEU D 196 5.14 -20.12 -10.53
N ALA D 197 5.76 -18.99 -10.80
CA ALA D 197 5.09 -17.91 -11.54
C ALA D 197 5.40 -17.96 -13.03
N THR D 198 4.68 -18.83 -13.74
CA THR D 198 4.78 -18.91 -15.19
C THR D 198 3.70 -18.03 -15.81
N GLY D 199 4.10 -16.84 -16.23
CA GLY D 199 3.19 -15.85 -16.81
C GLY D 199 3.92 -14.56 -17.09
N GLY D 200 3.15 -13.48 -17.29
CA GLY D 200 3.71 -12.17 -17.63
C GLY D 200 4.61 -11.58 -16.57
N SER D 201 5.34 -10.52 -16.92
CA SER D 201 6.36 -9.93 -16.05
C SER D 201 5.79 -9.12 -14.88
N ALA D 202 4.72 -8.36 -15.14
CA ALA D 202 4.01 -7.62 -14.09
C ALA D 202 3.40 -8.58 -13.06
N MET D 203 2.92 -9.73 -13.55
CA MET D 203 2.43 -10.84 -12.73
C MET D 203 3.59 -11.49 -11.96
N VAL D 204 4.77 -11.50 -12.58
CA VAL D 204 5.96 -12.09 -11.97
C VAL D 204 6.53 -11.18 -10.86
N LYS D 205 6.38 -9.87 -11.04
CA LYS D 205 6.85 -8.89 -10.07
C LYS D 205 5.95 -8.90 -8.84
N ALA D 206 4.66 -9.14 -9.07
CA ALA D 206 3.69 -9.36 -8.00
C ALA D 206 4.08 -10.55 -7.11
N ALA D 207 4.59 -11.61 -7.72
CA ALA D 207 5.07 -12.78 -7.00
C ALA D 207 6.34 -12.52 -6.17
N TYR D 208 7.27 -11.72 -6.71
CA TYR D 208 8.45 -11.25 -5.95
C TYR D 208 8.14 -10.14 -4.94
N SER D 209 6.94 -9.59 -5.02
CA SER D 209 6.44 -8.63 -4.04
C SER D 209 5.43 -9.25 -3.07
N SER D 210 5.23 -10.57 -3.15
CA SER D 210 4.13 -11.22 -2.42
C SER D 210 4.40 -11.57 -0.96
N GLY D 211 5.67 -11.59 -0.54
CA GLY D 211 6.05 -12.00 0.82
C GLY D 211 6.45 -13.45 0.88
N THR D 212 6.22 -14.14 -0.24
CA THR D 212 6.43 -15.59 -0.38
C THR D 212 7.55 -15.76 -1.41
N PRO D 213 8.50 -16.70 -1.18
CA PRO D 213 9.54 -16.99 -2.18
C PRO D 213 8.96 -17.40 -3.54
N ALA D 214 9.34 -16.65 -4.56
CA ALA D 214 8.85 -16.89 -5.93
C ALA D 214 9.97 -17.41 -6.82
N ILE D 215 9.59 -18.24 -7.78
CA ILE D 215 10.52 -18.72 -8.79
C ILE D 215 9.81 -18.48 -10.11
N GLY D 216 10.24 -17.44 -10.82
CA GLY D 216 9.49 -16.89 -11.93
C GLY D 216 10.21 -16.84 -13.27
N VAL D 217 9.48 -16.43 -14.29
CA VAL D 217 9.94 -16.42 -15.68
C VAL D 217 10.00 -15.00 -16.26
N GLY D 218 10.75 -14.85 -17.35
CA GLY D 218 10.79 -13.61 -18.10
C GLY D 218 10.20 -13.76 -19.50
N PRO D 219 10.00 -12.64 -20.22
CA PRO D 219 9.58 -12.67 -21.61
C PRO D 219 10.65 -13.29 -22.51
N GLY D 220 10.22 -14.12 -23.45
CA GLY D 220 11.11 -14.76 -24.40
C GLY D 220 11.21 -13.99 -25.70
N ASN D 221 12.32 -13.27 -25.86
CA ASN D 221 12.60 -12.46 -27.05
C ASN D 221 13.85 -12.94 -27.81
N GLY D 222 14.05 -14.26 -27.80
CA GLY D 222 15.28 -14.90 -28.28
C GLY D 222 15.56 -14.89 -29.77
N PRO D 223 16.68 -14.27 -30.17
CA PRO D 223 17.17 -14.27 -31.55
C PRO D 223 17.66 -15.64 -32.03
N ALA D 224 17.80 -15.78 -33.35
CA ALA D 224 18.36 -16.98 -33.94
C ALA D 224 19.46 -16.58 -34.91
N PHE D 225 20.70 -16.70 -34.46
CA PHE D 225 21.84 -16.40 -35.30
C PHE D 225 22.22 -17.61 -36.13
N ILE D 226 21.93 -17.54 -37.42
CA ILE D 226 22.46 -18.51 -38.36
C ILE D 226 23.78 -17.93 -38.89
N GLU D 227 24.87 -18.52 -38.40
CA GLU D 227 26.22 -18.11 -38.77
C GLU D 227 26.56 -18.68 -40.16
N ARG D 228 27.64 -18.21 -40.77
CA ARG D 228 27.98 -18.59 -42.14
C ARG D 228 28.63 -19.96 -42.32
N SER D 229 28.87 -20.67 -41.22
CA SER D 229 29.34 -22.06 -41.31
C SER D 229 28.25 -23.08 -40.96
N ALA D 230 27.02 -22.60 -40.78
CA ALA D 230 25.88 -23.44 -40.42
C ALA D 230 25.29 -24.24 -41.58
N ASN D 231 24.78 -25.43 -41.26
CA ASN D 231 23.93 -26.21 -42.16
C ASN D 231 22.62 -25.45 -42.39
N ILE D 232 22.55 -24.74 -43.52
CA ILE D 232 21.43 -23.84 -43.86
C ILE D 232 20.05 -24.51 -44.03
N PRO D 233 19.95 -25.64 -44.78
CA PRO D 233 18.67 -26.37 -44.78
C PRO D 233 18.20 -26.89 -43.42
N ARG D 234 19.12 -27.38 -42.59
CA ARG D 234 18.77 -27.88 -41.25
C ARG D 234 18.39 -26.74 -40.31
N ALA D 235 19.10 -25.62 -40.42
CA ALA D 235 18.82 -24.43 -39.62
C ALA D 235 17.40 -23.90 -39.86
N VAL D 236 17.08 -23.69 -41.14
CA VAL D 236 15.76 -23.22 -41.59
C VAL D 236 14.62 -24.16 -41.16
N LYS D 237 14.83 -25.46 -41.35
CA LYS D 237 13.89 -26.49 -40.88
C LYS D 237 13.62 -26.38 -39.38
N HIS D 238 14.69 -26.22 -38.59
CA HIS D 238 14.62 -26.10 -37.12
C HIS D 238 13.88 -24.85 -36.65
N ILE D 239 14.18 -23.72 -37.29
CA ILE D 239 13.51 -22.47 -36.97
C ILE D 239 12.02 -22.60 -37.30
N LEU D 240 11.71 -23.19 -38.45
CA LEU D 240 10.32 -23.45 -38.81
C LEU D 240 9.64 -24.54 -37.97
N ASP D 241 10.42 -25.52 -37.50
CA ASP D 241 9.93 -26.54 -36.58
C ASP D 241 9.39 -25.93 -35.29
N SER D 242 10.11 -24.95 -34.75
CA SER D 242 9.74 -24.33 -33.49
C SER D 242 8.74 -23.20 -33.69
N LYS D 243 9.11 -22.23 -34.51
CA LYS D 243 8.35 -20.98 -34.65
C LYS D 243 6.87 -21.19 -35.05
N THR D 244 6.60 -22.29 -35.74
CA THR D 244 5.23 -22.62 -36.12
C THR D 244 4.58 -23.62 -35.16
N PHE D 245 5.38 -24.19 -34.24
CA PHE D 245 4.90 -25.17 -33.27
C PHE D 245 3.88 -24.55 -32.33
N ASP D 246 2.63 -24.97 -32.48
CA ASP D 246 1.45 -24.41 -31.80
C ASP D 246 1.27 -22.94 -32.14
N ASN D 247 1.63 -22.58 -33.38
CA ASN D 247 1.64 -21.19 -33.87
C ASN D 247 2.42 -20.21 -32.97
N GLY D 248 3.54 -20.69 -32.42
CA GLY D 248 4.48 -19.85 -31.66
C GLY D 248 4.22 -19.60 -30.18
N THR D 249 3.41 -20.45 -29.53
CA THR D 249 3.02 -20.23 -28.12
C THR D 249 4.13 -20.42 -27.09
N ILE D 250 5.08 -21.32 -27.38
CA ILE D 250 6.19 -21.59 -26.47
C ILE D 250 7.21 -20.44 -26.52
N CYS D 251 7.51 -19.86 -25.35
CA CYS D 251 8.36 -18.68 -25.23
C CYS D 251 9.84 -18.89 -25.60
N ALA D 252 10.29 -20.14 -25.54
CA ALA D 252 11.64 -20.52 -25.97
C ALA D 252 11.81 -20.53 -27.50
N SER D 253 10.72 -20.42 -28.26
CA SER D 253 10.78 -20.31 -29.73
C SER D 253 11.51 -19.04 -30.18
N GLU D 254 11.93 -19.04 -31.46
CA GLU D 254 12.60 -17.91 -32.10
C GLU D 254 11.77 -16.63 -32.05
N GLN D 255 12.45 -15.49 -32.15
CA GLN D 255 11.75 -14.21 -32.24
C GLN D 255 12.28 -13.34 -33.37
N SER D 256 13.57 -13.49 -33.65
CA SER D 256 14.22 -12.83 -34.79
C SER D 256 15.21 -13.80 -35.43
N VAL D 257 15.64 -13.48 -36.65
CA VAL D 257 16.73 -14.20 -37.30
C VAL D 257 17.89 -13.23 -37.52
N VAL D 258 19.08 -13.63 -37.07
CA VAL D 258 20.30 -12.88 -37.33
C VAL D 258 21.14 -13.60 -38.38
N VAL D 259 21.46 -12.89 -39.46
CA VAL D 259 22.31 -13.44 -40.52
C VAL D 259 23.55 -12.58 -40.81
N GLU D 260 24.59 -13.24 -41.32
CA GLU D 260 25.71 -12.53 -41.89
C GLU D 260 25.38 -12.23 -43.35
N ARG D 261 25.93 -11.12 -43.86
CA ARG D 261 25.63 -10.62 -45.21
C ARG D 261 26.02 -11.59 -46.33
N VAL D 262 27.09 -12.35 -46.12
CA VAL D 262 27.57 -13.39 -47.05
C VAL D 262 26.58 -14.56 -47.17
N ASN D 263 25.93 -14.90 -46.05
CA ASN D 263 24.89 -15.94 -46.01
C ASN D 263 23.48 -15.46 -46.39
N LYS D 264 23.25 -14.13 -46.32
CA LYS D 264 21.92 -13.50 -46.40
C LYS D 264 20.93 -14.12 -47.39
N GLU D 265 21.27 -14.10 -48.68
CA GLU D 265 20.38 -14.57 -49.74
C GLU D 265 20.16 -16.08 -49.69
N ALA D 266 21.23 -16.84 -49.47
CA ALA D 266 21.17 -18.31 -49.34
C ALA D 266 20.25 -18.77 -48.20
N VAL D 267 20.24 -18.01 -47.10
CA VAL D 267 19.35 -18.27 -45.97
C VAL D 267 17.89 -17.91 -46.33
N ILE D 268 17.70 -16.70 -46.87
CA ILE D 268 16.40 -16.21 -47.37
C ILE D 268 15.74 -17.19 -48.35
N ALA D 269 16.51 -17.64 -49.34
CA ALA D 269 16.04 -18.56 -50.39
C ALA D 269 15.72 -19.96 -49.87
N GLU D 270 16.43 -20.41 -48.83
CA GLU D 270 16.13 -21.68 -48.17
C GLU D 270 14.89 -21.58 -47.29
N PHE D 271 14.64 -20.39 -46.75
CA PHE D 271 13.39 -20.09 -46.05
C PHE D 271 12.21 -20.13 -47.04
N ARG D 272 12.35 -19.41 -48.16
CA ARG D 272 11.34 -19.36 -49.22
C ARG D 272 11.07 -20.74 -49.87
N LYS D 273 12.10 -21.59 -49.89
CA LYS D 273 11.97 -22.98 -50.35
C LYS D 273 11.24 -23.85 -49.34
N GLN D 274 11.30 -23.49 -48.06
CA GLN D 274 10.61 -24.23 -47.00
C GLN D 274 9.32 -23.55 -46.49
N GLY D 275 8.82 -22.60 -47.26
CA GLY D 275 7.48 -22.05 -47.02
C GLY D 275 7.39 -20.71 -46.31
N ALA D 276 8.50 -20.00 -46.20
CA ALA D 276 8.49 -18.68 -45.56
C ALA D 276 8.07 -17.57 -46.52
N HIS D 277 7.38 -16.57 -45.98
CA HIS D 277 6.93 -15.42 -46.75
C HIS D 277 7.64 -14.18 -46.24
N PHE D 278 8.42 -13.54 -47.11
CA PHE D 278 9.12 -12.31 -46.76
C PHE D 278 8.27 -11.09 -47.08
N LEU D 279 8.02 -10.28 -46.05
CA LEU D 279 7.24 -9.05 -46.19
C LEU D 279 8.04 -7.95 -46.86
N SER D 280 7.35 -7.09 -47.61
CA SER D 280 7.99 -5.93 -48.22
C SER D 280 7.92 -4.71 -47.31
N ASP D 281 8.42 -3.58 -47.81
CA ASP D 281 8.53 -2.38 -47.00
C ASP D 281 7.17 -1.94 -46.47
N ALA D 282 6.15 -2.05 -47.31
CA ALA D 282 4.81 -1.61 -46.95
C ALA D 282 4.11 -2.65 -46.08
N GLU D 283 4.49 -3.91 -46.25
CA GLU D 283 3.89 -5.00 -45.48
C GLU D 283 4.50 -5.15 -44.09
N ALA D 284 5.76 -4.73 -43.93
CA ALA D 284 6.42 -4.73 -42.62
C ALA D 284 5.93 -3.57 -41.76
N VAL D 285 5.70 -2.43 -42.39
CA VAL D 285 5.25 -1.22 -41.69
C VAL D 285 3.77 -1.31 -41.29
N GLN D 286 2.99 -2.08 -42.05
CA GLN D 286 1.57 -2.25 -41.76
C GLN D 286 1.32 -3.13 -40.53
N LEU D 287 1.95 -4.31 -40.51
CA LEU D 287 1.80 -5.26 -39.41
C LEU D 287 2.37 -4.73 -38.09
N GLY D 288 3.41 -3.91 -38.19
CA GLY D 288 4.02 -3.24 -37.03
C GLY D 288 3.09 -2.32 -36.27
N LYS D 289 2.18 -1.66 -36.99
CA LYS D 289 1.13 -0.85 -36.37
C LYS D 289 0.06 -1.72 -35.71
N PHE D 290 -0.18 -2.90 -36.26
CA PHE D 290 -1.16 -3.82 -35.69
C PHE D 290 -0.63 -4.55 -34.47
N ILE D 291 0.67 -4.87 -34.45
CA ILE D 291 1.27 -5.56 -33.31
C ILE D 291 1.45 -4.60 -32.12
N LEU D 292 2.02 -3.42 -32.39
CA LEU D 292 2.22 -2.41 -31.36
C LEU D 292 0.96 -1.58 -31.16
N ARG D 293 0.39 -1.67 -29.96
CA ARG D 293 -0.77 -0.87 -29.57
C ARG D 293 -0.33 0.50 -29.03
N PRO D 294 -1.21 1.52 -29.09
CA PRO D 294 -0.86 2.85 -28.59
C PRO D 294 -0.78 2.99 -27.06
N ASN D 295 0.00 2.10 -26.43
CA ASN D 295 0.32 2.16 -25.00
C ASN D 295 1.63 1.41 -24.71
N GLY D 296 2.30 0.99 -25.78
CA GLY D 296 3.60 0.32 -25.70
C GLY D 296 3.55 -1.19 -25.48
N SER D 297 2.34 -1.74 -25.40
CA SER D 297 2.14 -3.17 -25.21
C SER D 297 1.93 -3.85 -26.56
N MET D 298 2.09 -5.17 -26.59
CA MET D 298 1.90 -5.95 -27.83
C MET D 298 0.48 -6.52 -27.91
N ASN D 299 -0.05 -6.61 -29.14
CA ASN D 299 -1.45 -6.99 -29.41
C ASN D 299 -1.74 -8.46 -29.10
N PRO D 300 -2.69 -8.72 -28.18
CA PRO D 300 -3.09 -10.09 -27.79
C PRO D 300 -3.78 -10.88 -28.91
N ALA D 301 -4.05 -10.24 -30.04
CA ALA D 301 -4.79 -10.85 -31.16
C ALA D 301 -3.91 -11.55 -32.20
N ILE D 302 -2.59 -11.49 -32.03
CA ILE D 302 -1.69 -12.27 -32.89
C ILE D 302 -1.29 -13.58 -32.20
N VAL D 303 -1.31 -13.53 -30.86
CA VAL D 303 -0.90 -14.64 -29.99
C VAL D 303 -1.56 -15.96 -30.41
N GLY D 304 -0.72 -16.94 -30.76
CA GLY D 304 -1.14 -18.33 -31.01
C GLY D 304 -2.00 -18.59 -32.22
N LYS D 305 -2.07 -17.62 -33.13
CA LYS D 305 -2.92 -17.71 -34.31
C LYS D 305 -2.13 -18.20 -35.52
N SER D 306 -2.83 -18.78 -36.50
CA SER D 306 -2.22 -19.15 -37.77
C SER D 306 -1.86 -17.90 -38.61
N VAL D 307 -0.97 -18.09 -39.57
CA VAL D 307 -0.49 -17.01 -40.46
C VAL D 307 -1.62 -16.29 -41.20
N GLN D 308 -2.58 -17.09 -41.69
CA GLN D 308 -3.77 -16.57 -42.37
C GLN D 308 -4.71 -15.84 -41.41
N HIS D 309 -4.80 -16.32 -40.17
CA HIS D 309 -5.61 -15.68 -39.12
C HIS D 309 -5.07 -14.29 -38.82
N ILE D 310 -3.74 -14.20 -38.62
CA ILE D 310 -3.01 -12.96 -38.37
C ILE D 310 -3.08 -11.99 -39.55
N ALA D 311 -2.82 -12.49 -40.76
CA ALA D 311 -2.93 -11.71 -42.00
C ALA D 311 -4.32 -11.12 -42.23
N ASN D 312 -5.37 -11.88 -41.91
CA ASN D 312 -6.74 -11.38 -42.01
C ASN D 312 -7.03 -10.26 -41.00
N LEU D 313 -6.53 -10.43 -39.77
CA LEU D 313 -6.70 -9.45 -38.70
C LEU D 313 -5.82 -8.21 -38.89
N ALA D 314 -4.70 -8.39 -39.60
CA ALA D 314 -3.80 -7.28 -39.91
C ALA D 314 -4.26 -6.52 -41.15
N GLY D 315 -4.69 -7.26 -42.17
CA GLY D 315 -5.05 -6.67 -43.47
C GLY D 315 -4.01 -6.99 -44.53
N LEU D 316 -3.25 -8.06 -44.31
CA LEU D 316 -2.24 -8.52 -45.27
C LEU D 316 -2.77 -9.68 -46.13
N THR D 317 -2.30 -9.76 -47.38
CA THR D 317 -2.68 -10.82 -48.30
C THR D 317 -1.53 -11.79 -48.49
N VAL D 318 -1.74 -13.04 -48.09
CA VAL D 318 -0.68 -14.03 -47.90
C VAL D 318 -1.01 -15.37 -48.60
N PRO D 319 -0.02 -15.96 -49.32
CA PRO D 319 -0.18 -17.30 -49.93
C PRO D 319 -0.62 -18.39 -48.94
N ALA D 320 -1.40 -19.35 -49.43
CA ALA D 320 -2.03 -20.38 -48.60
C ALA D 320 -1.02 -21.24 -47.83
N ASP D 321 0.04 -21.67 -48.50
CA ASP D 321 1.05 -22.53 -47.88
C ASP D 321 2.21 -21.78 -47.20
N ALA D 322 2.02 -20.49 -46.92
CA ALA D 322 3.02 -19.69 -46.19
C ALA D 322 3.02 -20.01 -44.70
N ARG D 323 4.20 -20.36 -44.19
CA ARG D 323 4.34 -20.89 -42.83
C ARG D 323 4.65 -19.82 -41.78
N VAL D 324 5.30 -18.74 -42.20
CA VAL D 324 5.61 -17.59 -41.33
C VAL D 324 5.49 -16.27 -42.09
N LEU D 325 5.65 -15.17 -41.35
CA LEU D 325 5.84 -13.84 -41.93
C LEU D 325 7.19 -13.33 -41.46
N ILE D 326 8.07 -13.01 -42.39
CA ILE D 326 9.38 -12.49 -42.05
C ILE D 326 9.55 -11.06 -42.55
N ALA D 327 9.83 -10.15 -41.63
CA ALA D 327 10.05 -8.75 -41.97
C ALA D 327 11.47 -8.34 -41.61
N GLU D 328 12.14 -7.66 -42.53
CA GLU D 328 13.49 -7.14 -42.25
C GLU D 328 13.45 -5.99 -41.26
N GLU D 329 14.38 -6.00 -40.31
CA GLU D 329 14.42 -4.98 -39.27
C GLU D 329 15.86 -4.53 -39.02
N THR D 330 16.01 -3.24 -38.74
CA THR D 330 17.32 -2.64 -38.54
C THR D 330 17.49 -2.16 -37.10
N LYS D 331 16.39 -1.79 -36.47
CA LYS D 331 16.43 -1.12 -35.18
C LYS D 331 16.07 -2.09 -34.05
N VAL D 332 16.27 -1.63 -32.81
CA VAL D 332 15.71 -2.32 -31.65
C VAL D 332 15.09 -1.34 -30.67
N GLY D 333 14.98 -1.74 -29.41
CA GLY D 333 13.85 -2.53 -28.95
C GLY D 333 12.70 -1.66 -28.48
N ALA D 334 12.58 -0.47 -29.06
CA ALA D 334 12.01 0.64 -28.37
C ALA D 334 10.52 0.51 -28.58
N LYS D 335 10.01 1.26 -29.53
CA LYS D 335 8.71 1.08 -30.08
C LYS D 335 8.68 0.17 -31.31
N ILE D 336 9.48 -0.89 -31.28
CA ILE D 336 9.88 -1.59 -32.50
C ILE D 336 9.53 -3.07 -32.41
N PRO D 337 8.27 -3.38 -32.70
CA PRO D 337 7.67 -4.65 -32.29
C PRO D 337 8.36 -5.87 -32.85
N TYR D 338 9.40 -5.67 -33.65
CA TYR D 338 10.14 -6.78 -34.23
C TYR D 338 11.26 -7.19 -33.34
N SER D 339 11.71 -6.24 -32.55
CA SER D 339 12.68 -6.49 -31.52
C SER D 339 12.04 -7.05 -30.28
N ARG D 340 10.71 -7.04 -30.24
CA ARG D 340 10.00 -7.44 -29.05
C ARG D 340 9.21 -8.65 -29.38
N GLU D 341 8.75 -9.32 -28.35
CA GLU D 341 8.18 -10.66 -28.51
C GLU D 341 6.82 -10.67 -29.20
N LYS D 342 6.69 -11.59 -30.14
CA LYS D 342 5.47 -11.83 -30.89
C LYS D 342 5.30 -13.34 -30.85
N LEU D 343 4.42 -13.84 -29.96
CA LEU D 343 4.22 -15.28 -29.80
C LEU D 343 3.31 -15.83 -30.91
N ALA D 344 3.82 -15.76 -32.14
CA ALA D 344 3.05 -15.91 -33.35
C ALA D 344 4.04 -16.29 -34.45
N PRO D 345 3.57 -16.90 -35.56
CA PRO D 345 4.45 -17.09 -36.73
C PRO D 345 4.90 -15.79 -37.42
N ILE D 346 5.66 -14.95 -36.70
CA ILE D 346 6.21 -13.69 -37.23
C ILE D 346 7.67 -13.56 -36.80
N LEU D 347 8.57 -13.30 -37.75
CA LEU D 347 10.01 -13.18 -37.45
C LEU D 347 10.62 -11.87 -37.92
N ALA D 348 11.41 -11.22 -37.07
CA ALA D 348 12.28 -10.12 -37.49
C ALA D 348 13.47 -10.68 -38.28
N PHE D 349 14.03 -9.88 -39.19
CA PHE D 349 15.18 -10.32 -39.98
C PHE D 349 16.31 -9.29 -39.94
N TYR D 350 17.41 -9.67 -39.31
CA TYR D 350 18.52 -8.75 -39.08
C TYR D 350 19.75 -9.13 -39.89
N THR D 351 20.35 -8.13 -40.54
CA THR D 351 21.58 -8.30 -41.31
C THR D 351 22.79 -7.66 -40.62
N ALA D 352 23.76 -8.48 -40.26
CA ALA D 352 25.03 -8.01 -39.68
C ALA D 352 26.20 -8.28 -40.64
N GLU D 353 27.26 -7.49 -40.50
CA GLU D 353 28.43 -7.60 -41.39
C GLU D 353 29.35 -8.73 -40.93
N THR D 354 29.66 -8.75 -39.65
CA THR D 354 30.54 -9.74 -39.04
C THR D 354 29.79 -10.47 -37.93
N TRP D 355 30.38 -11.56 -37.43
CA TRP D 355 29.80 -12.29 -36.31
C TRP D 355 29.89 -11.50 -35.00
N GLN D 356 30.91 -10.65 -34.87
CA GLN D 356 31.06 -9.79 -33.70
C GLN D 356 29.98 -8.72 -33.63
N GLU D 357 29.52 -8.24 -34.80
CA GLU D 357 28.40 -7.29 -34.87
C GLU D 357 27.07 -8.02 -34.63
N ALA D 358 27.04 -9.31 -34.97
CA ALA D 358 25.87 -10.15 -34.68
C ALA D 358 25.74 -10.42 -33.19
N CYS D 359 26.87 -10.63 -32.52
CA CYS D 359 26.91 -10.77 -31.06
C CYS D 359 26.43 -9.50 -30.34
N GLU D 360 26.89 -8.34 -30.83
CA GLU D 360 26.55 -7.04 -30.24
C GLU D 360 25.08 -6.65 -30.43
N LEU D 361 24.50 -7.10 -31.54
CA LEU D 361 23.09 -6.86 -31.83
C LEU D 361 22.19 -7.73 -30.96
N SER D 362 22.55 -9.01 -30.84
CA SER D 362 21.86 -9.98 -30.00
C SER D 362 21.78 -9.55 -28.54
N MET D 363 22.87 -8.98 -28.03
CA MET D 363 22.90 -8.42 -26.67
C MET D 363 22.03 -7.17 -26.54
N ASP D 364 22.05 -6.32 -27.58
CA ASP D 364 21.21 -5.11 -27.64
C ASP D 364 19.71 -5.45 -27.72
N ILE D 365 19.41 -6.60 -28.34
CA ILE D 365 18.04 -7.14 -28.39
C ILE D 365 17.61 -7.58 -26.99
N LEU D 366 18.47 -8.38 -26.36
CA LEU D 366 18.20 -8.95 -25.04
C LEU D 366 18.16 -7.92 -23.91
N TYR D 367 18.98 -6.88 -24.01
CA TYR D 367 19.00 -5.81 -23.00
C TYR D 367 17.91 -4.76 -23.19
N HIS D 368 16.95 -5.05 -24.06
CA HIS D 368 15.72 -4.27 -24.17
C HIS D 368 14.55 -5.14 -23.73
N GLU D 369 14.49 -6.35 -24.28
CA GLU D 369 13.53 -7.36 -23.83
C GLU D 369 14.14 -8.74 -23.98
N GLY D 370 13.96 -9.59 -22.98
CA GLY D 370 14.31 -10.99 -23.10
C GLY D 370 15.57 -11.45 -22.41
N ALA D 371 16.26 -10.54 -21.74
CA ALA D 371 17.49 -10.87 -21.00
C ALA D 371 17.22 -12.01 -20.03
N GLY D 372 18.10 -13.00 -20.04
CA GLY D 372 17.99 -14.15 -19.17
C GLY D 372 17.12 -15.27 -19.69
N HIS D 373 16.49 -15.10 -20.84
CA HIS D 373 15.70 -16.19 -21.40
C HIS D 373 16.53 -17.07 -22.36
N THR D 374 16.30 -16.91 -23.67
CA THR D 374 16.78 -17.85 -24.68
C THR D 374 17.57 -17.12 -25.79
N LEU D 375 18.53 -17.83 -26.39
CA LEU D 375 19.15 -17.44 -27.67
C LEU D 375 19.53 -18.71 -28.43
N ILE D 376 19.39 -18.66 -29.75
CA ILE D 376 19.72 -19.81 -30.60
C ILE D 376 20.88 -19.47 -31.53
N ILE D 377 21.90 -20.32 -31.53
CA ILE D 377 22.93 -20.24 -32.56
C ILE D 377 22.90 -21.46 -33.49
N HIS D 378 22.89 -21.20 -34.77
CA HIS D 378 23.22 -22.22 -35.74
C HIS D 378 24.61 -21.93 -36.33
N SER D 379 25.55 -22.77 -35.94
CA SER D 379 26.94 -22.63 -36.34
C SER D 379 27.66 -23.96 -36.18
N GLU D 380 28.65 -24.19 -37.03
CA GLU D 380 29.53 -25.33 -36.88
C GLU D 380 30.91 -24.87 -36.38
N ASP D 381 31.02 -23.57 -36.12
CA ASP D 381 32.25 -22.94 -35.62
C ASP D 381 32.27 -23.01 -34.10
N LYS D 382 32.92 -24.04 -33.57
CA LYS D 382 32.96 -24.32 -32.12
C LYS D 382 33.55 -23.17 -31.29
N GLU D 383 34.48 -22.43 -31.90
CA GLU D 383 35.12 -21.27 -31.26
C GLU D 383 34.16 -20.08 -31.11
N ILE D 384 33.29 -19.89 -32.09
CA ILE D 384 32.26 -18.85 -32.06
C ILE D 384 31.18 -19.19 -31.01
N ILE D 385 30.71 -20.44 -31.06
CA ILE D 385 29.73 -21.01 -30.11
C ILE D 385 30.20 -20.86 -28.66
N ARG D 386 31.47 -21.14 -28.42
CA ARG D 386 32.05 -20.99 -27.09
C ARG D 386 32.23 -19.52 -26.66
N GLU D 387 32.33 -18.61 -27.64
CA GLU D 387 32.38 -17.17 -27.34
C GLU D 387 31.01 -16.59 -27.06
N PHE D 388 29.98 -17.12 -27.73
CA PHE D 388 28.59 -16.74 -27.45
C PHE D 388 28.18 -17.24 -26.06
N ALA D 389 28.60 -18.47 -25.75
CA ALA D 389 28.33 -19.13 -24.47
C ALA D 389 28.79 -18.30 -23.27
N LEU D 390 29.98 -17.72 -23.37
CA LEU D 390 30.56 -16.88 -22.33
C LEU D 390 29.91 -15.50 -22.22
N LYS D 391 29.32 -15.01 -23.31
CA LYS D 391 28.94 -13.59 -23.41
C LYS D 391 27.43 -13.33 -23.45
N LYS D 392 26.65 -14.32 -23.86
CA LYS D 392 25.21 -14.11 -24.08
C LYS D 392 24.38 -13.96 -22.81
N PRO D 393 23.65 -12.84 -22.67
CA PRO D 393 22.83 -12.54 -21.51
C PRO D 393 21.55 -13.37 -21.47
N VAL D 394 21.71 -14.70 -21.52
CA VAL D 394 20.62 -15.66 -21.48
C VAL D 394 20.90 -16.70 -20.40
N SER D 395 19.89 -17.48 -20.03
CA SER D 395 20.06 -18.58 -19.08
C SER D 395 20.12 -19.90 -19.81
N ARG D 396 19.72 -19.88 -21.08
CA ARG D 396 19.88 -21.00 -21.98
C ARG D 396 20.25 -20.54 -23.40
N LEU D 397 21.34 -21.10 -23.93
CA LEU D 397 21.78 -20.87 -25.31
C LEU D 397 21.68 -22.18 -26.08
N LEU D 398 20.94 -22.16 -27.18
CA LEU D 398 20.65 -23.40 -27.88
C LEU D 398 21.45 -23.53 -29.18
N VAL D 399 22.19 -24.63 -29.31
CA VAL D 399 23.03 -24.87 -30.49
C VAL D 399 22.38 -25.87 -31.44
N ASN D 400 22.17 -25.46 -32.70
CA ASN D 400 21.71 -26.35 -33.78
C ASN D 400 20.48 -27.18 -33.44
N THR D 401 19.45 -26.51 -32.92
CA THR D 401 18.23 -27.16 -32.44
C THR D 401 17.03 -26.20 -32.63
N PRO D 402 15.80 -26.75 -32.76
CA PRO D 402 14.62 -25.87 -32.77
C PRO D 402 14.48 -25.16 -31.43
N GLY D 403 14.24 -23.85 -31.48
CA GLY D 403 14.16 -23.00 -30.28
C GLY D 403 13.21 -23.49 -29.20
N ALA D 404 11.93 -23.61 -29.54
CA ALA D 404 10.87 -24.00 -28.61
C ALA D 404 11.14 -25.37 -28.01
N LEU D 405 11.44 -26.32 -28.88
CA LEU D 405 11.59 -27.72 -28.50
C LEU D 405 12.87 -27.98 -27.72
N GLY D 406 13.89 -27.17 -28.00
CA GLY D 406 15.20 -27.32 -27.39
C GLY D 406 15.36 -26.62 -26.05
N GLY D 407 14.71 -25.48 -25.90
CA GLY D 407 14.69 -24.74 -24.63
C GLY D 407 14.01 -25.52 -23.51
N ILE D 408 12.90 -26.17 -23.85
CA ILE D 408 12.13 -26.97 -22.90
C ILE D 408 12.76 -28.33 -22.64
N GLY D 409 13.72 -28.73 -23.48
CA GLY D 409 14.44 -29.99 -23.31
C GLY D 409 13.74 -31.18 -23.90
N ALA D 410 13.11 -30.97 -25.06
CA ALA D 410 12.49 -32.07 -25.80
C ALA D 410 13.43 -32.57 -26.89
N THR D 411 14.21 -31.65 -27.48
CA THR D 411 15.21 -32.01 -28.50
C THR D 411 16.65 -31.84 -28.01
N THR D 412 16.79 -31.36 -26.78
CA THR D 412 18.10 -31.26 -26.11
C THR D 412 18.12 -32.11 -24.85
N ASN D 413 19.26 -32.18 -24.19
CA ASN D 413 19.38 -32.91 -22.93
C ASN D 413 19.36 -32.01 -21.71
N LEU D 414 18.73 -30.84 -21.85
CA LEU D 414 18.33 -30.00 -20.71
C LEU D 414 17.21 -30.67 -19.93
N VAL D 415 16.97 -30.19 -18.71
CA VAL D 415 15.88 -30.70 -17.88
C VAL D 415 14.53 -30.43 -18.58
N PRO D 416 13.74 -31.50 -18.81
CA PRO D 416 12.43 -31.37 -19.43
C PRO D 416 11.47 -30.49 -18.60
N ALA D 417 11.32 -29.23 -19.00
CA ALA D 417 10.58 -28.24 -18.22
C ALA D 417 9.74 -27.25 -19.03
N LEU D 418 8.59 -26.86 -18.48
CA LEU D 418 7.77 -25.79 -19.06
C LEU D 418 7.81 -24.49 -18.24
N THR D 419 8.62 -24.47 -17.18
CA THR D 419 8.92 -23.25 -16.43
C THR D 419 10.38 -22.88 -16.67
N LEU D 420 10.60 -21.74 -17.33
CA LEU D 420 11.93 -21.39 -17.81
C LEU D 420 12.50 -20.20 -17.08
N GLY D 421 13.29 -20.52 -16.05
CA GLY D 421 13.88 -19.52 -15.16
C GLY D 421 14.83 -18.62 -15.92
N CYS D 422 14.66 -17.33 -15.73
CA CYS D 422 15.39 -16.32 -16.48
C CYS D 422 16.51 -15.62 -15.69
N GLY D 423 16.89 -16.18 -14.54
CA GLY D 423 17.97 -15.64 -13.69
C GLY D 423 17.72 -14.26 -13.10
N ALA D 424 18.75 -13.73 -12.41
CA ALA D 424 18.69 -12.41 -11.77
C ALA D 424 18.59 -11.23 -12.73
N VAL D 425 19.17 -11.36 -13.92
CA VAL D 425 19.12 -10.32 -14.96
C VAL D 425 17.67 -10.10 -15.44
N GLY D 426 16.88 -11.17 -15.43
CA GLY D 426 15.45 -11.08 -15.69
C GLY D 426 14.62 -10.96 -14.43
N GLY D 427 15.26 -10.60 -13.32
CA GLY D 427 14.57 -10.33 -12.06
C GLY D 427 14.05 -11.56 -11.31
N SER D 428 14.59 -12.73 -11.65
CA SER D 428 14.13 -13.99 -11.07
C SER D 428 15.17 -14.57 -10.11
N SER D 429 14.76 -15.59 -9.35
CA SER D 429 15.64 -16.23 -8.37
C SER D 429 16.38 -17.44 -8.96
N SER D 430 16.02 -17.77 -10.20
CA SER D 430 16.46 -19.01 -10.83
C SER D 430 16.72 -18.84 -12.31
N SER D 431 17.79 -19.47 -12.80
CA SER D 431 18.10 -19.53 -14.23
C SER D 431 17.80 -20.92 -14.77
N ASP D 432 17.18 -21.75 -13.94
CA ASP D 432 17.07 -23.19 -14.20
C ASP D 432 15.90 -23.55 -15.08
N ASN D 433 16.00 -24.70 -15.73
CA ASN D 433 14.84 -25.46 -16.18
C ASN D 433 14.31 -26.20 -14.96
N ILE D 434 13.16 -25.74 -14.47
CA ILE D 434 12.60 -26.17 -13.19
C ILE D 434 12.20 -27.65 -13.16
N GLY D 435 12.67 -28.35 -12.13
CA GLY D 435 12.33 -29.74 -11.87
C GLY D 435 12.24 -29.97 -10.38
N PRO D 436 12.27 -31.25 -9.94
CA PRO D 436 12.15 -31.66 -8.53
C PRO D 436 13.19 -31.02 -7.60
N GLU D 437 14.40 -30.81 -8.10
CA GLU D 437 15.50 -30.24 -7.29
C GLU D 437 15.35 -28.75 -6.98
N ASN D 438 14.51 -28.06 -7.74
CA ASN D 438 14.07 -26.70 -7.41
C ASN D 438 12.90 -26.68 -6.42
N LEU D 439 12.42 -27.87 -6.03
CA LEU D 439 11.21 -28.00 -5.22
C LEU D 439 11.39 -28.87 -3.97
N PHE D 440 12.63 -29.02 -3.54
CA PHE D 440 12.92 -29.45 -2.17
C PHE D 440 14.14 -28.72 -1.57
N ASN D 441 14.19 -28.67 -0.25
CA ASN D 441 15.33 -28.12 0.47
C ASN D 441 16.24 -29.26 0.90
N ILE D 442 17.49 -28.94 1.22
CA ILE D 442 18.40 -29.92 1.76
C ILE D 442 18.49 -29.75 3.27
N ARG D 443 18.17 -30.80 4.01
CA ARG D 443 18.49 -30.88 5.42
C ARG D 443 19.83 -31.57 5.56
N ARG D 444 20.77 -30.86 6.16
CA ARG D 444 22.11 -31.38 6.35
C ARG D 444 22.32 -31.70 7.81
N ILE D 445 22.93 -32.86 8.07
CA ILE D 445 23.03 -33.43 9.42
C ILE D 445 24.50 -33.71 9.73
N ALA D 446 25.15 -32.77 10.41
CA ALA D 446 26.60 -32.79 10.50
C ALA D 446 27.10 -33.14 11.90
N THR D 447 28.03 -34.11 11.94
CA THR D 447 28.63 -34.62 13.19
C THR D 447 29.86 -33.78 13.56
N GLY D 448 30.03 -33.52 14.85
CA GLY D 448 31.15 -32.71 15.37
C GLY D 448 32.54 -33.15 14.94
N VAL D 449 33.24 -32.25 14.27
CA VAL D 449 34.57 -32.52 13.68
C VAL D 449 35.71 -31.82 14.43
N LEU D 450 35.48 -30.59 14.92
CA LEU D 450 36.48 -29.87 15.71
C LEU D 450 35.92 -29.32 17.03
N GLU D 451 36.78 -28.68 17.81
CA GLU D 451 36.43 -28.12 19.11
C GLU D 451 36.67 -26.60 19.11
N LEU D 452 36.03 -25.87 20.02
CA LEU D 452 36.25 -24.41 20.15
C LEU D 452 37.73 -24.06 20.39
N GLU D 453 38.42 -24.88 21.17
CA GLU D 453 39.85 -24.69 21.46
C GLU D 453 40.72 -24.85 20.22
N ASP D 454 40.30 -25.71 19.29
CA ASP D 454 40.96 -25.86 18.00
C ASP D 454 40.82 -24.58 17.16
N ILE D 455 39.65 -23.95 17.22
CA ILE D 455 39.40 -22.68 16.52
C ILE D 455 40.32 -21.54 17.01
N ARG D 456 40.41 -21.36 18.33
CA ARG D 456 41.23 -20.27 18.85
CA ARG D 456 41.22 -20.35 19.01
C ARG D 456 42.73 -20.58 18.89
#